data_8G4D
#
_entry.id   8G4D
#
_cell.length_a   1.00
_cell.length_b   1.00
_cell.length_c   1.00
_cell.angle_alpha   90.00
_cell.angle_beta   90.00
_cell.angle_gamma   90.00
#
_symmetry.space_group_name_H-M   'P 1'
#
loop_
_entity.id
_entity.type
_entity.pdbx_description
1 polymer 'Bacitracin export permease protein BceB'
2 polymer 'Bacitracin export ATP-binding protein BceA'
3 polymer 'Sensor protein BceS'
4 non-polymer 'PHOSPHOTHIOPHOSPHORIC ACID-ADENYLATE ESTER'
#
loop_
_entity_poly.entity_id
_entity_poly.type
_entity_poly.pdbx_seq_one_letter_code
_entity_poly.pdbx_strand_id
1 'polypeptide(L)'
;MNINQLILRNLKKNLRNYYLYVFALIFSVALYFAFVTLQYDPAINEVKASIKGAAAIKTASILLVAVVAIFILYANTIFI
KRRSKEIGLFQLIGMTKHKIFRILSAENVMLYFGSLAIGVAAGFSISKLVLMILFKIVDVKADAKLHFSEQALVQTVIVF
CGIYLLIMIMNYTFIKKQSILSLFKVTSSTEDKVKKISFFQMLIGALGIVLILTGYYVSSELFGGKFKTINELFVAMSFI
LGSVIIGTFLFYKGSVTFISNIIRKSKGGYLNISEVLSLSSIMFRMKSNALLLTIITTVSALAIGLLSLAYISYYSSEKT
AEQNVAADFSFMNEKDAKLFENKLRESNISFVKKATPVLQANVDIANIMDGTPKEMQGDPGNMQLAVVSDKDVKGVDVAA
GEAVFSGYTDLLQKIMVFKDSGVIKVKSKHETQPLKYKGLREEFLVSYTFTSGGMPAVIVDDSLFKQLDKDKDPRIQLAQ
STFIGVNVKHDDQMEKANELFQQVNKKNEHLSRLDTSAAQKSLFGMVMFIVGFLGLTFLITSGCILYFKQMGESEDEKPS
YTILRKLGFTQGDLIKGIRIKQMYNFGIPLVVGLFHSYFAVQSGWFLFGSEVWAPMIMVMVLYTALYSIFGFLSVLYYKK
VIKSSL
;
A
2 'polypeptide(L)'
;MSGHHHHHHVILEANKIRKSYGNKLNKQEVLKGIDIHIEKGEFVSIMGASGSGKTTLLNVLSSIDQVSHGTIHINGNDMT
AMKEKQLAEFRKQHLGFIFQDYNLLDTLTVKENILLPLSITKLSKKEANRKFEEVAKELGIYELRDKYPNEISGGQKQRT
SAGRAFIHDPSIIFADEPTGALDSKSASDLLNKLSQLNQKRNATIIMVTHDPVAASYCGRVIFIKDGQMYTQLNKGGQDR
QTFFQDIMKTQGVLGGVQHEH
;
B,C
3 'polypeptide(L)'
;MIKAFLIERRSWIAAFLFQQALMLFIAFVDPSISFGNVLYMVYLCILFFIIFLWFRYRKETAFYKSLKTWENNLDVTAIN
EPETPFEAMVERSIAGQTEHLKQTAARHRLALENEKDELMAWIHEVKTPLTAMHLIIDRMEEKALKSQLSYEWLRIHLLL
DQQLHQKRISFIENDLSVEFIQLQPLIFKEIKDLQSWCIQKGIGFDIQLEAKEVLSDAKWLAFIIRQLLTNAVKYSEASE
IEIKSFQKGEQTQLQVKDCGRGIDPKDVPRIFDKGFTSTTDHHDQASTGMGLYLAKKAAAPLLIHIDVESEFGAGTVFTL
TFPIRNQFEHVISV
;
D,E
#
# COMPACT_ATOMS: atom_id res chain seq x y z
N MET A 1 17.76 -27.43 -8.18
CA MET A 1 19.01 -26.90 -7.65
C MET A 1 19.32 -27.50 -6.27
N ASN A 2 20.13 -26.80 -5.49
CA ASN A 2 20.42 -27.20 -4.12
C ASN A 2 19.52 -26.41 -3.17
N ILE A 3 18.86 -27.13 -2.26
CA ILE A 3 17.93 -26.49 -1.33
C ILE A 3 18.67 -25.54 -0.39
N ASN A 4 19.95 -25.82 -0.10
CA ASN A 4 20.72 -24.94 0.77
C ASN A 4 20.86 -23.55 0.15
N GLN A 5 21.06 -23.49 -1.17
CA GLN A 5 21.12 -22.20 -1.84
C GLN A 5 19.79 -21.47 -1.71
N LEU A 6 18.67 -22.19 -1.83
CA LEU A 6 17.36 -21.58 -1.66
C LEU A 6 17.21 -21.00 -0.25
N ILE A 7 17.64 -21.76 0.77
CA ILE A 7 17.56 -21.26 2.14
C ILE A 7 18.42 -20.01 2.30
N LEU A 8 19.62 -20.03 1.71
CA LEU A 8 20.52 -18.88 1.85
C LEU A 8 19.93 -17.63 1.22
N ARG A 9 19.40 -17.74 0.00
CA ARG A 9 18.79 -16.58 -0.64
C ARG A 9 17.55 -16.11 0.12
N ASN A 10 16.74 -17.05 0.61
CA ASN A 10 15.57 -16.68 1.38
C ASN A 10 15.96 -15.87 2.60
N LEU A 11 16.96 -16.35 3.36
CA LEU A 11 17.41 -15.60 4.52
C LEU A 11 17.98 -14.24 4.12
N LYS A 12 18.79 -14.21 3.05
CA LYS A 12 19.47 -12.99 2.66
C LYS A 12 18.48 -11.89 2.29
N LYS A 13 17.43 -12.23 1.54
CA LYS A 13 16.48 -11.22 1.11
C LYS A 13 15.24 -11.17 1.99
N ASN A 14 15.20 -11.94 3.07
CA ASN A 14 14.14 -11.80 4.06
C ASN A 14 14.59 -11.09 5.32
N LEU A 15 15.89 -11.07 5.63
CA LEU A 15 16.38 -10.43 6.85
C LEU A 15 16.37 -8.91 6.67
N ARG A 16 15.16 -8.37 6.51
CA ARG A 16 14.93 -6.94 6.55
C ARG A 16 13.73 -6.54 7.40
N ASN A 17 12.78 -7.44 7.63
CA ASN A 17 11.64 -7.19 8.51
C ASN A 17 11.84 -7.77 9.90
N TYR A 18 12.85 -8.62 10.09
CA TYR A 18 13.08 -9.29 11.37
C TYR A 18 14.13 -8.55 12.18
N TYR A 19 13.75 -7.37 12.65
CA TYR A 19 14.57 -6.59 13.57
C TYR A 19 14.05 -6.61 14.99
N LEU A 20 12.73 -6.53 15.19
CA LEU A 20 12.19 -6.63 16.54
C LEU A 20 12.46 -8.01 17.13
N TYR A 21 12.41 -9.05 16.30
CA TYR A 21 12.74 -10.39 16.74
C TYR A 21 14.15 -10.44 17.34
N VAL A 22 15.13 -9.94 16.58
CA VAL A 22 16.53 -9.99 17.02
C VAL A 22 16.74 -9.10 18.23
N PHE A 23 16.09 -7.94 18.26
CA PHE A 23 16.24 -7.03 19.39
C PHE A 23 15.69 -7.65 20.68
N ALA A 24 14.52 -8.29 20.60
CA ALA A 24 13.96 -8.95 21.77
C ALA A 24 14.85 -10.08 22.25
N LEU A 25 15.36 -10.89 21.32
CA LEU A 25 16.26 -11.97 21.71
C LEU A 25 17.51 -11.42 22.40
N ILE A 26 18.10 -10.36 21.84
CA ILE A 26 19.31 -9.77 22.40
C ILE A 26 19.03 -9.26 23.81
N PHE A 27 17.91 -8.55 23.98
CA PHE A 27 17.58 -8.00 25.29
C PHE A 27 17.41 -9.09 26.34
N SER A 28 16.68 -10.15 25.99
CA SER A 28 16.48 -11.25 26.92
C SER A 28 17.80 -11.91 27.31
N VAL A 29 18.63 -12.20 26.31
CA VAL A 29 19.91 -12.87 26.60
C VAL A 29 20.79 -11.99 27.48
N ALA A 30 20.84 -10.68 27.17
CA ALA A 30 21.69 -9.78 27.96
C ALA A 30 21.24 -9.75 29.41
N LEU A 31 19.94 -9.60 29.65
CA LEU A 31 19.46 -9.52 31.03
C LEU A 31 19.75 -10.81 31.78
N TYR A 32 19.46 -11.96 31.16
CA TYR A 32 19.67 -13.22 31.86
C TYR A 32 21.14 -13.46 32.16
N PHE A 33 22.02 -13.16 31.20
CA PHE A 33 23.44 -13.36 31.44
C PHE A 33 23.96 -12.44 32.53
N ALA A 34 23.48 -11.19 32.56
CA ALA A 34 23.90 -10.27 33.62
C ALA A 34 23.50 -10.80 34.99
N PHE A 35 22.26 -11.28 35.11
CA PHE A 35 21.82 -11.79 36.40
C PHE A 35 22.62 -13.03 36.83
N VAL A 36 22.86 -13.95 35.89
CA VAL A 36 23.53 -15.19 36.26
C VAL A 36 25.00 -14.93 36.61
N THR A 37 25.68 -14.05 35.85
CA THR A 37 27.06 -13.74 36.19
C THR A 37 27.15 -12.92 37.48
N LEU A 38 26.10 -12.17 37.83
CA LEU A 38 26.05 -11.59 39.17
C LEU A 38 25.99 -12.69 40.22
N GLN A 39 25.22 -13.74 39.95
CA GLN A 39 25.15 -14.87 40.88
C GLN A 39 26.51 -15.55 41.07
N TYR A 40 27.04 -16.14 39.99
CA TYR A 40 28.26 -16.94 40.11
C TYR A 40 29.54 -16.12 40.31
N ASP A 41 29.45 -14.81 40.54
CA ASP A 41 30.66 -14.07 40.85
C ASP A 41 31.07 -14.33 42.30
N PRO A 42 32.37 -14.51 42.57
CA PRO A 42 32.80 -14.85 43.92
C PRO A 42 32.88 -13.67 44.89
N ALA A 43 32.68 -12.44 44.42
CA ALA A 43 32.76 -11.28 45.29
C ALA A 43 31.41 -10.89 45.89
N ILE A 44 30.34 -11.64 45.59
CA ILE A 44 29.04 -11.32 46.15
C ILE A 44 29.02 -11.54 47.66
N ASN A 45 29.75 -12.54 48.15
CA ASN A 45 29.73 -12.91 49.56
C ASN A 45 30.28 -11.83 50.47
N GLU A 46 30.72 -10.69 49.93
CA GLU A 46 31.18 -9.59 50.77
C GLU A 46 30.05 -9.01 51.62
N VAL A 47 28.79 -9.25 51.24
CA VAL A 47 27.69 -8.81 52.06
C VAL A 47 27.64 -9.64 53.35
N LYS A 48 26.90 -9.12 54.33
CA LYS A 48 26.76 -9.78 55.63
C LYS A 48 25.28 -9.77 56.01
N ALA A 49 24.68 -10.96 56.06
CA ALA A 49 23.26 -11.09 56.38
C ALA A 49 23.03 -12.53 56.84
N SER A 50 21.77 -12.83 57.20
CA SER A 50 21.44 -14.18 57.63
C SER A 50 21.39 -15.16 56.46
N ILE A 51 20.87 -14.72 55.32
CA ILE A 51 20.78 -15.58 54.15
C ILE A 51 22.16 -15.73 53.51
N LYS A 52 22.30 -16.77 52.69
CA LYS A 52 23.59 -17.09 52.08
C LYS A 52 24.01 -16.07 51.03
N GLY A 53 23.13 -15.18 50.62
CA GLY A 53 23.47 -14.18 49.60
C GLY A 53 23.27 -14.67 48.18
N ALA A 54 23.85 -15.82 47.84
CA ALA A 54 23.66 -16.43 46.54
C ALA A 54 22.49 -17.42 46.52
N ALA A 55 21.79 -17.58 47.63
CA ALA A 55 20.67 -18.53 47.67
C ALA A 55 19.45 -18.00 46.97
N ALA A 56 19.18 -16.69 47.09
CA ALA A 56 17.97 -16.12 46.50
C ALA A 56 18.04 -16.10 44.98
N ILE A 57 19.24 -16.00 44.41
CA ILE A 57 19.36 -15.82 42.97
C ILE A 57 18.88 -17.05 42.21
N LYS A 58 18.96 -18.23 42.83
CA LYS A 58 18.44 -19.43 42.17
C LYS A 58 16.93 -19.33 41.96
N THR A 59 16.20 -18.95 43.01
CA THR A 59 14.76 -18.73 42.88
C THR A 59 14.45 -17.60 41.93
N ALA A 60 15.25 -16.53 41.95
CA ALA A 60 15.03 -15.43 41.04
C ALA A 60 15.20 -15.87 39.58
N SER A 61 16.20 -16.70 39.31
CA SER A 61 16.40 -17.23 37.96
C SER A 61 15.24 -18.15 37.57
N ILE A 62 14.76 -18.95 38.51
CA ILE A 62 13.61 -19.82 38.24
C ILE A 62 12.40 -18.97 37.84
N LEU A 63 12.21 -17.84 38.51
CA LEU A 63 11.08 -16.97 38.16
C LEU A 63 11.32 -16.23 36.84
N LEU A 64 12.58 -15.88 36.54
CA LEU A 64 12.87 -15.07 35.37
C LEU A 64 12.83 -15.88 34.08
N VAL A 65 13.19 -17.17 34.14
CA VAL A 65 13.25 -17.97 32.93
C VAL A 65 11.87 -18.13 32.30
N ALA A 66 10.83 -18.29 33.13
CA ALA A 66 9.48 -18.39 32.60
C ALA A 66 9.06 -17.11 31.89
N VAL A 67 9.41 -15.96 32.48
CA VAL A 67 9.03 -14.68 31.88
C VAL A 67 9.71 -14.51 30.53
N VAL A 68 11.01 -14.78 30.45
CA VAL A 68 11.70 -14.57 29.18
C VAL A 68 11.23 -15.59 28.14
N ALA A 69 10.92 -16.82 28.57
CA ALA A 69 10.38 -17.81 27.64
C ALA A 69 9.04 -17.36 27.07
N ILE A 70 8.16 -16.82 27.92
CA ILE A 70 6.87 -16.35 27.44
C ILE A 70 7.06 -15.18 26.48
N PHE A 71 8.00 -14.29 26.78
CA PHE A 71 8.25 -13.15 25.90
C PHE A 71 8.71 -13.61 24.52
N ILE A 72 9.64 -14.56 24.48
CA ILE A 72 10.14 -15.06 23.19
C ILE A 72 9.03 -15.80 22.45
N LEU A 73 8.18 -16.54 23.18
CA LEU A 73 7.08 -17.24 22.55
C LEU A 73 6.11 -16.28 21.89
N TYR A 74 5.81 -15.16 22.57
CA TYR A 74 4.92 -14.17 21.98
C TYR A 74 5.61 -13.33 20.91
N ALA A 75 6.94 -13.35 20.86
CA ALA A 75 7.66 -12.65 19.80
C ALA A 75 7.82 -13.50 18.54
N ASN A 76 7.77 -14.83 18.65
CA ASN A 76 7.94 -15.70 17.50
C ASN A 76 6.88 -15.49 16.42
N THR A 77 5.72 -14.92 16.79
CA THR A 77 4.67 -14.68 15.80
C THR A 77 5.14 -13.78 14.69
N ILE A 78 6.02 -12.82 15.00
CA ILE A 78 6.53 -11.90 13.98
C ILE A 78 7.22 -12.67 12.88
N PHE A 79 8.02 -13.68 13.24
CA PHE A 79 8.69 -14.47 12.23
C PHE A 79 7.72 -15.42 11.53
N ILE A 80 6.76 -15.99 12.26
CA ILE A 80 6.03 -17.11 11.70
C ILE A 80 4.78 -16.70 10.90
N LYS A 81 4.16 -15.55 11.20
CA LYS A 81 2.88 -15.22 10.60
C LYS A 81 3.00 -14.97 9.10
N ARG A 82 4.07 -14.29 8.67
CA ARG A 82 4.17 -13.88 7.27
C ARG A 82 4.25 -15.07 6.32
N ARG A 83 4.76 -16.21 6.78
CA ARG A 83 4.93 -17.37 5.92
C ARG A 83 3.63 -18.15 5.83
N SER A 84 2.72 -17.63 5.00
CA SER A 84 1.48 -18.33 4.67
C SER A 84 1.38 -18.64 3.18
N LYS A 85 1.52 -17.64 2.32
CA LYS A 85 1.44 -17.87 0.89
C LYS A 85 2.59 -18.74 0.40
N GLU A 86 3.78 -18.58 1.00
CA GLU A 86 4.91 -19.43 0.63
C GLU A 86 4.63 -20.89 0.96
N ILE A 87 4.06 -21.16 2.13
CA ILE A 87 3.73 -22.54 2.49
C ILE A 87 2.65 -23.09 1.57
N GLY A 88 1.63 -22.29 1.28
CA GLY A 88 0.60 -22.74 0.35
C GLY A 88 1.16 -23.08 -1.01
N LEU A 89 2.04 -22.23 -1.53
CA LEU A 89 2.64 -22.48 -2.83
C LEU A 89 3.52 -23.73 -2.80
N PHE A 90 4.29 -23.91 -1.72
CA PHE A 90 5.15 -25.08 -1.63
C PHE A 90 4.32 -26.36 -1.58
N GLN A 91 3.19 -26.33 -0.89
CA GLN A 91 2.29 -27.47 -0.91
C GLN A 91 1.70 -27.69 -2.30
N LEU A 92 1.40 -26.60 -3.01
CA LEU A 92 0.86 -26.72 -4.37
C LEU A 92 1.87 -27.39 -5.30
N ILE A 93 3.15 -27.00 -5.20
CA ILE A 93 4.17 -27.59 -6.06
C ILE A 93 4.37 -29.06 -5.72
N GLY A 94 4.26 -29.42 -4.45
CA GLY A 94 4.34 -30.82 -4.08
C GLY A 94 5.09 -31.13 -2.79
N MET A 95 6.04 -30.29 -2.41
CA MET A 95 6.83 -30.58 -1.22
C MET A 95 5.95 -30.71 0.01
N THR A 96 6.23 -31.75 0.80
CA THR A 96 5.37 -32.11 1.91
C THR A 96 5.59 -31.18 3.10
N LYS A 97 4.90 -31.49 4.21
CA LYS A 97 4.98 -30.65 5.40
C LYS A 97 6.37 -30.69 6.02
N HIS A 98 7.01 -31.86 6.06
CA HIS A 98 8.30 -31.98 6.75
C HIS A 98 9.39 -31.18 6.05
N LYS A 99 9.40 -31.18 4.71
CA LYS A 99 10.41 -30.40 4.01
C LYS A 99 10.22 -28.91 4.25
N ILE A 100 8.97 -28.45 4.25
CA ILE A 100 8.70 -27.03 4.54
C ILE A 100 9.15 -26.69 5.96
N PHE A 101 8.86 -27.58 6.91
CA PHE A 101 9.26 -27.35 8.29
C PHE A 101 10.78 -27.26 8.42
N ARG A 102 11.49 -28.16 7.74
CA ARG A 102 12.95 -28.13 7.79
C ARG A 102 13.50 -26.87 7.15
N ILE A 103 12.93 -26.46 6.02
CA ILE A 103 13.38 -25.26 5.33
C ILE A 103 13.21 -24.03 6.23
N LEU A 104 12.06 -23.91 6.90
CA LEU A 104 11.85 -22.79 7.79
C LEU A 104 12.73 -22.87 9.02
N SER A 105 12.93 -24.08 9.55
CA SER A 105 13.72 -24.26 10.75
C SER A 105 15.18 -23.94 10.53
N ALA A 106 15.69 -24.13 9.31
CA ALA A 106 17.07 -23.74 9.03
C ALA A 106 17.29 -22.25 9.27
N GLU A 107 16.44 -21.41 8.67
CA GLU A 107 16.55 -19.97 8.86
C GLU A 107 16.29 -19.60 10.31
N ASN A 108 15.34 -20.27 10.96
CA ASN A 108 15.06 -19.99 12.36
C ASN A 108 16.29 -20.25 13.22
N VAL A 109 16.96 -21.38 13.00
CA VAL A 109 18.17 -21.71 13.75
C VAL A 109 19.26 -20.68 13.50
N MET A 110 19.45 -20.30 12.22
CA MET A 110 20.49 -19.32 11.90
C MET A 110 20.26 -18.01 12.65
N LEU A 111 19.06 -17.45 12.54
CA LEU A 111 18.77 -16.19 13.22
C LEU A 111 18.89 -16.33 14.73
N TYR A 112 18.35 -17.42 15.29
CA TYR A 112 18.36 -17.61 16.74
C TYR A 112 19.77 -17.67 17.28
N PHE A 113 20.62 -18.47 16.65
CA PHE A 113 21.97 -18.65 17.18
C PHE A 113 22.84 -17.42 16.92
N GLY A 114 22.61 -16.72 15.82
CA GLY A 114 23.30 -15.44 15.64
C GLY A 114 22.97 -14.46 16.74
N SER A 115 21.67 -14.32 17.06
CA SER A 115 21.28 -13.40 18.11
C SER A 115 21.79 -13.86 19.47
N LEU A 116 21.81 -15.17 19.71
CA LEU A 116 22.33 -15.67 20.98
C LEU A 116 23.83 -15.38 21.11
N ALA A 117 24.59 -15.54 20.02
CA ALA A 117 26.00 -15.22 20.06
C ALA A 117 26.21 -13.73 20.32
N ILE A 118 25.41 -12.87 19.69
CA ILE A 118 25.56 -11.43 19.92
C ILE A 118 25.19 -11.06 21.35
N GLY A 119 24.20 -11.75 21.93
CA GLY A 119 23.70 -11.36 23.24
C GLY A 119 24.70 -11.56 24.36
N VAL A 120 25.53 -12.61 24.29
CA VAL A 120 26.47 -12.90 25.36
C VAL A 120 27.47 -11.76 25.50
N ALA A 121 28.00 -11.26 24.39
CA ALA A 121 28.99 -10.19 24.45
C ALA A 121 28.40 -8.92 25.04
N ALA A 122 27.15 -8.62 24.71
CA ALA A 122 26.52 -7.40 25.22
C ALA A 122 26.30 -7.48 26.73
N GLY A 123 25.92 -8.66 27.23
CA GLY A 123 25.69 -8.79 28.67
C GLY A 123 26.95 -8.61 29.49
N PHE A 124 28.07 -9.15 29.01
CA PHE A 124 29.33 -9.00 29.73
C PHE A 124 29.76 -7.54 29.79
N SER A 125 29.42 -6.74 28.78
CA SER A 125 29.77 -5.33 28.79
C SER A 125 29.07 -4.60 29.93
N ILE A 126 27.80 -4.93 30.18
CA ILE A 126 27.04 -4.27 31.24
C ILE A 126 27.11 -5.01 32.56
N SER A 127 27.79 -6.15 32.63
CA SER A 127 27.82 -6.90 33.88
C SER A 127 28.85 -6.35 34.85
N LYS A 128 28.87 -5.02 35.00
CA LYS A 128 29.56 -4.37 36.12
C LYS A 128 28.73 -3.27 36.76
N LEU A 129 27.84 -2.60 36.02
CA LEU A 129 26.98 -1.60 36.63
C LEU A 129 25.95 -2.25 37.56
N VAL A 130 25.48 -3.44 37.23
CA VAL A 130 24.56 -4.16 38.11
C VAL A 130 25.25 -4.46 39.44
N LEU A 131 26.50 -4.94 39.38
CA LEU A 131 27.24 -5.23 40.61
C LEU A 131 27.50 -3.95 41.40
N MET A 132 27.81 -2.85 40.70
CA MET A 132 28.01 -1.58 41.38
C MET A 132 26.74 -1.13 42.10
N ILE A 133 25.58 -1.28 41.45
CA ILE A 133 24.32 -0.90 42.08
C ILE A 133 24.04 -1.79 43.29
N LEU A 134 24.29 -3.09 43.15
CA LEU A 134 24.08 -4.00 44.28
C LEU A 134 24.94 -3.60 45.47
N PHE A 135 26.22 -3.28 45.22
CA PHE A 135 27.09 -2.84 46.30
C PHE A 135 26.64 -1.50 46.87
N LYS A 136 26.06 -0.63 46.05
CA LYS A 136 25.58 0.65 46.53
C LYS A 136 24.38 0.48 47.46
N ILE A 137 23.48 -0.45 47.14
CA ILE A 137 22.25 -0.61 47.92
C ILE A 137 22.58 -1.13 49.32
N VAL A 138 23.39 -2.19 49.41
CA VAL A 138 23.72 -2.77 50.71
C VAL A 138 24.85 -2.04 51.42
N ASP A 139 25.50 -1.09 50.75
CA ASP A 139 26.56 -0.27 51.33
C ASP A 139 27.71 -1.13 51.87
N VAL A 140 28.35 -1.86 50.95
CA VAL A 140 29.62 -2.53 51.21
C VAL A 140 30.54 -2.19 50.04
N LYS A 141 31.59 -1.42 50.31
CA LYS A 141 32.44 -0.87 49.26
C LYS A 141 33.85 -1.44 49.42
N ALA A 142 34.20 -2.40 48.56
CA ALA A 142 35.57 -2.90 48.47
C ALA A 142 36.18 -2.60 47.11
N ASP A 143 35.52 -3.03 46.03
CA ASP A 143 35.99 -2.79 44.67
C ASP A 143 34.88 -3.24 43.72
N ALA A 144 35.19 -3.20 42.42
CA ALA A 144 34.30 -3.70 41.38
C ALA A 144 35.16 -4.18 40.23
N LYS A 145 35.09 -5.47 39.92
CA LYS A 145 35.94 -6.08 38.91
C LYS A 145 35.08 -6.85 37.91
N LEU A 146 35.61 -6.98 36.69
CA LEU A 146 34.91 -7.65 35.61
C LEU A 146 35.46 -9.06 35.43
N HIS A 147 34.57 -10.05 35.50
CA HIS A 147 34.96 -11.45 35.32
C HIS A 147 33.96 -12.12 34.39
N PHE A 148 34.37 -13.25 33.83
CA PHE A 148 33.59 -13.89 32.77
C PHE A 148 32.63 -14.94 33.30
N SER A 149 33.08 -15.78 34.24
CA SER A 149 32.24 -16.77 34.92
C SER A 149 31.60 -17.75 33.91
N GLU A 150 32.46 -18.56 33.30
CA GLU A 150 32.06 -19.49 32.25
C GLU A 150 30.79 -20.27 32.60
N GLN A 151 30.60 -20.60 33.88
CA GLN A 151 29.41 -21.35 34.28
C GLN A 151 28.13 -20.58 33.91
N ALA A 152 28.17 -19.25 34.00
CA ALA A 152 27.03 -18.45 33.57
C ALA A 152 26.74 -18.65 32.09
N LEU A 153 27.79 -18.68 31.26
CA LEU A 153 27.60 -18.93 29.85
C LEU A 153 27.00 -20.30 29.60
N VAL A 154 27.48 -21.31 30.33
CA VAL A 154 26.94 -22.66 30.17
C VAL A 154 25.46 -22.69 30.51
N GLN A 155 25.09 -22.07 31.63
CA GLN A 155 23.68 -22.05 32.05
C GLN A 155 22.81 -21.33 31.03
N THR A 156 23.27 -20.17 30.54
CA THR A 156 22.50 -19.42 29.55
C THR A 156 22.31 -20.23 28.27
N VAL A 157 23.38 -20.88 27.81
CA VAL A 157 23.29 -21.68 26.59
C VAL A 157 22.28 -22.81 26.76
N ILE A 158 22.34 -23.51 27.89
CA ILE A 158 21.42 -24.62 28.12
C ILE A 158 19.98 -24.13 28.15
N VAL A 159 19.73 -23.04 28.90
CA VAL A 159 18.37 -22.54 29.06
C VAL A 159 17.80 -22.13 27.71
N PHE A 160 18.58 -21.38 26.92
CA PHE A 160 18.02 -20.88 25.68
C PHE A 160 17.93 -21.95 24.61
N CYS A 161 18.80 -22.96 24.65
CA CYS A 161 18.61 -24.11 23.77
C CYS A 161 17.30 -24.83 24.09
N GLY A 162 16.99 -25.00 25.38
CA GLY A 162 15.71 -25.57 25.74
C GLY A 162 14.54 -24.73 25.27
N ILE A 163 14.66 -23.40 25.38
CA ILE A 163 13.57 -22.53 24.93
C ILE A 163 13.34 -22.68 23.43
N TYR A 164 14.42 -22.75 22.65
CA TYR A 164 14.23 -22.94 21.20
C TYR A 164 13.64 -24.30 20.89
N LEU A 165 14.05 -25.34 21.63
CA LEU A 165 13.43 -26.65 21.47
C LEU A 165 11.93 -26.56 21.72
N LEU A 166 11.52 -25.69 22.64
CA LEU A 166 10.09 -25.49 22.87
C LEU A 166 9.45 -24.73 21.72
N ILE A 167 10.15 -23.75 21.15
CA ILE A 167 9.60 -22.94 20.06
C ILE A 167 9.34 -23.80 18.83
N MET A 168 10.19 -24.80 18.60
CA MET A 168 10.03 -25.67 17.44
C MET A 168 8.64 -26.30 17.39
N ILE A 169 8.06 -26.63 18.54
CA ILE A 169 6.74 -27.24 18.58
C ILE A 169 5.68 -26.28 18.04
N MET A 170 5.75 -25.01 18.46
CA MET A 170 4.79 -24.02 17.95
C MET A 170 4.96 -23.84 16.44
N ASN A 171 6.20 -23.81 15.97
CA ASN A 171 6.42 -23.70 14.52
C ASN A 171 5.79 -24.88 13.79
N TYR A 172 6.00 -26.09 14.30
CA TYR A 172 5.44 -27.27 13.67
C TYR A 172 3.91 -27.25 13.67
N THR A 173 3.31 -26.81 14.77
CA THR A 173 1.85 -26.75 14.84
C THR A 173 1.29 -25.77 13.82
N PHE A 174 1.90 -24.59 13.72
CA PHE A 174 1.41 -23.61 12.76
C PHE A 174 1.56 -24.11 11.33
N ILE A 175 2.67 -24.79 11.03
CA ILE A 175 2.83 -25.37 9.70
C ILE A 175 1.79 -26.46 9.47
N LYS A 176 1.45 -27.21 10.52
CA LYS A 176 0.46 -28.28 10.39
C LYS A 176 -0.90 -27.73 10.01
N LYS A 177 -1.36 -26.69 10.70
CA LYS A 177 -2.73 -26.24 10.46
C LYS A 177 -2.84 -25.26 9.29
N GLN A 178 -2.26 -25.64 8.15
CA GLN A 178 -2.31 -24.83 6.94
C GLN A 178 -2.66 -25.71 5.74
N SER A 179 -3.34 -25.10 4.77
CA SER A 179 -3.77 -25.83 3.58
C SER A 179 -3.40 -25.06 2.32
N ILE A 180 -3.93 -25.51 1.17
CA ILE A 180 -3.63 -24.85 -0.11
C ILE A 180 -4.08 -23.40 -0.07
N LEU A 181 -5.20 -23.13 0.60
CA LEU A 181 -5.69 -21.77 0.84
C LEU A 181 -5.98 -21.13 -0.52
N SER A 182 -5.78 -19.81 -0.67
CA SER A 182 -6.03 -19.09 -1.92
C SER A 182 -4.81 -18.26 -2.29
N LEU A 183 -3.65 -18.91 -2.32
CA LEU A 183 -2.39 -18.28 -2.68
C LEU A 183 -2.48 -17.43 -3.94
N LYS A 195 -21.57 -11.10 15.64
CA LYS A 195 -22.57 -11.78 16.47
C LYS A 195 -23.17 -10.81 17.47
N LYS A 196 -24.49 -10.89 17.66
CA LYS A 196 -25.18 -10.00 18.57
C LYS A 196 -24.97 -10.46 20.01
N ILE A 197 -25.62 -9.77 20.95
CA ILE A 197 -25.40 -9.96 22.38
C ILE A 197 -26.64 -10.60 22.98
N SER A 198 -26.44 -11.68 23.72
CA SER A 198 -27.51 -12.34 24.44
C SER A 198 -27.72 -11.65 25.79
N PHE A 199 -28.71 -12.10 26.55
CA PHE A 199 -28.98 -11.52 27.85
C PHE A 199 -27.97 -11.95 28.91
N PHE A 200 -27.30 -13.09 28.70
CA PHE A 200 -26.33 -13.58 29.67
C PHE A 200 -25.16 -12.63 29.84
N GLN A 201 -24.74 -11.97 28.77
CA GLN A 201 -23.62 -11.03 28.84
C GLN A 201 -23.94 -9.88 29.79
N MET A 202 -25.19 -9.45 29.83
CA MET A 202 -25.60 -8.40 30.76
C MET A 202 -25.32 -8.84 32.19
N LEU A 203 -25.75 -10.06 32.54
CA LEU A 203 -25.52 -10.58 33.88
C LEU A 203 -24.03 -10.70 34.17
N ILE A 204 -23.25 -11.20 33.20
CA ILE A 204 -21.82 -11.39 33.45
C ILE A 204 -21.14 -10.06 33.72
N GLY A 205 -21.44 -9.04 32.91
CA GLY A 205 -20.82 -7.74 33.11
C GLY A 205 -21.21 -7.12 34.44
N ALA A 206 -22.51 -7.15 34.76
CA ALA A 206 -22.96 -6.59 36.04
C ALA A 206 -22.33 -7.32 37.21
N LEU A 207 -22.24 -8.64 37.11
CA LEU A 207 -21.64 -9.46 38.17
C LEU A 207 -20.18 -9.08 38.38
N GLY A 208 -19.42 -8.98 37.29
CA GLY A 208 -18.02 -8.60 37.43
C GLY A 208 -17.84 -7.24 38.06
N ILE A 209 -18.63 -6.26 37.60
CA ILE A 209 -18.52 -4.92 38.16
C ILE A 209 -18.86 -4.91 39.65
N VAL A 210 -19.93 -5.60 40.03
CA VAL A 210 -20.36 -5.54 41.42
C VAL A 210 -19.38 -6.27 42.34
N LEU A 211 -18.81 -7.39 41.89
CA LEU A 211 -17.78 -8.03 42.70
C LEU A 211 -16.53 -7.17 42.83
N ILE A 212 -16.10 -6.50 41.77
CA ILE A 212 -14.94 -5.62 41.92
C ILE A 212 -15.24 -4.52 42.94
N LEU A 213 -16.43 -3.91 42.83
CA LEU A 213 -16.79 -2.82 43.75
C LEU A 213 -16.87 -3.31 45.19
N THR A 214 -17.49 -4.47 45.42
CA THR A 214 -17.63 -4.95 46.78
C THR A 214 -16.30 -5.42 47.35
N GLY A 215 -15.41 -5.95 46.51
CA GLY A 215 -14.07 -6.29 46.99
C GLY A 215 -13.32 -5.07 47.46
N TYR A 216 -13.35 -4.00 46.65
CA TYR A 216 -12.71 -2.76 47.08
C TYR A 216 -13.35 -2.23 48.37
N TYR A 217 -14.68 -2.29 48.46
CA TYR A 217 -15.36 -1.77 49.65
C TYR A 217 -14.97 -2.54 50.90
N VAL A 218 -15.01 -3.88 50.85
CA VAL A 218 -14.68 -4.67 52.03
C VAL A 218 -13.19 -4.53 52.35
N SER A 219 -12.35 -4.30 51.34
CA SER A 219 -10.94 -4.01 51.64
C SER A 219 -10.81 -2.68 52.38
N SER A 220 -11.66 -1.70 52.05
CA SER A 220 -11.61 -0.42 52.74
C SER A 220 -11.94 -0.57 54.23
N GLU A 221 -12.93 -1.40 54.56
CA GLU A 221 -13.31 -1.57 55.95
C GLU A 221 -12.23 -2.28 56.75
N LEU A 222 -11.45 -3.14 56.10
CA LEU A 222 -10.48 -3.96 56.82
C LEU A 222 -9.43 -3.11 57.52
N PHE A 223 -8.71 -2.29 56.76
CA PHE A 223 -7.70 -1.45 57.38
C PHE A 223 -8.27 -0.16 57.95
N GLY A 224 -9.58 0.07 57.80
CA GLY A 224 -10.20 1.22 58.42
C GLY A 224 -10.29 1.15 59.93
N GLY A 225 -10.24 -0.05 60.50
CA GLY A 225 -10.30 -0.21 61.94
C GLY A 225 -11.12 -1.39 62.40
N LYS A 226 -11.89 -1.99 61.50
CA LYS A 226 -12.74 -3.13 61.85
C LYS A 226 -11.93 -4.41 61.78
N PHE A 227 -12.60 -5.56 61.96
CA PHE A 227 -11.95 -6.87 61.94
C PHE A 227 -10.82 -6.95 62.95
N LYS A 228 -11.03 -6.35 64.13
CA LYS A 228 -10.00 -6.29 65.17
C LYS A 228 -10.04 -7.56 66.01
N THR A 229 -9.74 -8.68 65.34
CA THR A 229 -9.59 -9.98 65.98
C THR A 229 -8.90 -10.91 65.00
N ILE A 230 -8.12 -11.85 65.53
CA ILE A 230 -7.26 -12.67 64.68
C ILE A 230 -8.09 -13.55 63.74
N ASN A 231 -9.21 -14.09 64.22
CA ASN A 231 -10.01 -14.98 63.38
C ASN A 231 -10.87 -14.24 62.37
N GLU A 232 -10.97 -12.92 62.47
CA GLU A 232 -11.74 -12.11 61.53
C GLU A 232 -10.87 -11.50 60.44
N LEU A 233 -9.67 -12.03 60.22
CA LEU A 233 -8.73 -11.48 59.25
C LEU A 233 -8.46 -12.41 58.09
N PHE A 234 -8.21 -13.69 58.36
CA PHE A 234 -7.90 -14.64 57.29
C PHE A 234 -9.07 -14.80 56.33
N VAL A 235 -10.29 -14.87 56.87
CA VAL A 235 -11.48 -14.99 56.03
C VAL A 235 -11.59 -13.79 55.11
N ALA A 236 -11.40 -12.59 55.66
CA ALA A 236 -11.47 -11.38 54.84
C ALA A 236 -10.39 -11.37 53.77
N MET A 237 -9.16 -11.78 54.13
CA MET A 237 -8.08 -11.83 53.15
C MET A 237 -8.42 -12.76 51.99
N SER A 238 -8.83 -13.99 52.29
CA SER A 238 -9.12 -14.95 51.23
C SER A 238 -10.30 -14.49 50.38
N PHE A 239 -11.35 -13.98 51.02
CA PHE A 239 -12.52 -13.51 50.27
C PHE A 239 -12.14 -12.34 49.36
N ILE A 240 -11.34 -11.40 49.88
CA ILE A 240 -10.94 -10.25 49.07
C ILE A 240 -10.12 -10.69 47.87
N LEU A 241 -9.16 -11.59 48.10
CA LEU A 241 -8.31 -12.04 47.01
C LEU A 241 -9.14 -12.73 45.92
N GLY A 242 -9.97 -13.70 46.31
CA GLY A 242 -10.77 -14.40 45.33
C GLY A 242 -11.75 -13.49 44.60
N SER A 243 -12.41 -12.60 45.35
CA SER A 243 -13.37 -11.70 44.73
C SER A 243 -12.69 -10.77 43.74
N VAL A 244 -11.53 -10.23 44.09
CA VAL A 244 -10.84 -9.31 43.19
C VAL A 244 -10.42 -10.04 41.91
N ILE A 245 -9.84 -11.25 42.06
CA ILE A 245 -9.38 -11.97 40.88
C ILE A 245 -10.55 -12.30 39.96
N ILE A 246 -11.63 -12.87 40.51
CA ILE A 246 -12.75 -13.26 39.67
C ILE A 246 -13.45 -12.03 39.10
N GLY A 247 -13.49 -10.93 39.86
CA GLY A 247 -14.12 -9.71 39.36
C GLY A 247 -13.38 -9.11 38.19
N THR A 248 -12.04 -9.06 38.27
CA THR A 248 -11.31 -8.53 37.13
C THR A 248 -11.38 -9.46 35.92
N PHE A 249 -11.40 -10.78 36.15
CA PHE A 249 -11.56 -11.69 35.02
C PHE A 249 -12.92 -11.48 34.34
N LEU A 250 -13.99 -11.32 35.13
CA LEU A 250 -15.29 -11.06 34.54
C LEU A 250 -15.34 -9.68 33.89
N PHE A 251 -14.60 -8.71 34.42
CA PHE A 251 -14.51 -7.41 33.79
C PHE A 251 -13.92 -7.50 32.39
N TYR A 252 -12.88 -8.32 32.23
CA TYR A 252 -12.22 -8.38 30.93
C TYR A 252 -12.89 -9.34 29.95
N LYS A 253 -13.96 -10.02 30.34
CA LYS A 253 -14.66 -10.95 29.45
C LYS A 253 -16.17 -10.76 29.54
N GLY A 254 -16.62 -9.52 29.39
CA GLY A 254 -18.05 -9.28 29.31
C GLY A 254 -18.56 -8.01 29.96
N SER A 255 -17.71 -7.31 30.71
CA SER A 255 -18.09 -6.04 31.30
C SER A 255 -17.66 -4.84 30.48
N VAL A 256 -16.84 -5.05 29.46
CA VAL A 256 -16.52 -3.98 28.52
C VAL A 256 -17.49 -3.98 27.34
N THR A 257 -17.92 -5.15 26.90
CA THR A 257 -18.96 -5.24 25.88
C THR A 257 -20.27 -4.66 26.39
N PHE A 258 -20.63 -4.98 27.64
CA PHE A 258 -21.86 -4.44 28.22
C PHE A 258 -21.78 -2.92 28.36
N ILE A 259 -20.64 -2.39 28.81
CA ILE A 259 -20.52 -0.95 29.00
C ILE A 259 -20.32 -0.21 27.69
N SER A 260 -19.96 -0.90 26.61
CA SER A 260 -19.84 -0.27 25.30
C SER A 260 -21.14 -0.32 24.52
N ASN A 261 -21.97 -1.35 24.73
CA ASN A 261 -23.22 -1.47 24.01
C ASN A 261 -24.16 -0.32 24.33
N ILE A 262 -24.13 0.19 25.57
CA ILE A 262 -25.01 1.29 25.93
C ILE A 262 -24.74 2.51 25.06
N ILE A 263 -23.46 2.88 24.92
CA ILE A 263 -23.11 4.03 24.08
C ILE A 263 -23.35 3.69 22.61
N ARG A 264 -23.08 2.45 22.21
CA ARG A 264 -23.25 2.08 20.81
C ARG A 264 -24.71 2.19 20.37
N LYS A 265 -25.64 1.76 21.23
CA LYS A 265 -27.06 1.87 20.93
C LYS A 265 -27.63 3.24 21.27
N SER A 266 -26.92 4.05 22.04
CA SER A 266 -27.41 5.38 22.37
C SER A 266 -27.60 6.23 21.13
N LYS A 267 -26.65 6.17 20.20
CA LYS A 267 -26.80 6.80 18.90
C LYS A 267 -27.56 5.86 17.97
N GLY A 268 -28.58 6.38 17.31
CA GLY A 268 -29.50 5.55 16.56
C GLY A 268 -28.93 4.99 15.27
N GLY A 269 -27.90 4.14 15.38
CA GLY A 269 -27.32 3.49 14.23
C GLY A 269 -26.77 4.44 13.19
N TYR A 270 -25.99 5.43 13.64
CA TYR A 270 -25.51 6.50 12.77
C TYR A 270 -24.13 6.90 13.26
N LEU A 271 -23.09 6.42 12.59
CA LEU A 271 -21.71 6.60 13.01
C LEU A 271 -20.88 7.17 11.87
N ASN A 272 -19.75 7.77 12.23
CA ASN A 272 -18.73 8.14 11.27
C ASN A 272 -17.46 7.31 11.54
N ILE A 273 -16.37 7.65 10.87
CA ILE A 273 -15.21 6.77 10.80
C ILE A 273 -14.57 6.59 12.18
N SER A 274 -14.47 7.66 12.96
CA SER A 274 -13.80 7.56 14.25
C SER A 274 -14.53 6.61 15.19
N GLU A 275 -15.84 6.82 15.37
CA GLU A 275 -16.60 5.94 16.25
C GLU A 275 -16.63 4.51 15.74
N VAL A 276 -16.79 4.30 14.43
CA VAL A 276 -16.84 2.92 13.95
C VAL A 276 -15.54 2.20 14.26
N LEU A 277 -14.40 2.80 13.89
CA LEU A 277 -13.12 2.16 14.18
C LEU A 277 -12.97 1.88 15.67
N SER A 278 -13.01 2.94 16.48
CA SER A 278 -12.74 2.79 17.91
C SER A 278 -13.70 1.82 18.58
N LEU A 279 -15.00 2.09 18.48
CA LEU A 279 -15.99 1.31 19.21
C LEU A 279 -16.01 -0.14 18.73
N SER A 280 -16.04 -0.37 17.41
CA SER A 280 -16.10 -1.74 16.93
C SER A 280 -14.86 -2.53 17.33
N SER A 281 -13.68 -1.92 17.15
CA SER A 281 -12.44 -2.62 17.52
C SER A 281 -12.45 -2.98 18.99
N ILE A 282 -12.72 -2.01 19.87
CA ILE A 282 -12.68 -2.28 21.30
C ILE A 282 -13.71 -3.35 21.66
N MET A 283 -14.95 -3.17 21.21
CA MET A 283 -16.05 -4.03 21.63
C MET A 283 -15.85 -5.46 21.18
N PHE A 284 -15.36 -5.67 19.95
CA PHE A 284 -15.23 -7.03 19.43
C PHE A 284 -13.84 -7.62 19.59
N ARG A 285 -12.87 -6.87 20.12
CA ARG A 285 -11.53 -7.41 20.30
C ARG A 285 -11.11 -7.52 21.76
N MET A 286 -11.63 -6.69 22.66
CA MET A 286 -11.24 -6.77 24.06
C MET A 286 -11.65 -8.12 24.65
N LYS A 287 -12.85 -8.59 24.30
CA LYS A 287 -13.34 -9.87 24.79
C LYS A 287 -12.54 -11.05 24.25
N SER A 288 -11.86 -10.88 23.11
CA SER A 288 -11.13 -11.98 22.50
C SER A 288 -10.10 -12.57 23.48
N ASN A 289 -9.17 -11.75 23.95
CA ASN A 289 -8.19 -12.17 24.94
C ASN A 289 -8.58 -11.58 26.30
N ALA A 290 -8.80 -12.45 27.26
CA ALA A 290 -9.22 -12.02 28.58
C ALA A 290 -8.33 -12.57 29.70
N LEU A 291 -7.79 -13.77 29.53
CA LEU A 291 -6.92 -14.34 30.56
C LEU A 291 -5.61 -13.59 30.69
N LEU A 292 -5.06 -13.12 29.56
CA LEU A 292 -3.75 -12.47 29.59
C LEU A 292 -3.79 -11.16 30.36
N LEU A 293 -4.81 -10.33 30.09
CA LEU A 293 -4.88 -9.01 30.73
C LEU A 293 -5.03 -9.14 32.25
N THR A 294 -5.82 -10.11 32.69
CA THR A 294 -5.95 -10.36 34.13
C THR A 294 -4.61 -10.67 34.75
N ILE A 295 -3.85 -11.57 34.13
CA ILE A 295 -2.54 -11.93 34.65
C ILE A 295 -1.65 -10.70 34.73
N ILE A 296 -1.61 -9.91 33.65
CA ILE A 296 -0.71 -8.76 33.61
C ILE A 296 -1.06 -7.78 34.73
N THR A 297 -2.34 -7.42 34.84
CA THR A 297 -2.73 -6.41 35.82
C THR A 297 -2.49 -6.90 37.25
N THR A 298 -2.91 -8.14 37.55
CA THR A 298 -2.75 -8.66 38.90
C THR A 298 -1.29 -8.77 39.29
N VAL A 299 -0.45 -9.29 38.40
CA VAL A 299 0.97 -9.46 38.72
C VAL A 299 1.65 -8.12 38.90
N SER A 300 1.29 -7.13 38.06
CA SER A 300 1.89 -5.80 38.20
C SER A 300 1.52 -5.18 39.54
N ALA A 301 0.24 -5.28 39.93
CA ALA A 301 -0.16 -4.72 41.22
C ALA A 301 0.57 -5.42 42.37
N LEU A 302 0.67 -6.74 42.30
CA LEU A 302 1.36 -7.49 43.35
C LEU A 302 2.83 -7.09 43.45
N ALA A 303 3.50 -6.95 42.31
CA ALA A 303 4.90 -6.56 42.32
C ALA A 303 5.11 -5.18 42.92
N ILE A 304 4.25 -4.22 42.55
CA ILE A 304 4.37 -2.88 43.10
C ILE A 304 4.17 -2.90 44.61
N GLY A 305 3.15 -3.62 45.06
CA GLY A 305 2.91 -3.72 46.50
C GLY A 305 4.06 -4.35 47.24
N LEU A 306 4.63 -5.42 46.69
CA LEU A 306 5.76 -6.09 47.33
C LEU A 306 6.97 -5.16 47.42
N LEU A 307 7.23 -4.41 46.34
CA LEU A 307 8.35 -3.47 46.37
C LEU A 307 8.14 -2.39 47.43
N SER A 308 6.91 -1.88 47.53
CA SER A 308 6.64 -0.88 48.55
C SER A 308 6.84 -1.43 49.96
N LEU A 309 6.38 -2.66 50.18
CA LEU A 309 6.59 -3.30 51.48
C LEU A 309 8.07 -3.46 51.79
N ALA A 310 8.86 -3.89 50.81
CA ALA A 310 10.29 -4.06 51.02
C ALA A 310 10.97 -2.72 51.32
N TYR A 311 10.58 -1.66 50.62
CA TYR A 311 11.16 -0.35 50.88
C TYR A 311 10.81 0.15 52.28
N ILE A 312 9.56 -0.04 52.71
CA ILE A 312 9.17 0.37 54.05
C ILE A 312 9.99 -0.39 55.09
N SER A 313 10.12 -1.71 54.92
CA SER A 313 10.86 -2.52 55.88
C SER A 313 12.34 -2.13 55.91
N TYR A 314 12.90 -1.79 54.74
CA TYR A 314 14.30 -1.37 54.69
C TYR A 314 14.50 -0.05 55.41
N TYR A 315 13.66 0.94 55.12
CA TYR A 315 13.83 2.26 55.73
C TYR A 315 13.50 2.26 57.21
N SER A 316 12.69 1.33 57.69
CA SER A 316 12.40 1.22 59.11
C SER A 316 13.38 0.23 59.76
N SER A 317 14.65 0.61 59.74
CA SER A 317 15.73 -0.20 60.28
C SER A 317 16.39 0.42 61.50
N GLU A 318 16.73 1.72 61.42
CA GLU A 318 17.41 2.37 62.54
C GLU A 318 16.54 2.38 63.78
N LYS A 319 15.26 2.73 63.63
CA LYS A 319 14.36 2.79 64.79
C LYS A 319 14.16 1.40 65.40
N THR A 320 14.00 0.37 64.56
CA THR A 320 13.82 -0.98 65.06
C THR A 320 15.07 -1.46 65.80
N ALA A 321 16.25 -1.17 65.24
CA ALA A 321 17.49 -1.54 65.92
C ALA A 321 17.63 -0.83 67.25
N GLU A 322 17.29 0.46 67.30
CA GLU A 322 17.32 1.19 68.56
C GLU A 322 16.34 0.59 69.55
N GLN A 323 15.20 0.11 69.06
CA GLN A 323 14.24 -0.56 69.94
C GLN A 323 14.82 -1.85 70.52
N ASN A 324 15.46 -2.67 69.68
CA ASN A 324 16.04 -3.92 70.19
C ASN A 324 17.21 -3.65 71.12
N VAL A 325 18.05 -2.67 70.78
CA VAL A 325 19.23 -2.34 71.56
C VAL A 325 18.85 -1.23 72.53
N ALA A 326 18.58 -1.59 73.78
CA ALA A 326 18.03 -0.64 74.74
C ALA A 326 18.99 0.53 74.97
N ALA A 327 20.27 0.25 75.16
CA ALA A 327 21.28 1.28 75.32
C ALA A 327 22.04 1.45 74.01
N ASP A 328 23.11 2.25 74.05
CA ASP A 328 24.01 2.32 72.90
C ASP A 328 24.70 0.99 72.69
N PHE A 329 25.14 0.35 73.77
CA PHE A 329 25.79 -0.95 73.72
C PHE A 329 25.20 -1.81 74.82
N SER A 330 25.11 -3.12 74.60
CA SER A 330 24.41 -4.01 75.51
C SER A 330 25.32 -5.13 75.98
N PHE A 331 25.11 -5.58 77.22
CA PHE A 331 25.88 -6.65 77.84
C PHE A 331 24.94 -7.53 78.66
N MET A 332 25.33 -8.80 78.80
CA MET A 332 24.60 -9.75 79.64
C MET A 332 25.45 -10.39 80.73
N ASN A 333 26.64 -10.86 80.39
CA ASN A 333 27.48 -11.58 81.34
C ASN A 333 28.16 -10.59 82.27
N GLU A 334 28.02 -10.81 83.58
CA GLU A 334 28.60 -9.89 84.56
C GLU A 334 30.12 -9.93 84.52
N LYS A 335 30.70 -11.13 84.37
CA LYS A 335 32.15 -11.23 84.24
C LYS A 335 32.64 -10.53 82.98
N ASP A 336 31.93 -10.72 81.87
CA ASP A 336 32.28 -10.03 80.64
C ASP A 336 32.06 -8.53 80.77
N ALA A 337 31.02 -8.10 81.50
CA ALA A 337 30.83 -6.68 81.75
C ALA A 337 31.98 -6.09 82.55
N LYS A 338 32.46 -6.83 83.56
CA LYS A 338 33.58 -6.35 84.36
C LYS A 338 34.85 -6.28 83.52
N LEU A 339 35.04 -7.27 82.64
CA LEU A 339 36.18 -7.24 81.72
C LEU A 339 36.10 -6.04 80.79
N PHE A 340 34.91 -5.75 80.27
CA PHE A 340 34.74 -4.58 79.41
C PHE A 340 34.98 -3.30 80.18
N GLU A 341 34.57 -3.26 81.46
CA GLU A 341 34.87 -2.10 82.31
C GLU A 341 36.37 -1.92 82.46
N ASN A 342 37.11 -3.02 82.61
CA ASN A 342 38.56 -2.93 82.69
C ASN A 342 39.16 -2.42 81.39
N LYS A 343 38.69 -2.93 80.25
CA LYS A 343 39.36 -2.62 78.98
C LYS A 343 38.79 -1.40 78.27
N LEU A 344 37.79 -0.75 78.84
CA LEU A 344 37.36 0.54 78.32
C LEU A 344 38.15 1.71 78.90
N ARG A 345 38.99 1.46 79.91
CA ARG A 345 39.82 2.53 80.46
C ARG A 345 40.79 3.05 79.41
N GLU A 346 41.38 2.15 78.61
CA GLU A 346 42.21 2.58 77.50
C GLU A 346 41.40 3.21 76.38
N SER A 347 40.09 2.89 76.30
CA SER A 347 39.25 3.53 75.31
C SER A 347 39.01 5.00 75.64
N ASN A 348 38.96 5.34 76.93
CA ASN A 348 38.80 6.73 77.39
C ASN A 348 37.54 7.36 76.85
N ILE A 349 36.40 6.70 77.07
CA ILE A 349 35.10 7.17 76.64
C ILE A 349 34.19 7.26 77.86
N SER A 350 33.43 8.35 77.95
CA SER A 350 32.53 8.55 79.08
C SER A 350 31.44 7.50 79.06
N PHE A 351 31.50 6.55 79.98
CA PHE A 351 30.54 5.47 80.08
C PHE A 351 29.55 5.79 81.20
N VAL A 352 28.27 5.57 80.92
CA VAL A 352 27.21 5.88 81.88
C VAL A 352 26.51 4.58 82.23
N LYS A 353 27.29 3.49 82.29
CA LYS A 353 26.75 2.18 82.61
C LYS A 353 26.03 2.21 83.95
N LYS A 354 24.82 1.68 83.98
CA LYS A 354 23.99 1.64 85.18
C LYS A 354 23.54 0.21 85.44
N ALA A 355 23.59 -0.21 86.70
CA ALA A 355 23.03 -1.49 87.12
C ALA A 355 21.56 -1.28 87.50
N THR A 356 20.77 -0.91 86.49
CA THR A 356 19.36 -0.60 86.71
C THR A 356 18.60 -1.85 87.10
N PRO A 357 18.10 -1.96 88.33
CA PRO A 357 17.44 -3.19 88.75
C PRO A 357 16.00 -3.25 88.26
N VAL A 358 15.61 -4.42 87.78
CA VAL A 358 14.26 -4.66 87.29
C VAL A 358 13.75 -5.98 87.87
N LEU A 359 12.50 -5.98 88.31
CA LEU A 359 11.86 -7.17 88.87
C LEU A 359 10.62 -7.52 88.07
N GLN A 360 10.33 -8.81 87.97
CA GLN A 360 9.17 -9.30 87.23
C GLN A 360 7.95 -9.22 88.14
N ALA A 361 7.28 -8.08 88.09
CA ALA A 361 6.10 -7.82 88.89
C ALA A 361 4.85 -7.97 88.02
N ASN A 362 3.85 -8.68 88.55
CA ASN A 362 2.67 -9.04 87.77
C ASN A 362 1.58 -7.99 87.92
N VAL A 363 0.96 -7.64 86.79
CA VAL A 363 -0.21 -6.77 86.74
C VAL A 363 -1.24 -7.42 85.83
N ASP A 364 -2.41 -6.81 85.74
CA ASP A 364 -3.51 -7.31 84.92
C ASP A 364 -3.89 -6.28 83.87
N ILE A 365 -4.04 -6.74 82.63
CA ILE A 365 -4.46 -5.89 81.53
C ILE A 365 -5.68 -6.51 80.87
N ALA A 366 -6.23 -7.56 81.50
CA ALA A 366 -7.41 -8.22 80.95
C ALA A 366 -8.61 -7.28 80.94
N ASN A 367 -8.74 -6.44 81.97
CA ASN A 367 -9.82 -5.46 82.01
C ASN A 367 -9.55 -4.26 81.11
N ILE A 368 -8.41 -4.22 80.43
CA ILE A 368 -8.05 -3.11 79.55
C ILE A 368 -8.30 -3.55 78.12
N MET A 369 -9.19 -4.51 77.92
CA MET A 369 -9.59 -4.95 76.59
C MET A 369 -10.80 -4.15 76.13
N ASP A 370 -10.64 -3.41 75.03
CA ASP A 370 -11.71 -2.62 74.44
C ASP A 370 -12.46 -3.37 73.35
N GLY A 371 -12.12 -4.62 73.09
CA GLY A 371 -12.79 -5.40 72.06
C GLY A 371 -13.78 -6.38 72.62
N THR A 372 -13.39 -7.65 72.71
CA THR A 372 -14.26 -8.70 73.19
C THR A 372 -13.74 -9.28 74.49
N PRO A 373 -14.62 -9.69 75.40
CA PRO A 373 -14.15 -10.28 76.67
C PRO A 373 -13.39 -11.57 76.50
N LYS A 374 -13.56 -12.27 75.38
CA LYS A 374 -12.91 -13.57 75.20
C LYS A 374 -11.40 -13.45 75.06
N GLU A 375 -10.88 -12.26 74.79
CA GLU A 375 -9.42 -12.06 74.72
C GLU A 375 -8.88 -11.95 76.13
N MET A 376 -8.18 -13.00 76.59
CA MET A 376 -7.77 -13.14 77.98
C MET A 376 -6.27 -13.24 78.12
N GLN A 377 -5.57 -13.83 77.16
CA GLN A 377 -4.12 -13.69 76.99
C GLN A 377 -3.33 -14.25 78.18
N GLY A 378 -3.46 -15.56 78.38
CA GLY A 378 -2.58 -16.27 79.29
C GLY A 378 -2.81 -16.03 80.76
N ASP A 379 -1.86 -15.37 81.43
CA ASP A 379 -2.23 -15.21 82.83
C ASP A 379 -2.72 -13.80 83.11
N PRO A 380 -3.92 -13.66 83.68
CA PRO A 380 -4.43 -12.31 83.97
C PRO A 380 -3.58 -11.53 84.95
N GLY A 381 -3.34 -12.07 86.13
CA GLY A 381 -2.66 -11.32 87.17
C GLY A 381 -1.35 -11.89 87.66
N ASN A 382 -0.78 -12.83 86.90
CA ASN A 382 0.51 -13.42 87.22
C ASN A 382 1.45 -13.39 86.02
N MET A 383 1.49 -12.25 85.34
CA MET A 383 2.34 -12.08 84.17
C MET A 383 3.77 -11.74 84.62
N GLN A 384 4.71 -11.80 83.68
CA GLN A 384 6.12 -11.52 83.95
C GLN A 384 6.49 -10.09 83.57
N LEU A 385 5.56 -9.16 83.80
CA LEU A 385 5.79 -7.77 83.45
C LEU A 385 6.90 -7.18 84.31
N ALA A 386 7.59 -6.19 83.75
CA ALA A 386 8.76 -5.58 84.36
C ALA A 386 8.40 -4.21 84.94
N VAL A 387 8.96 -3.90 86.12
CA VAL A 387 8.76 -2.63 86.79
C VAL A 387 10.11 -2.05 87.16
N VAL A 388 10.16 -0.71 87.25
CA VAL A 388 11.39 0.00 87.56
C VAL A 388 11.04 1.18 88.47
N SER A 389 12.03 1.62 89.25
CA SER A 389 11.85 2.73 90.18
C SER A 389 12.01 4.05 89.42
N ASP A 390 11.86 5.17 90.14
CA ASP A 390 11.92 6.50 89.54
C ASP A 390 13.30 7.12 89.57
N LYS A 391 14.29 6.48 90.21
CA LYS A 391 15.62 7.06 90.27
C LYS A 391 16.34 6.96 88.93
N ASP A 392 16.12 5.87 88.19
CA ASP A 392 16.81 5.67 86.93
C ASP A 392 16.29 6.62 85.85
N VAL A 393 14.97 6.74 85.74
CA VAL A 393 14.34 7.57 84.72
C VAL A 393 13.59 8.69 85.43
N LYS A 394 13.89 9.93 85.06
CA LYS A 394 13.29 11.11 85.67
C LYS A 394 12.53 11.97 84.67
N GLY A 395 12.51 11.60 83.39
CA GLY A 395 11.89 12.45 82.39
C GLY A 395 10.39 12.58 82.55
N VAL A 396 9.72 11.47 82.90
CA VAL A 396 8.26 11.43 83.01
C VAL A 396 7.90 11.61 84.48
N ASP A 397 6.93 12.49 84.74
CA ASP A 397 6.43 12.76 86.09
C ASP A 397 5.00 12.25 86.16
N VAL A 398 4.78 11.23 86.99
CA VAL A 398 3.48 10.59 87.13
C VAL A 398 3.09 10.63 88.61
N ALA A 399 1.87 11.09 88.88
CA ALA A 399 1.36 11.16 90.25
C ALA A 399 0.96 9.76 90.72
N ALA A 400 0.54 9.66 91.99
CA ALA A 400 0.14 8.38 92.54
C ALA A 400 -1.16 7.89 91.89
N GLY A 401 -1.25 6.58 91.73
CA GLY A 401 -2.43 5.99 91.12
C GLY A 401 -2.55 6.20 89.63
N GLU A 402 -1.44 6.40 88.92
CA GLU A 402 -1.44 6.58 87.48
C GLU A 402 -0.24 5.86 86.88
N ALA A 403 -0.36 5.55 85.58
CA ALA A 403 0.73 4.87 84.87
C ALA A 403 0.62 5.20 83.39
N VAL A 404 1.72 4.97 82.67
CA VAL A 404 1.81 5.24 81.25
C VAL A 404 2.51 4.07 80.58
N PHE A 405 1.89 3.54 79.53
CA PHE A 405 2.52 2.48 78.74
C PHE A 405 3.59 3.08 77.84
N SER A 406 4.69 2.35 77.68
CA SER A 406 5.83 2.80 76.89
C SER A 406 6.10 1.80 75.78
N GLY A 407 5.73 2.15 74.56
CA GLY A 407 5.93 1.30 73.40
C GLY A 407 4.80 1.49 72.40
N TYR A 408 5.13 1.29 71.13
CA TYR A 408 4.16 1.47 70.05
C TYR A 408 3.89 0.16 69.32
N THR A 409 4.94 -0.54 68.88
CA THR A 409 4.89 -1.95 68.50
C THR A 409 3.83 -2.20 67.41
N ASP A 410 4.12 -1.65 66.23
CA ASP A 410 3.20 -1.78 65.10
C ASP A 410 2.87 -3.23 64.78
N LEU A 411 3.90 -4.09 64.71
CA LEU A 411 3.66 -5.50 64.46
C LEU A 411 2.82 -6.13 65.56
N LEU A 412 2.92 -5.61 66.79
CA LEU A 412 2.06 -6.05 67.88
C LEU A 412 0.77 -5.25 67.93
N GLN A 413 0.81 -3.98 67.52
CA GLN A 413 -0.41 -3.17 67.47
C GLN A 413 -1.42 -3.72 66.47
N LYS A 414 -0.95 -4.44 65.44
CA LYS A 414 -1.85 -5.03 64.46
C LYS A 414 -2.80 -6.05 65.07
N ILE A 415 -2.45 -6.61 66.24
CA ILE A 415 -3.27 -7.62 66.91
C ILE A 415 -3.62 -7.21 68.33
N MET A 416 -2.60 -6.86 69.13
CA MET A 416 -2.77 -6.61 70.56
C MET A 416 -3.04 -5.12 70.75
N VAL A 417 -4.27 -4.78 71.13
CA VAL A 417 -4.71 -3.39 71.25
C VAL A 417 -5.25 -3.17 72.65
N PHE A 418 -4.78 -2.11 73.32
CA PHE A 418 -5.22 -1.78 74.67
C PHE A 418 -6.40 -0.80 74.62
N LYS A 419 -7.21 -0.84 75.67
CA LYS A 419 -8.33 0.07 75.79
C LYS A 419 -7.83 1.50 76.05
N ASP A 420 -8.52 2.47 75.44
CA ASP A 420 -8.13 3.87 75.60
C ASP A 420 -8.30 4.33 77.04
N SER A 421 -9.41 3.97 77.68
CA SER A 421 -9.71 4.38 79.04
C SER A 421 -9.77 3.20 80.00
N GLY A 422 -9.18 2.08 79.60
CA GLY A 422 -9.15 0.90 80.45
C GLY A 422 -8.31 1.09 81.69
N VAL A 423 -8.96 1.14 82.85
CA VAL A 423 -8.23 1.33 84.10
C VAL A 423 -7.32 0.13 84.33
N ILE A 424 -6.08 0.40 84.73
CA ILE A 424 -5.10 -0.65 84.95
C ILE A 424 -5.32 -1.23 86.34
N LYS A 425 -6.14 -2.27 86.42
CA LYS A 425 -6.39 -2.98 87.68
C LYS A 425 -5.25 -3.96 87.91
N VAL A 426 -4.30 -3.59 88.78
CA VAL A 426 -3.14 -4.43 89.04
C VAL A 426 -3.61 -5.60 89.91
N LYS A 427 -3.85 -6.74 89.27
CA LYS A 427 -4.31 -7.93 90.00
C LYS A 427 -3.10 -8.59 90.65
N SER A 428 -2.74 -8.09 91.82
CA SER A 428 -1.67 -8.69 92.61
C SER A 428 -2.24 -9.85 93.42
N LYS A 429 -1.45 -10.38 94.34
CA LYS A 429 -1.94 -11.46 95.19
C LYS A 429 -3.08 -10.97 96.08
N HIS A 430 -2.96 -9.78 96.63
CA HIS A 430 -3.99 -9.23 97.52
C HIS A 430 -4.45 -7.83 97.13
N GLU A 431 -3.56 -6.98 96.64
CA GLU A 431 -3.85 -5.57 96.43
C GLU A 431 -4.19 -5.30 94.97
N THR A 432 -4.67 -4.08 94.72
CA THR A 432 -4.96 -3.60 93.38
C THR A 432 -4.72 -2.10 93.34
N GLN A 433 -3.96 -1.65 92.33
CA GLN A 433 -3.59 -0.24 92.19
C GLN A 433 -4.21 0.31 90.92
N PRO A 434 -5.33 1.04 91.03
CA PRO A 434 -5.90 1.70 89.84
C PRO A 434 -4.93 2.72 89.27
N LEU A 435 -4.86 2.78 87.95
CA LEU A 435 -3.92 3.63 87.25
C LEU A 435 -4.60 4.36 86.10
N LYS A 436 -4.21 5.62 85.90
CA LYS A 436 -4.81 6.48 84.89
C LYS A 436 -3.76 6.87 83.85
N TYR A 437 -4.22 7.13 82.63
CA TYR A 437 -3.34 7.45 81.50
C TYR A 437 -3.31 8.96 81.30
N LYS A 438 -2.18 9.58 81.59
CA LYS A 438 -1.99 11.01 81.35
C LYS A 438 -0.88 11.30 80.35
N GLY A 439 0.33 10.79 80.58
CA GLY A 439 1.47 11.09 79.75
C GLY A 439 1.71 10.05 78.67
N LEU A 440 2.90 10.11 78.08
CA LEU A 440 3.29 9.22 77.01
C LEU A 440 4.81 9.10 76.99
N ARG A 441 5.31 7.89 76.78
CA ARG A 441 6.75 7.63 76.80
C ARG A 441 7.06 6.50 75.82
N GLU A 442 8.33 6.46 75.38
CA GLU A 442 8.79 5.38 74.51
C GLU A 442 10.21 4.92 74.86
N GLU A 443 10.67 5.16 76.09
CA GLU A 443 12.03 4.83 76.50
C GLU A 443 12.03 3.45 77.15
N PHE A 444 12.61 2.48 76.45
CA PHE A 444 12.74 1.13 77.00
C PHE A 444 14.02 1.03 77.83
N LEU A 445 13.92 0.42 79.00
CA LEU A 445 15.08 0.21 79.87
C LEU A 445 15.54 -1.24 79.89
N VAL A 446 14.99 -2.10 79.02
CA VAL A 446 15.35 -3.51 78.97
C VAL A 446 15.58 -3.89 77.51
N SER A 447 16.39 -4.92 77.31
CA SER A 447 16.65 -5.45 75.99
C SER A 447 15.52 -6.39 75.55
N TYR A 448 15.48 -6.67 74.25
CA TYR A 448 14.43 -7.53 73.71
C TYR A 448 14.57 -8.97 74.16
N THR A 449 15.76 -9.40 74.58
CA THR A 449 15.96 -10.78 74.99
C THR A 449 15.18 -11.11 76.26
N PHE A 450 14.88 -10.11 77.08
CA PHE A 450 14.17 -10.33 78.34
C PHE A 450 12.69 -10.05 78.25
N THR A 451 12.24 -9.31 77.23
CA THR A 451 10.83 -9.01 77.05
C THR A 451 10.11 -10.00 76.13
N SER A 452 10.85 -10.94 75.53
CA SER A 452 10.28 -11.96 74.65
C SER A 452 9.48 -11.34 73.51
N GLY A 453 8.15 -11.42 73.58
CA GLY A 453 7.30 -10.86 72.54
C GLY A 453 7.24 -9.35 72.54
N GLY A 454 7.64 -8.71 73.64
CA GLY A 454 7.65 -7.27 73.73
C GLY A 454 6.63 -6.72 74.70
N MET A 455 7.09 -6.38 75.91
CA MET A 455 6.24 -5.83 76.95
C MET A 455 6.52 -4.34 77.09
N PRO A 456 5.49 -3.49 77.06
CA PRO A 456 5.72 -2.05 77.25
C PRO A 456 6.34 -1.76 78.60
N ALA A 457 7.25 -0.78 78.62
CA ALA A 457 7.94 -0.43 79.85
C ALA A 457 6.99 0.24 80.84
N VAL A 458 7.14 -0.14 82.11
CA VAL A 458 6.32 0.39 83.20
C VAL A 458 7.25 1.02 84.21
N ILE A 459 6.96 2.27 84.58
CA ILE A 459 7.76 3.04 85.52
C ILE A 459 6.90 3.38 86.73
N VAL A 460 7.35 2.97 87.91
CA VAL A 460 6.65 3.22 89.16
C VAL A 460 7.64 3.81 90.17
N ASP A 461 7.14 4.06 91.38
CA ASP A 461 7.97 4.64 92.43
C ASP A 461 8.85 3.57 93.07
N ASP A 462 9.84 4.03 93.83
CA ASP A 462 10.77 3.11 94.48
C ASP A 462 10.08 2.27 95.55
N SER A 463 9.13 2.86 96.27
CA SER A 463 8.43 2.12 97.31
C SER A 463 7.62 0.96 96.73
N LEU A 464 6.92 1.21 95.62
CA LEU A 464 6.17 0.14 94.98
C LEU A 464 7.10 -0.95 94.46
N PHE A 465 8.24 -0.55 93.89
CA PHE A 465 9.22 -1.53 93.42
C PHE A 465 9.71 -2.39 94.58
N LYS A 466 9.99 -1.76 95.72
CA LYS A 466 10.44 -2.51 96.90
C LYS A 466 9.35 -3.47 97.38
N GLN A 467 8.10 -3.01 97.41
CA GLN A 467 7.01 -3.89 97.86
C GLN A 467 6.86 -5.09 96.94
N LEU A 468 6.89 -4.86 95.62
CA LEU A 468 6.76 -5.97 94.68
C LEU A 468 7.94 -6.94 94.78
N ASP A 469 9.16 -6.43 94.93
CA ASP A 469 10.30 -7.35 95.01
C ASP A 469 10.31 -8.11 96.32
N LYS A 470 9.87 -7.49 97.42
CA LYS A 470 9.79 -8.21 98.68
C LYS A 470 8.61 -9.18 98.71
N ASP A 471 7.62 -8.99 97.84
CA ASP A 471 6.57 -10.00 97.70
C ASP A 471 7.16 -11.32 97.23
N LYS A 472 8.03 -11.28 96.23
CA LYS A 472 8.75 -12.44 95.71
C LYS A 472 7.79 -13.58 95.34
N ASP A 473 6.96 -13.28 94.33
CA ASP A 473 6.05 -14.27 93.81
C ASP A 473 6.84 -15.41 93.16
N PRO A 474 6.51 -16.68 93.43
CA PRO A 474 7.25 -17.78 92.82
C PRO A 474 7.01 -17.87 91.31
N ARG A 475 7.64 -16.96 90.56
CA ARG A 475 7.49 -16.87 89.13
C ARG A 475 8.87 -16.85 88.49
N ILE A 476 8.95 -17.33 87.25
CA ILE A 476 10.23 -17.36 86.54
C ILE A 476 10.83 -15.97 86.50
N GLN A 477 12.13 -15.88 86.72
CA GLN A 477 12.84 -14.62 86.84
C GLN A 477 14.02 -14.60 85.88
N LEU A 478 14.38 -13.40 85.43
CA LEU A 478 15.51 -13.24 84.53
C LEU A 478 16.80 -13.71 85.20
N ALA A 479 17.75 -14.17 84.39
CA ALA A 479 19.01 -14.67 84.93
C ALA A 479 19.76 -13.58 85.70
N GLN A 480 19.79 -12.38 85.15
CA GLN A 480 20.38 -11.22 85.81
C GLN A 480 19.34 -10.10 85.87
N SER A 481 19.21 -9.49 87.05
CA SER A 481 18.17 -8.48 87.28
C SER A 481 18.62 -7.09 86.85
N THR A 482 19.72 -6.60 87.44
CA THR A 482 20.22 -5.26 87.12
C THR A 482 20.83 -5.31 85.72
N PHE A 483 20.06 -4.88 84.72
CA PHE A 483 20.52 -4.94 83.34
C PHE A 483 21.78 -4.11 83.17
N ILE A 484 22.77 -4.69 82.52
CA ILE A 484 24.08 -4.07 82.35
C ILE A 484 24.13 -3.49 80.94
N GLY A 485 23.70 -2.24 80.81
CA GLY A 485 23.74 -1.54 79.54
C GLY A 485 24.33 -0.16 79.69
N VAL A 486 25.24 0.22 78.80
CA VAL A 486 26.01 1.45 78.93
C VAL A 486 25.69 2.37 77.76
N ASN A 487 25.57 3.66 78.05
CA ASN A 487 25.41 4.68 77.03
C ASN A 487 26.77 5.28 76.68
N VAL A 488 26.78 6.07 75.61
CA VAL A 488 28.01 6.66 75.09
C VAL A 488 27.78 8.17 74.95
N LYS A 489 28.88 8.91 74.92
CA LYS A 489 28.84 10.36 74.79
C LYS A 489 28.49 10.72 73.35
N HIS A 490 28.65 12.00 73.01
CA HIS A 490 28.45 12.47 71.65
C HIS A 490 29.24 11.63 70.66
N ASP A 491 28.71 11.54 69.44
CA ASP A 491 29.24 10.62 68.43
C ASP A 491 30.61 11.12 67.97
N ASP A 492 31.67 10.55 68.54
CA ASP A 492 33.03 10.89 68.20
C ASP A 492 33.89 9.68 67.86
N GLN A 493 33.67 8.55 68.52
CA GLN A 493 34.53 7.37 68.45
C GLN A 493 33.69 6.13 68.20
N MET A 494 32.84 6.19 67.17
CA MET A 494 31.93 5.08 66.89
C MET A 494 32.69 3.86 66.37
N GLU A 495 33.38 4.01 65.24
CA GLU A 495 33.92 2.86 64.52
C GLU A 495 34.92 2.08 65.37
N LYS A 496 35.83 2.79 66.05
CA LYS A 496 36.81 2.11 66.88
C LYS A 496 36.15 1.38 68.03
N ALA A 497 35.11 1.97 68.61
CA ALA A 497 34.33 1.27 69.63
C ALA A 497 33.73 0.00 69.06
N ASN A 498 33.22 0.06 67.82
CA ASN A 498 32.64 -1.14 67.22
C ASN A 498 33.67 -2.24 67.04
N GLU A 499 34.86 -1.92 66.52
CA GLU A 499 35.79 -3.03 66.30
C GLU A 499 36.35 -3.56 67.62
N LEU A 500 36.53 -2.69 68.63
CA LEU A 500 37.00 -3.21 69.92
C LEU A 500 35.94 -4.09 70.56
N PHE A 501 34.66 -3.70 70.47
CA PHE A 501 33.61 -4.54 71.02
C PHE A 501 33.50 -5.85 70.25
N GLN A 502 33.70 -5.80 68.93
CA GLN A 502 33.69 -7.03 68.14
C GLN A 502 34.85 -7.95 68.54
N GLN A 503 36.02 -7.39 68.81
CA GLN A 503 37.17 -8.25 69.13
C GLN A 503 37.13 -8.73 70.56
N VAL A 504 36.34 -8.09 71.43
CA VAL A 504 36.24 -8.59 72.80
C VAL A 504 35.24 -9.74 72.90
N ASN A 505 34.11 -9.64 72.18
CA ASN A 505 33.10 -10.71 72.22
C ASN A 505 33.32 -11.65 71.02
N LYS A 506 34.44 -12.37 71.08
CA LYS A 506 34.78 -13.30 70.01
C LYS A 506 33.72 -14.39 69.85
N LYS A 507 32.96 -14.68 70.92
CA LYS A 507 31.82 -15.57 70.85
C LYS A 507 30.52 -14.83 70.54
N ASN A 508 30.57 -13.49 70.42
CA ASN A 508 29.48 -12.59 70.08
C ASN A 508 28.13 -13.04 70.64
N GLU A 509 28.12 -13.46 71.90
CA GLU A 509 26.90 -13.72 72.64
C GLU A 509 26.26 -12.44 73.15
N HIS A 510 26.90 -11.29 72.94
CA HIS A 510 26.43 -10.01 73.44
C HIS A 510 25.58 -9.34 72.37
N LEU A 511 25.22 -8.08 72.62
CA LEU A 511 24.30 -7.37 71.74
C LEU A 511 24.81 -5.95 71.51
N SER A 512 24.72 -5.51 70.26
CA SER A 512 25.27 -4.21 69.85
C SER A 512 24.27 -3.50 68.95
N ARG A 513 24.39 -2.18 68.89
CA ARG A 513 23.48 -1.38 68.07
C ARG A 513 23.98 -1.24 66.64
N LEU A 514 25.19 -0.72 66.47
CA LEU A 514 25.73 -0.48 65.14
C LEU A 514 26.00 -1.76 64.36
N ASP A 515 26.04 -2.91 65.04
CA ASP A 515 26.20 -4.19 64.35
C ASP A 515 24.85 -4.80 63.97
N THR A 516 23.87 -4.74 64.88
CA THR A 516 22.55 -5.26 64.58
C THR A 516 21.80 -4.39 63.57
N SER A 517 22.17 -3.12 63.47
CA SER A 517 21.50 -2.19 62.56
C SER A 517 22.00 -2.32 61.12
N ALA A 518 22.68 -3.41 60.78
CA ALA A 518 23.16 -3.63 59.42
C ALA A 518 22.61 -4.90 58.78
N ALA A 519 22.32 -5.94 59.58
CA ALA A 519 21.77 -7.16 59.00
C ALA A 519 20.39 -6.91 58.37
N GLN A 520 19.55 -6.14 59.06
CA GLN A 520 18.24 -5.80 58.48
C GLN A 520 18.40 -5.02 57.19
N LYS A 521 19.30 -4.03 57.19
CA LYS A 521 19.51 -3.23 55.99
C LYS A 521 20.00 -4.07 54.83
N SER A 522 20.95 -4.99 55.09
CA SER A 522 21.47 -5.84 54.03
C SER A 522 20.39 -6.77 53.49
N LEU A 523 19.64 -7.42 54.38
CA LEU A 523 18.60 -8.35 53.93
C LEU A 523 17.54 -7.64 53.11
N PHE A 524 17.07 -6.50 53.59
CA PHE A 524 16.03 -5.78 52.85
C PHE A 524 16.57 -5.16 51.59
N GLY A 525 17.86 -4.82 51.55
CA GLY A 525 18.45 -4.38 50.29
C GLY A 525 18.47 -5.48 49.25
N MET A 526 18.83 -6.70 49.65
CA MET A 526 18.79 -7.82 48.71
C MET A 526 17.37 -8.07 48.22
N VAL A 527 16.40 -8.04 49.14
CA VAL A 527 15.00 -8.25 48.74
C VAL A 527 14.55 -7.17 47.77
N MET A 528 14.87 -5.91 48.07
CA MET A 528 14.47 -4.81 47.19
C MET A 528 15.12 -4.94 45.81
N PHE A 529 16.40 -5.32 45.78
CA PHE A 529 17.08 -5.49 44.49
C PHE A 529 16.40 -6.56 43.65
N ILE A 530 16.15 -7.73 44.24
CA ILE A 530 15.51 -8.82 43.49
C ILE A 530 14.14 -8.39 42.98
N VAL A 531 13.34 -7.80 43.87
CA VAL A 531 11.98 -7.44 43.51
C VAL A 531 11.98 -6.39 42.41
N GLY A 532 12.83 -5.36 42.54
CA GLY A 532 12.86 -4.31 41.53
C GLY A 532 13.32 -4.82 40.18
N PHE A 533 14.36 -5.65 40.16
CA PHE A 533 14.84 -6.18 38.89
C PHE A 533 13.77 -7.01 38.19
N LEU A 534 13.17 -7.96 38.92
CA LEU A 534 12.15 -8.80 38.32
C LEU A 534 10.94 -7.98 37.88
N GLY A 535 10.53 -7.00 38.69
CA GLY A 535 9.38 -6.19 38.33
C GLY A 535 9.62 -5.35 37.09
N LEU A 536 10.80 -4.73 36.98
CA LEU A 536 11.10 -3.96 35.78
C LEU A 536 11.11 -4.83 34.55
N THR A 537 11.74 -6.01 34.63
CA THR A 537 11.78 -6.91 33.48
C THR A 537 10.36 -7.31 33.06
N PHE A 538 9.55 -7.73 34.02
CA PHE A 538 8.18 -8.17 33.69
C PHE A 538 7.36 -7.02 33.14
N LEU A 539 7.52 -5.81 33.69
CA LEU A 539 6.73 -4.69 33.23
C LEU A 539 7.07 -4.34 31.79
N ILE A 540 8.35 -4.34 31.44
CA ILE A 540 8.74 -4.07 30.06
C ILE A 540 8.20 -5.15 29.14
N THR A 541 8.29 -6.42 29.55
CA THR A 541 7.80 -7.50 28.69
C THR A 541 6.29 -7.38 28.47
N SER A 542 5.53 -7.10 29.53
CA SER A 542 4.09 -6.99 29.40
C SER A 542 3.71 -5.79 28.54
N GLY A 543 4.48 -4.70 28.64
CA GLY A 543 4.22 -3.57 27.76
C GLY A 543 4.48 -3.90 26.30
N CYS A 544 5.48 -4.73 26.02
CA CYS A 544 5.80 -5.07 24.64
C CYS A 544 4.82 -6.08 24.03
N ILE A 545 4.27 -6.98 24.85
CA ILE A 545 3.35 -7.99 24.32
C ILE A 545 2.12 -7.35 23.71
N LEU A 546 1.59 -6.31 24.35
CA LEU A 546 0.43 -5.60 23.79
C LEU A 546 0.77 -4.94 22.47
N TYR A 547 1.98 -4.38 22.34
CA TYR A 547 2.40 -3.82 21.06
C TYR A 547 2.43 -4.89 19.98
N PHE A 548 2.94 -6.09 20.31
CA PHE A 548 2.93 -7.18 19.33
C PHE A 548 1.51 -7.56 18.93
N LYS A 549 0.61 -7.65 19.91
CA LYS A 549 -0.78 -7.99 19.60
C LYS A 549 -1.41 -6.94 18.69
N GLN A 550 -1.15 -5.66 18.96
CA GLN A 550 -1.70 -4.61 18.11
C GLN A 550 -1.13 -4.66 16.70
N MET A 551 0.16 -5.00 16.56
CA MET A 551 0.71 -5.15 15.22
C MET A 551 0.04 -6.29 14.47
N GLY A 552 -0.21 -7.41 15.14
CA GLY A 552 -0.93 -8.50 14.51
C GLY A 552 -2.33 -8.10 14.08
N GLU A 553 -3.06 -7.42 14.96
CA GLU A 553 -4.42 -6.99 14.62
C GLU A 553 -4.41 -5.97 13.49
N SER A 554 -3.35 -5.16 13.40
CA SER A 554 -3.19 -4.25 12.27
C SER A 554 -3.02 -5.04 10.97
N GLU A 555 -2.18 -6.07 11.01
CA GLU A 555 -1.97 -6.90 9.83
C GLU A 555 -3.24 -7.65 9.44
N ASP A 556 -4.17 -7.84 10.37
CA ASP A 556 -5.39 -8.58 10.10
C ASP A 556 -6.55 -7.71 9.61
N GLU A 557 -6.32 -6.41 9.37
CA GLU A 557 -7.40 -5.49 9.06
C GLU A 557 -7.03 -4.56 7.91
N LYS A 558 -6.38 -5.09 6.88
CA LYS A 558 -5.97 -4.25 5.75
C LYS A 558 -7.06 -4.03 4.70
N PRO A 559 -7.90 -5.03 4.28
CA PRO A 559 -8.91 -4.80 3.24
C PRO A 559 -9.95 -3.73 3.61
N SER A 560 -10.17 -3.46 4.89
CA SER A 560 -11.09 -2.37 5.30
C SER A 560 -10.38 -1.02 5.16
N TYR A 561 -9.09 -1.02 4.79
CA TYR A 561 -8.33 0.22 4.52
C TYR A 561 -8.17 0.30 3.00
N THR A 562 -8.05 -0.84 2.31
CA THR A 562 -8.10 -0.79 0.85
C THR A 562 -9.44 -0.22 0.39
N ILE A 563 -10.54 -0.78 0.89
CA ILE A 563 -11.81 -0.09 0.84
C ILE A 563 -11.83 0.96 1.95
N LEU A 564 -12.77 1.91 1.86
CA LEU A 564 -12.86 3.10 2.70
C LEU A 564 -11.81 4.12 2.29
N ARG A 565 -10.90 3.75 1.38
CA ARG A 565 -9.98 4.70 0.77
C ARG A 565 -10.25 4.91 -0.70
N LYS A 566 -10.73 3.88 -1.40
CA LYS A 566 -11.25 4.08 -2.75
C LYS A 566 -12.46 5.00 -2.74
N LEU A 567 -13.30 4.91 -1.71
CA LEU A 567 -14.38 5.88 -1.53
C LEU A 567 -13.84 7.27 -1.18
N GLY A 568 -12.55 7.39 -0.86
CA GLY A 568 -11.92 8.68 -0.71
C GLY A 568 -12.02 9.30 0.68
N PHE A 569 -11.56 8.59 1.70
CA PHE A 569 -11.51 9.13 3.06
C PHE A 569 -10.14 9.68 3.42
N THR A 570 -9.22 9.75 2.47
CA THR A 570 -7.85 10.25 2.67
C THR A 570 -7.17 9.35 3.71
N GLN A 571 -6.18 9.89 4.43
CA GLN A 571 -5.49 9.15 5.48
C GLN A 571 -5.59 9.82 6.85
N GLY A 572 -5.85 11.13 6.91
CA GLY A 572 -5.95 11.80 8.19
C GLY A 572 -7.09 11.29 9.04
N ASP A 573 -8.25 11.05 8.42
CA ASP A 573 -9.39 10.55 9.18
C ASP A 573 -9.09 9.16 9.76
N LEU A 574 -8.51 8.29 8.93
CA LEU A 574 -8.17 6.94 9.40
C LEU A 574 -7.16 7.00 10.54
N ILE A 575 -6.14 7.86 10.41
CA ILE A 575 -5.13 7.90 11.47
C ILE A 575 -5.71 8.53 12.74
N LYS A 576 -6.66 9.46 12.61
CA LYS A 576 -7.34 9.98 13.79
C LYS A 576 -8.10 8.88 14.51
N GLY A 577 -8.85 8.07 13.76
CA GLY A 577 -9.54 6.94 14.36
C GLY A 577 -8.58 5.97 15.04
N ILE A 578 -7.44 5.72 14.42
CA ILE A 578 -6.46 4.82 15.01
C ILE A 578 -5.89 5.39 16.30
N ARG A 579 -5.63 6.71 16.32
CA ARG A 579 -5.14 7.32 17.55
C ARG A 579 -6.14 7.16 18.68
N ILE A 580 -7.43 7.39 18.40
CA ILE A 580 -8.45 7.22 19.43
C ILE A 580 -8.50 5.77 19.90
N LYS A 581 -8.46 4.83 18.96
CA LYS A 581 -8.52 3.42 19.31
C LYS A 581 -7.35 3.00 20.20
N GLN A 582 -6.13 3.43 19.84
CA GLN A 582 -4.97 3.09 20.64
C GLN A 582 -5.04 3.74 22.02
N MET A 583 -5.53 4.98 22.08
CA MET A 583 -5.70 5.65 23.37
C MET A 583 -6.58 4.82 24.30
N TYR A 584 -7.76 4.41 23.82
CA TYR A 584 -8.63 3.59 24.65
C TYR A 584 -7.98 2.27 25.02
N ASN A 585 -7.36 1.59 24.03
CA ASN A 585 -6.88 0.24 24.23
C ASN A 585 -5.72 0.19 25.22
N PHE A 586 -4.90 1.23 25.26
CA PHE A 586 -3.82 1.28 26.23
C PHE A 586 -4.20 2.05 27.50
N GLY A 587 -5.35 2.71 27.52
CA GLY A 587 -5.78 3.41 28.71
C GLY A 587 -6.60 2.57 29.67
N ILE A 588 -7.37 1.61 29.15
CA ILE A 588 -8.20 0.81 30.04
C ILE A 588 -7.36 -0.03 31.00
N PRO A 589 -6.48 -0.93 30.51
CA PRO A 589 -5.71 -1.75 31.44
C PRO A 589 -4.82 -0.93 32.36
N LEU A 590 -4.30 0.20 31.89
CA LEU A 590 -3.46 1.04 32.74
C LEU A 590 -4.23 1.56 33.94
N VAL A 591 -5.44 2.07 33.72
CA VAL A 591 -6.24 2.58 34.82
C VAL A 591 -6.64 1.45 35.77
N VAL A 592 -7.01 0.29 35.22
CA VAL A 592 -7.39 -0.83 36.08
C VAL A 592 -6.21 -1.25 36.95
N GLY A 593 -5.03 -1.36 36.36
CA GLY A 593 -3.85 -1.71 37.13
C GLY A 593 -3.49 -0.67 38.16
N LEU A 594 -3.66 0.61 37.82
CA LEU A 594 -3.37 1.67 38.78
C LEU A 594 -4.27 1.57 40.01
N PHE A 595 -5.56 1.33 39.78
CA PHE A 595 -6.47 1.21 40.93
C PHE A 595 -6.17 -0.03 41.77
N HIS A 596 -5.89 -1.16 41.10
CA HIS A 596 -5.54 -2.36 41.85
C HIS A 596 -4.27 -2.14 42.67
N SER A 597 -3.27 -1.49 42.07
CA SER A 597 -2.03 -1.21 42.79
C SER A 597 -2.27 -0.26 43.95
N TYR A 598 -3.10 0.76 43.77
CA TYR A 598 -3.33 1.71 44.86
C TYR A 598 -4.02 1.03 46.03
N PHE A 599 -4.99 0.16 45.77
CA PHE A 599 -5.64 -0.55 46.87
C PHE A 599 -4.86 -1.77 47.36
N ALA A 600 -3.76 -2.14 46.69
CA ALA A 600 -2.92 -3.20 47.23
C ALA A 600 -1.76 -2.66 48.04
N VAL A 601 -1.22 -1.50 47.64
CA VAL A 601 -0.15 -0.85 48.40
C VAL A 601 -0.71 -0.23 49.67
N GLN A 602 -1.90 0.39 49.58
CA GLN A 602 -2.52 1.00 50.74
C GLN A 602 -2.65 0.01 51.89
N SER A 603 -3.23 -1.15 51.61
CA SER A 603 -3.25 -2.24 52.57
C SER A 603 -1.86 -2.83 52.62
N GLY A 604 -1.10 -2.47 53.66
CA GLY A 604 0.30 -2.85 53.69
C GLY A 604 1.24 -1.87 54.39
N TRP A 605 0.85 -0.61 54.56
CA TRP A 605 1.49 0.15 55.62
C TRP A 605 0.59 0.33 56.83
N PHE A 606 -0.69 -0.04 56.73
CA PHE A 606 -1.53 -0.09 57.92
C PHE A 606 -1.07 -1.19 58.88
N LEU A 607 -0.70 -2.35 58.34
CA LEU A 607 -0.11 -3.40 59.17
C LEU A 607 1.17 -2.92 59.82
N PHE A 608 2.02 -2.24 59.05
CA PHE A 608 3.22 -1.58 59.55
C PHE A 608 2.85 -0.20 60.11
N GLY A 609 3.83 0.67 60.27
CA GLY A 609 3.59 1.95 60.91
C GLY A 609 3.01 3.02 60.02
N SER A 610 3.67 4.17 59.93
CA SER A 610 3.10 5.33 59.27
C SER A 610 3.24 5.23 57.75
N GLU A 611 2.53 6.10 57.04
CA GLU A 611 2.58 6.16 55.59
C GLU A 611 3.88 6.80 55.11
N VAL A 612 4.16 6.65 53.82
CA VAL A 612 5.37 7.17 53.20
C VAL A 612 5.06 8.04 51.98
N TRP A 613 4.25 7.53 51.05
CA TRP A 613 3.87 8.24 49.83
C TRP A 613 5.04 8.58 48.92
N ALA A 614 6.25 8.15 49.28
CA ALA A 614 7.42 8.56 48.51
C ALA A 614 7.58 7.79 47.19
N PRO A 615 7.69 6.45 47.20
CA PRO A 615 8.02 5.75 45.95
C PRO A 615 6.82 5.52 45.04
N MET A 616 5.60 5.59 45.57
CA MET A 616 4.42 5.27 44.79
C MET A 616 4.31 6.18 43.56
N ILE A 617 4.55 7.47 43.74
CA ILE A 617 4.43 8.41 42.63
C ILE A 617 5.42 8.05 41.51
N MET A 618 6.67 7.75 41.89
CA MET A 618 7.67 7.41 40.89
C MET A 618 7.30 6.14 40.14
N VAL A 619 6.83 5.12 40.87
CA VAL A 619 6.46 3.88 40.21
C VAL A 619 5.30 4.09 39.26
N MET A 620 4.29 4.86 39.66
CA MET A 620 3.15 5.10 38.78
C MET A 620 3.55 5.91 37.56
N VAL A 621 4.43 6.91 37.71
CA VAL A 621 4.78 7.72 36.54
C VAL A 621 5.60 6.88 35.55
N LEU A 622 6.49 6.00 36.05
CA LEU A 622 7.18 5.10 35.15
C LEU A 622 6.21 4.16 34.45
N TYR A 623 5.25 3.63 35.20
CA TYR A 623 4.20 2.77 34.65
C TYR A 623 3.48 3.47 33.49
N THR A 624 3.07 4.72 33.70
CA THR A 624 2.39 5.46 32.65
C THR A 624 3.30 5.71 31.45
N ALA A 625 4.56 6.08 31.71
CA ALA A 625 5.46 6.47 30.63
C ALA A 625 5.73 5.31 29.67
N LEU A 626 5.99 4.12 30.20
CA LEU A 626 6.30 3.01 29.31
C LEU A 626 5.12 2.63 28.43
N TYR A 627 3.91 2.61 29.00
CA TYR A 627 2.72 2.33 28.21
C TYR A 627 2.49 3.40 27.15
N SER A 628 2.74 4.67 27.49
CA SER A 628 2.61 5.73 26.50
C SER A 628 3.58 5.52 25.34
N ILE A 629 4.82 5.13 25.65
CA ILE A 629 5.81 4.88 24.60
C ILE A 629 5.33 3.76 23.67
N PHE A 630 4.85 2.66 24.27
CA PHE A 630 4.40 1.54 23.45
C PHE A 630 3.19 1.91 22.60
N GLY A 631 2.26 2.69 23.15
CA GLY A 631 1.12 3.14 22.38
C GLY A 631 1.52 4.01 21.20
N PHE A 632 2.47 4.92 21.42
CA PHE A 632 2.94 5.76 20.32
C PHE A 632 3.57 4.92 19.21
N LEU A 633 4.38 3.94 19.60
CA LEU A 633 4.98 3.06 18.59
C LEU A 633 3.91 2.29 17.82
N SER A 634 2.87 1.83 18.51
CA SER A 634 1.79 1.13 17.83
C SER A 634 1.07 2.04 16.84
N VAL A 635 0.86 3.29 17.22
CA VAL A 635 0.23 4.25 16.30
C VAL A 635 1.08 4.43 15.05
N LEU A 636 2.41 4.55 15.24
CA LEU A 636 3.29 4.69 14.08
C LEU A 636 3.20 3.47 13.16
N TYR A 637 3.18 2.27 13.74
CA TYR A 637 3.06 1.07 12.91
C TYR A 637 1.74 1.06 12.14
N TYR A 638 0.65 1.44 12.80
CA TYR A 638 -0.64 1.48 12.10
C TYR A 638 -0.60 2.48 10.95
N LYS A 639 0.03 3.64 11.16
CA LYS A 639 0.15 4.63 10.09
C LYS A 639 0.91 4.04 8.91
N LYS A 640 2.01 3.35 9.18
CA LYS A 640 2.78 2.74 8.09
C LYS A 640 1.93 1.72 7.34
N VAL A 641 1.13 0.93 8.06
CA VAL A 641 0.30 -0.07 7.40
C VAL A 641 -0.76 0.60 6.52
N ILE A 642 -1.41 1.66 7.04
CA ILE A 642 -2.47 2.31 6.29
C ILE A 642 -1.93 2.98 5.04
N LYS A 643 -0.74 3.58 5.12
CA LYS A 643 -0.23 4.37 4.00
C LYS A 643 -0.03 3.52 2.76
N SER A 644 0.47 2.29 2.93
CA SER A 644 0.75 1.41 1.80
C SER A 644 -0.44 0.54 1.42
N SER A 645 -1.67 0.98 1.71
CA SER A 645 -2.84 0.18 1.40
C SER A 645 -3.25 0.32 -0.06
N LEU A 646 -3.60 1.54 -0.47
CA LEU A 646 -3.99 1.79 -1.85
C LEU A 646 -2.83 2.36 -2.66
N HIS B 9 -25.57 17.69 -19.72
CA HIS B 9 -25.15 16.84 -20.86
C HIS B 9 -23.63 16.68 -20.88
N VAL B 10 -23.12 15.70 -21.63
CA VAL B 10 -21.64 15.42 -21.72
C VAL B 10 -21.04 15.50 -20.31
N ILE B 11 -21.43 14.58 -19.43
CA ILE B 11 -20.89 14.58 -18.03
C ILE B 11 -19.46 14.05 -18.05
N LEU B 12 -19.19 12.97 -18.80
CA LEU B 12 -17.79 12.46 -18.92
C LEU B 12 -17.22 12.74 -20.31
N GLU B 13 -16.13 13.50 -20.38
CA GLU B 13 -15.45 13.80 -21.67
C GLU B 13 -14.01 13.26 -21.62
N ALA B 14 -13.60 12.51 -22.64
CA ALA B 14 -12.24 11.99 -22.72
C ALA B 14 -11.65 12.30 -24.09
N ASN B 15 -10.32 12.46 -24.13
CA ASN B 15 -9.61 12.77 -25.36
C ASN B 15 -8.31 11.98 -25.40
N LYS B 16 -8.33 10.82 -26.07
CA LYS B 16 -7.14 10.00 -26.30
C LYS B 16 -6.46 9.63 -24.98
N ILE B 17 -7.20 8.92 -24.13
CA ILE B 17 -6.66 8.46 -22.86
C ILE B 17 -5.57 7.43 -23.11
N ARG B 18 -4.43 7.59 -22.45
CA ARG B 18 -3.31 6.67 -22.58
C ARG B 18 -2.86 6.20 -21.21
N LYS B 19 -2.58 4.91 -21.09
CA LYS B 19 -2.15 4.33 -19.82
C LYS B 19 -1.19 3.18 -20.09
N SER B 20 -0.11 3.13 -19.32
CA SER B 20 0.89 2.08 -19.46
C SER B 20 1.31 1.57 -18.09
N TYR B 21 1.75 0.31 -18.06
CA TYR B 21 2.20 -0.33 -16.83
C TYR B 21 3.66 -0.72 -16.97
N GLY B 22 4.33 -0.87 -15.82
CA GLY B 22 5.71 -1.30 -15.81
C GLY B 22 6.68 -0.17 -16.09
N ASN B 23 7.96 -0.53 -16.15
CA ASN B 23 9.01 0.45 -16.39
C ASN B 23 10.21 -0.26 -17.01
N LYS B 24 10.99 0.51 -17.77
CA LYS B 24 12.24 0.04 -18.36
C LYS B 24 12.03 -1.15 -19.29
N LEU B 25 12.38 -2.35 -18.80
CA LEU B 25 12.43 -3.55 -19.64
C LEU B 25 11.09 -4.27 -19.75
N ASN B 26 10.10 -3.92 -18.94
CA ASN B 26 8.79 -4.58 -18.97
C ASN B 26 7.67 -3.55 -18.97
N LYS B 27 7.81 -2.51 -19.80
CA LYS B 27 6.79 -1.49 -19.92
C LYS B 27 5.77 -1.93 -20.97
N GLN B 28 4.50 -1.91 -20.57
CA GLN B 28 3.40 -2.30 -21.46
C GLN B 28 2.30 -1.26 -21.38
N GLU B 29 1.75 -0.90 -22.55
CA GLU B 29 0.67 0.07 -22.65
C GLU B 29 -0.64 -0.65 -22.87
N VAL B 30 -1.66 -0.29 -22.09
CA VAL B 30 -2.94 -0.98 -22.11
C VAL B 30 -4.04 -0.08 -22.67
N LEU B 31 -3.93 1.23 -22.50
CA LEU B 31 -4.87 2.18 -23.07
C LEU B 31 -4.18 2.95 -24.19
N LYS B 32 -4.71 2.86 -25.40
CA LYS B 32 -4.11 3.43 -26.59
C LYS B 32 -5.17 4.22 -27.36
N GLY B 33 -5.34 5.49 -27.01
CA GLY B 33 -6.26 6.35 -27.73
C GLY B 33 -7.72 6.00 -27.56
N ILE B 34 -8.25 6.22 -26.36
CA ILE B 34 -9.64 5.93 -26.04
C ILE B 34 -10.38 7.24 -25.85
N ASP B 35 -11.52 7.38 -26.52
CA ASP B 35 -12.35 8.58 -26.44
C ASP B 35 -13.75 8.19 -25.99
N ILE B 36 -14.26 8.89 -24.98
CA ILE B 36 -15.54 8.58 -24.35
C ILE B 36 -16.43 9.82 -24.38
N HIS B 37 -17.72 9.61 -24.67
CA HIS B 37 -18.73 10.65 -24.57
C HIS B 37 -19.95 10.06 -23.89
N ILE B 38 -20.25 10.51 -22.68
CA ILE B 38 -21.38 10.03 -21.89
C ILE B 38 -22.33 11.19 -21.65
N GLU B 39 -23.60 10.96 -21.96
CA GLU B 39 -24.63 11.97 -21.75
C GLU B 39 -25.36 11.70 -20.43
N LYS B 40 -26.19 12.68 -20.04
CA LYS B 40 -26.89 12.60 -18.77
C LYS B 40 -28.00 11.56 -18.81
N GLY B 41 -28.14 10.80 -17.72
CA GLY B 41 -29.21 9.86 -17.59
C GLY B 41 -29.07 8.58 -18.38
N GLU B 42 -27.91 8.33 -18.99
CA GLU B 42 -27.73 7.15 -19.81
C GLU B 42 -27.52 5.91 -18.94
N PHE B 43 -27.26 4.78 -19.61
CA PHE B 43 -26.97 3.52 -18.94
C PHE B 43 -26.01 2.77 -19.86
N VAL B 44 -24.71 2.96 -19.65
CA VAL B 44 -23.68 2.56 -20.60
C VAL B 44 -22.95 1.34 -20.07
N SER B 45 -22.71 0.36 -20.94
CA SER B 45 -21.97 -0.84 -20.61
C SER B 45 -20.84 -1.03 -21.61
N ILE B 46 -19.62 -1.14 -21.10
CA ILE B 46 -18.44 -1.32 -21.94
C ILE B 46 -18.11 -2.80 -21.92
N MET B 47 -18.67 -3.54 -22.88
CA MET B 47 -18.36 -4.96 -23.00
C MET B 47 -16.92 -5.14 -23.47
N GLY B 48 -16.24 -6.13 -22.89
CA GLY B 48 -14.89 -6.44 -23.29
C GLY B 48 -14.60 -7.92 -23.36
N ALA B 49 -13.54 -8.34 -22.67
CA ALA B 49 -13.14 -9.74 -22.62
C ALA B 49 -12.37 -9.96 -21.32
N SER B 50 -11.70 -11.10 -21.22
CA SER B 50 -10.92 -11.40 -20.02
C SER B 50 -9.68 -10.53 -19.93
N GLY B 51 -8.96 -10.37 -21.04
CA GLY B 51 -7.69 -9.67 -21.05
C GLY B 51 -7.71 -8.26 -21.59
N SER B 52 -8.88 -7.65 -21.75
CA SER B 52 -8.96 -6.29 -22.26
C SER B 52 -8.83 -5.29 -21.11
N GLY B 53 -8.62 -4.02 -21.47
CA GLY B 53 -8.45 -2.98 -20.50
C GLY B 53 -9.74 -2.46 -19.90
N LYS B 54 -10.39 -3.27 -19.07
CA LYS B 54 -11.64 -2.87 -18.42
C LYS B 54 -11.40 -2.32 -17.02
N THR B 55 -10.77 -3.10 -16.14
CA THR B 55 -10.52 -2.64 -14.78
C THR B 55 -9.60 -1.43 -14.76
N THR B 56 -8.57 -1.43 -15.61
CA THR B 56 -7.71 -0.27 -15.72
C THR B 56 -8.49 0.96 -16.18
N LEU B 57 -9.40 0.77 -17.13
CA LEU B 57 -10.23 1.87 -17.59
C LEU B 57 -11.10 2.41 -16.46
N LEU B 58 -11.72 1.52 -15.68
CA LEU B 58 -12.54 1.97 -14.57
C LEU B 58 -11.70 2.71 -13.54
N ASN B 59 -10.48 2.23 -13.30
CA ASN B 59 -9.59 2.93 -12.37
C ASN B 59 -9.23 4.32 -12.87
N VAL B 60 -8.93 4.45 -14.17
CA VAL B 60 -8.43 5.73 -14.66
C VAL B 60 -9.52 6.78 -14.82
N LEU B 61 -10.74 6.40 -15.20
CA LEU B 61 -11.80 7.39 -15.25
C LEU B 61 -12.34 7.76 -13.88
N SER B 62 -12.21 6.86 -12.90
CA SER B 62 -12.70 7.09 -11.54
C SER B 62 -11.67 7.77 -10.66
N SER B 63 -10.55 8.22 -11.22
CA SER B 63 -9.48 8.90 -10.49
C SER B 63 -8.94 8.04 -9.34
N ILE B 64 -8.80 6.74 -9.61
CA ILE B 64 -8.12 5.83 -8.70
C ILE B 64 -6.67 5.65 -9.12
N ASP B 65 -6.44 5.36 -10.39
CA ASP B 65 -5.11 5.35 -10.97
C ASP B 65 -4.91 6.65 -11.74
N GLN B 66 -3.78 6.76 -12.45
CA GLN B 66 -3.47 7.97 -13.20
C GLN B 66 -3.12 7.63 -14.63
N VAL B 67 -3.61 8.45 -15.56
CA VAL B 67 -3.37 8.25 -16.98
C VAL B 67 -2.00 8.79 -17.34
N SER B 68 -1.28 8.06 -18.20
CA SER B 68 0.01 8.56 -18.68
C SER B 68 -0.18 9.83 -19.52
N HIS B 69 -1.17 9.84 -20.41
CA HIS B 69 -1.45 10.99 -21.25
C HIS B 69 -2.94 11.10 -21.48
N GLY B 70 -3.39 12.30 -21.78
CA GLY B 70 -4.79 12.58 -22.04
C GLY B 70 -5.38 13.55 -21.02
N THR B 71 -6.65 13.88 -21.25
CA THR B 71 -7.37 14.81 -20.40
C THR B 71 -8.81 14.34 -20.25
N ILE B 72 -9.35 14.53 -19.05
CA ILE B 72 -10.72 14.13 -18.73
C ILE B 72 -11.45 15.36 -18.17
N HIS B 73 -12.76 15.39 -18.39
CA HIS B 73 -13.58 16.51 -17.93
C HIS B 73 -14.88 15.93 -17.38
N ILE B 74 -14.91 15.68 -16.07
CA ILE B 74 -16.08 15.16 -15.39
C ILE B 74 -16.84 16.34 -14.80
N ASN B 75 -18.09 16.53 -15.25
CA ASN B 75 -18.94 17.64 -14.82
C ASN B 75 -18.31 19.00 -15.12
N GLY B 76 -17.49 19.07 -16.17
CA GLY B 76 -16.87 20.31 -16.57
C GLY B 76 -15.65 20.70 -15.77
N ASN B 77 -15.06 19.79 -15.01
CA ASN B 77 -13.89 20.08 -14.19
C ASN B 77 -12.70 19.26 -14.69
N ASP B 78 -11.52 19.89 -14.67
CA ASP B 78 -10.30 19.23 -15.13
C ASP B 78 -9.84 18.23 -14.07
N MET B 79 -10.02 16.93 -14.35
CA MET B 79 -9.68 15.91 -13.36
C MET B 79 -8.17 15.77 -13.19
N THR B 80 -7.39 15.96 -14.26
CA THR B 80 -5.96 15.70 -14.24
C THR B 80 -5.15 16.90 -13.75
N ALA B 81 -5.74 17.79 -12.96
CA ALA B 81 -5.05 18.94 -12.41
C ALA B 81 -4.78 18.84 -10.92
N MET B 82 -5.77 18.43 -10.13
CA MET B 82 -5.58 18.28 -8.69
C MET B 82 -4.65 17.11 -8.39
N LYS B 83 -3.87 17.24 -7.31
CA LYS B 83 -2.79 16.29 -7.09
C LYS B 83 -3.26 15.00 -6.44
N GLU B 84 -3.61 15.03 -5.16
CA GLU B 84 -4.17 13.85 -4.53
C GLU B 84 -5.36 14.12 -3.63
N LYS B 85 -5.27 15.19 -2.82
CA LYS B 85 -6.25 15.42 -1.78
C LYS B 85 -7.56 15.95 -2.34
N GLN B 86 -7.48 16.89 -3.28
CA GLN B 86 -8.67 17.35 -3.96
C GLN B 86 -9.32 16.21 -4.73
N LEU B 87 -8.49 15.34 -5.32
CA LEU B 87 -9.02 14.16 -6.01
C LEU B 87 -9.80 13.27 -5.06
N ALA B 88 -9.25 13.00 -3.88
CA ALA B 88 -9.94 12.15 -2.92
C ALA B 88 -11.24 12.79 -2.44
N GLU B 89 -11.22 14.09 -2.15
CA GLU B 89 -12.43 14.76 -1.69
C GLU B 89 -13.51 14.76 -2.78
N PHE B 90 -13.13 15.07 -4.02
CA PHE B 90 -14.09 15.06 -5.11
C PHE B 90 -14.64 13.67 -5.34
N ARG B 91 -13.79 12.65 -5.27
CA ARG B 91 -14.25 11.27 -5.42
C ARG B 91 -15.24 10.90 -4.33
N LYS B 92 -14.99 11.35 -3.09
CA LYS B 92 -15.89 11.02 -2.00
C LYS B 92 -17.24 11.71 -2.15
N GLN B 93 -17.24 12.98 -2.54
CA GLN B 93 -18.47 13.77 -2.49
C GLN B 93 -19.30 13.70 -3.77
N HIS B 94 -18.81 13.08 -4.83
CA HIS B 94 -19.55 13.12 -6.09
C HIS B 94 -19.62 11.81 -6.86
N LEU B 95 -18.96 10.75 -6.42
CA LEU B 95 -18.98 9.47 -7.13
C LEU B 95 -19.41 8.35 -6.19
N GLY B 96 -20.21 7.42 -6.71
CA GLY B 96 -20.58 6.23 -5.98
C GLY B 96 -20.00 5.00 -6.64
N PHE B 97 -19.69 3.99 -5.83
CA PHE B 97 -18.98 2.81 -6.31
C PHE B 97 -19.70 1.53 -5.91
N ILE B 98 -19.73 0.58 -6.84
CA ILE B 98 -20.21 -0.78 -6.61
C ILE B 98 -19.19 -1.74 -7.19
N PHE B 99 -18.83 -2.78 -6.44
CA PHE B 99 -17.80 -3.71 -6.87
C PHE B 99 -18.34 -5.14 -6.89
N GLN B 100 -17.53 -6.03 -7.46
CA GLN B 100 -17.90 -7.42 -7.69
C GLN B 100 -17.84 -8.29 -6.44
N ASP B 101 -17.23 -7.81 -5.36
CA ASP B 101 -16.88 -8.63 -4.22
C ASP B 101 -17.05 -7.80 -2.96
N TYR B 102 -16.40 -8.22 -1.88
CA TYR B 102 -16.55 -7.64 -0.55
C TYR B 102 -16.62 -6.11 -0.60
N ASN B 103 -17.73 -5.57 -0.11
CA ASN B 103 -17.90 -4.14 0.06
C ASN B 103 -18.37 -3.74 1.44
N LEU B 104 -18.89 -4.67 2.23
CA LEU B 104 -19.51 -4.35 3.52
C LEU B 104 -18.53 -4.66 4.65
N LEU B 105 -18.47 -3.76 5.62
CA LEU B 105 -17.64 -3.99 6.80
C LEU B 105 -18.21 -5.13 7.62
N ASP B 106 -17.32 -5.97 8.15
CA ASP B 106 -17.77 -7.18 8.84
C ASP B 106 -18.44 -6.86 10.18
N THR B 107 -18.05 -5.75 10.83
CA THR B 107 -18.49 -5.45 12.18
C THR B 107 -19.46 -4.27 12.22
N LEU B 108 -20.35 -4.19 11.25
CA LEU B 108 -21.37 -3.15 11.22
C LEU B 108 -22.70 -3.74 10.79
N THR B 109 -23.78 -3.20 11.37
CA THR B 109 -25.11 -3.55 10.91
C THR B 109 -25.34 -2.97 9.52
N VAL B 110 -26.40 -3.45 8.86
CA VAL B 110 -26.74 -2.94 7.54
C VAL B 110 -27.09 -1.46 7.62
N LYS B 111 -27.87 -1.07 8.63
CA LYS B 111 -28.31 0.32 8.76
C LYS B 111 -27.11 1.27 8.89
N GLU B 112 -26.20 0.96 9.80
CA GLU B 112 -25.01 1.80 9.96
C GLU B 112 -24.12 1.73 8.72
N ASN B 113 -24.01 0.55 8.11
CA ASN B 113 -23.12 0.40 6.97
C ASN B 113 -23.55 1.27 5.80
N ILE B 114 -24.86 1.34 5.53
CA ILE B 114 -25.35 2.13 4.42
C ILE B 114 -25.86 3.50 4.85
N LEU B 115 -25.68 3.87 6.12
CA LEU B 115 -25.78 5.26 6.54
C LEU B 115 -24.43 5.91 6.78
N LEU B 116 -23.34 5.15 6.68
CA LEU B 116 -22.01 5.70 6.88
C LEU B 116 -21.69 6.90 5.97
N PRO B 117 -21.90 6.86 4.65
CA PRO B 117 -21.43 7.99 3.83
C PRO B 117 -22.23 9.26 4.04
N LEU B 118 -23.40 9.18 4.66
CA LEU B 118 -24.17 10.38 4.98
C LEU B 118 -23.67 11.09 6.24
N SER B 119 -22.80 10.44 7.02
CA SER B 119 -22.40 11.01 8.31
C SER B 119 -21.50 12.23 8.16
N ILE B 120 -20.85 12.40 7.00
CA ILE B 120 -19.96 13.55 6.81
C ILE B 120 -20.76 14.84 6.83
N THR B 121 -21.89 14.87 6.13
CA THR B 121 -22.69 16.09 6.04
C THR B 121 -23.43 16.39 7.33
N LYS B 122 -23.56 15.42 8.23
CA LYS B 122 -24.20 15.59 9.53
C LYS B 122 -25.65 16.08 9.37
N LEU B 123 -26.45 15.23 8.75
CA LEU B 123 -27.86 15.54 8.51
C LEU B 123 -28.76 15.05 9.64
N SER B 124 -28.44 15.47 10.87
CA SER B 124 -29.26 15.20 12.06
C SER B 124 -29.53 13.69 12.16
N LYS B 125 -30.68 13.32 12.70
CA LYS B 125 -31.07 11.94 12.88
C LYS B 125 -32.36 11.58 12.16
N LYS B 126 -33.39 12.42 12.29
CA LYS B 126 -34.71 12.05 11.78
C LYS B 126 -34.74 12.00 10.26
N GLU B 127 -34.16 13.00 9.58
CA GLU B 127 -34.18 12.97 8.12
C GLU B 127 -33.28 11.88 7.56
N ALA B 128 -32.16 11.60 8.23
CA ALA B 128 -31.34 10.47 7.83
C ALA B 128 -32.11 9.15 7.96
N ASN B 129 -32.86 8.99 9.05
CA ASN B 129 -33.68 7.81 9.23
C ASN B 129 -34.73 7.72 8.13
N ARG B 130 -35.38 8.83 7.79
CA ARG B 130 -36.40 8.81 6.76
C ARG B 130 -35.82 8.45 5.40
N LYS B 131 -34.67 9.03 5.05
CA LYS B 131 -34.04 8.71 3.77
C LYS B 131 -33.62 7.25 3.72
N PHE B 132 -33.05 6.73 4.82
CA PHE B 132 -32.68 5.32 4.85
C PHE B 132 -33.90 4.43 4.68
N GLU B 133 -34.99 4.75 5.37
CA GLU B 133 -36.22 3.95 5.25
C GLU B 133 -36.74 3.96 3.82
N GLU B 134 -36.78 5.15 3.20
CA GLU B 134 -37.28 5.27 1.84
C GLU B 134 -36.44 4.48 0.86
N VAL B 135 -35.11 4.54 1.00
CA VAL B 135 -34.24 3.81 0.08
C VAL B 135 -34.34 2.31 0.32
N ALA B 136 -34.36 1.89 1.59
CA ALA B 136 -34.36 0.46 1.89
C ALA B 136 -35.69 -0.20 1.51
N LYS B 137 -36.78 0.56 1.47
CA LYS B 137 -38.03 -0.03 0.98
C LYS B 137 -37.94 -0.42 -0.48
N GLU B 138 -37.25 0.38 -1.30
CA GLU B 138 -37.21 0.13 -2.74
C GLU B 138 -36.50 -1.18 -3.06
N LEU B 139 -35.41 -1.47 -2.37
CA LEU B 139 -34.62 -2.67 -2.64
C LEU B 139 -35.12 -3.90 -1.88
N GLY B 140 -36.10 -3.73 -1.00
CA GLY B 140 -36.70 -4.86 -0.31
C GLY B 140 -35.79 -5.59 0.65
N ILE B 141 -35.01 -4.85 1.44
CA ILE B 141 -34.15 -5.46 2.46
C ILE B 141 -34.40 -4.75 3.78
N TYR B 142 -35.44 -3.91 3.81
CA TYR B 142 -35.75 -3.11 4.99
C TYR B 142 -36.02 -3.96 6.22
N GLU B 143 -36.43 -5.22 6.03
CA GLU B 143 -36.61 -6.11 7.16
C GLU B 143 -35.28 -6.47 7.82
N LEU B 144 -34.22 -6.56 7.04
CA LEU B 144 -32.90 -6.98 7.54
C LEU B 144 -32.14 -5.74 8.02
N ARG B 145 -32.68 -5.12 9.06
CA ARG B 145 -32.19 -3.82 9.51
C ARG B 145 -31.23 -3.91 10.68
N ASP B 146 -31.23 -5.01 11.43
CA ASP B 146 -30.35 -5.15 12.59
C ASP B 146 -29.52 -6.43 12.52
N LYS B 147 -29.39 -7.04 11.34
CA LYS B 147 -28.63 -8.25 11.19
C LYS B 147 -27.20 -7.95 10.77
N TYR B 148 -26.32 -8.93 10.99
CA TYR B 148 -24.93 -8.70 10.65
C TYR B 148 -24.59 -9.31 9.30
N PRO B 149 -23.61 -8.75 8.58
CA PRO B 149 -23.35 -9.20 7.21
C PRO B 149 -22.83 -10.62 7.08
N ASN B 150 -22.73 -11.37 8.17
CA ASN B 150 -22.37 -12.78 8.12
C ASN B 150 -23.59 -13.68 8.28
N GLU B 151 -24.80 -13.12 8.29
CA GLU B 151 -26.02 -13.88 8.53
C GLU B 151 -27.05 -13.69 7.41
N ILE B 152 -26.62 -13.22 6.24
CA ILE B 152 -27.53 -12.97 5.12
C ILE B 152 -26.91 -13.53 3.85
N SER B 153 -27.77 -13.69 2.83
CA SER B 153 -27.38 -14.28 1.57
C SER B 153 -26.63 -13.28 0.69
N GLY B 154 -25.96 -13.80 -0.34
CA GLY B 154 -25.11 -12.96 -1.17
C GLY B 154 -25.87 -11.88 -1.92
N GLY B 155 -27.03 -12.23 -2.48
CA GLY B 155 -27.82 -11.24 -3.18
C GLY B 155 -28.27 -10.11 -2.27
N GLN B 156 -28.56 -10.43 -1.01
CA GLN B 156 -28.92 -9.40 -0.04
C GLN B 156 -27.74 -8.48 0.23
N LYS B 157 -26.53 -9.03 0.29
CA LYS B 157 -25.35 -8.19 0.45
C LYS B 157 -25.14 -7.29 -0.77
N GLN B 158 -25.40 -7.82 -1.97
CA GLN B 158 -25.29 -6.99 -3.17
C GLN B 158 -26.31 -5.85 -3.13
N ARG B 159 -27.54 -6.14 -2.72
CA ARG B 159 -28.54 -5.09 -2.60
C ARG B 159 -28.14 -4.07 -1.53
N THR B 160 -27.54 -4.53 -0.45
CA THR B 160 -27.06 -3.61 0.59
C THR B 160 -25.98 -2.69 0.04
N SER B 161 -25.04 -3.24 -0.73
CA SER B 161 -24.00 -2.40 -1.32
C SER B 161 -24.59 -1.40 -2.30
N ALA B 162 -25.57 -1.82 -3.11
CA ALA B 162 -26.23 -0.89 -4.01
C ALA B 162 -26.94 0.21 -3.25
N GLY B 163 -27.60 -0.14 -2.15
CA GLY B 163 -28.26 0.86 -1.33
C GLY B 163 -27.28 1.87 -0.75
N ARG B 164 -26.11 1.39 -0.33
CA ARG B 164 -25.07 2.32 0.12
C ARG B 164 -24.64 3.23 -1.02
N ALA B 165 -24.51 2.68 -2.23
CA ALA B 165 -24.07 3.48 -3.37
C ALA B 165 -25.07 4.58 -3.71
N PHE B 166 -26.36 4.26 -3.67
CA PHE B 166 -27.39 5.19 -4.15
C PHE B 166 -27.81 6.24 -3.13
N ILE B 167 -27.49 6.05 -1.84
CA ILE B 167 -28.15 6.85 -0.81
C ILE B 167 -27.68 8.30 -0.84
N HIS B 168 -26.38 8.54 -1.08
CA HIS B 168 -25.81 9.86 -0.90
C HIS B 168 -25.87 10.73 -2.15
N ASP B 169 -26.82 10.47 -3.05
CA ASP B 169 -27.12 11.31 -4.21
C ASP B 169 -25.88 11.61 -5.04
N PRO B 170 -25.34 10.63 -5.76
CA PRO B 170 -24.14 10.87 -6.56
C PRO B 170 -24.46 11.36 -7.97
N SER B 171 -23.42 11.67 -8.74
CA SER B 171 -23.57 12.08 -10.13
C SER B 171 -23.35 10.93 -11.10
N ILE B 172 -22.20 10.25 -11.00
CA ILE B 172 -21.89 9.09 -11.82
C ILE B 172 -21.64 7.91 -10.88
N ILE B 173 -22.32 6.79 -11.14
CA ILE B 173 -22.19 5.59 -10.33
C ILE B 173 -21.36 4.58 -11.11
N PHE B 174 -20.18 4.26 -10.59
CA PHE B 174 -19.27 3.33 -11.22
C PHE B 174 -19.49 1.94 -10.65
N ALA B 175 -19.95 1.02 -11.49
CA ALA B 175 -20.10 -0.37 -11.12
C ALA B 175 -19.04 -1.21 -11.83
N ASP B 176 -18.86 -2.44 -11.35
CA ASP B 176 -17.88 -3.35 -11.96
C ASP B 176 -18.46 -4.77 -11.82
N GLU B 177 -19.18 -5.19 -12.85
CA GLU B 177 -19.77 -6.52 -12.92
C GLU B 177 -20.45 -6.91 -11.60
N PRO B 178 -21.51 -6.21 -11.20
CA PRO B 178 -22.14 -6.51 -9.91
C PRO B 178 -22.67 -7.93 -9.81
N THR B 179 -23.12 -8.51 -10.92
CA THR B 179 -23.73 -9.84 -10.94
C THR B 179 -22.72 -10.94 -11.24
N GLY B 180 -21.45 -10.75 -10.91
CA GLY B 180 -20.45 -11.76 -11.18
C GLY B 180 -20.25 -12.78 -10.09
N ALA B 181 -21.04 -12.72 -9.01
CA ALA B 181 -20.90 -13.66 -7.90
C ALA B 181 -22.24 -14.12 -7.37
N LEU B 182 -23.25 -14.16 -8.23
CA LEU B 182 -24.61 -14.53 -7.83
C LEU B 182 -25.13 -15.64 -8.74
N ASP B 183 -26.33 -16.12 -8.42
CA ASP B 183 -27.04 -17.05 -9.27
C ASP B 183 -28.01 -16.28 -10.17
N SER B 184 -28.63 -17.01 -11.11
CA SER B 184 -29.39 -16.36 -12.17
C SER B 184 -30.57 -15.57 -11.62
N LYS B 185 -31.31 -16.14 -10.66
CA LYS B 185 -32.48 -15.46 -10.12
C LYS B 185 -32.09 -14.16 -9.43
N SER B 186 -31.09 -14.22 -8.54
CA SER B 186 -30.63 -13.02 -7.87
C SER B 186 -30.00 -12.04 -8.85
N ALA B 187 -29.34 -12.56 -9.89
CA ALA B 187 -28.79 -11.70 -10.94
C ALA B 187 -29.88 -10.86 -11.58
N SER B 188 -30.96 -11.52 -12.03
CA SER B 188 -32.04 -10.81 -12.68
C SER B 188 -32.73 -9.85 -11.71
N ASP B 189 -32.90 -10.28 -10.45
CA ASP B 189 -33.53 -9.41 -9.46
C ASP B 189 -32.71 -8.14 -9.24
N LEU B 190 -31.40 -8.28 -9.08
CA LEU B 190 -30.55 -7.12 -8.84
C LEU B 190 -30.53 -6.20 -10.06
N LEU B 191 -30.48 -6.77 -11.27
CA LEU B 191 -30.46 -5.95 -12.46
C LEU B 191 -31.78 -5.19 -12.64
N ASN B 192 -32.91 -5.86 -12.35
CA ASN B 192 -34.19 -5.18 -12.41
C ASN B 192 -34.30 -4.07 -11.38
N LYS B 193 -33.78 -4.31 -10.16
CA LYS B 193 -33.78 -3.25 -9.15
C LYS B 193 -32.94 -2.07 -9.60
N LEU B 194 -31.77 -2.34 -10.21
CA LEU B 194 -30.93 -1.27 -10.72
C LEU B 194 -31.66 -0.47 -11.79
N SER B 195 -32.33 -1.15 -12.72
CA SER B 195 -33.05 -0.46 -13.78
C SER B 195 -34.19 0.38 -13.23
N GLN B 196 -34.92 -0.16 -12.25
CA GLN B 196 -36.01 0.61 -11.64
C GLN B 196 -35.49 1.83 -10.90
N LEU B 197 -34.37 1.67 -10.17
CA LEU B 197 -33.78 2.82 -9.49
C LEU B 197 -33.32 3.88 -10.48
N ASN B 198 -32.75 3.45 -11.61
CA ASN B 198 -32.34 4.40 -12.64
C ASN B 198 -33.55 5.12 -13.24
N GLN B 199 -34.65 4.40 -13.45
CA GLN B 199 -35.83 5.01 -14.06
C GLN B 199 -36.50 6.00 -13.11
N LYS B 200 -36.61 5.64 -11.82
CA LYS B 200 -37.33 6.49 -10.88
C LYS B 200 -36.63 7.84 -10.72
N ARG B 201 -35.31 7.83 -10.57
CA ARG B 201 -34.53 9.06 -10.49
C ARG B 201 -33.31 8.91 -11.39
N ASN B 202 -32.95 10.01 -12.06
CA ASN B 202 -31.88 9.96 -13.05
C ASN B 202 -30.53 9.64 -12.40
N ALA B 203 -30.05 8.42 -12.60
CA ALA B 203 -28.81 7.94 -12.01
C ALA B 203 -27.98 7.27 -13.10
N THR B 204 -26.98 7.99 -13.60
CA THR B 204 -26.11 7.44 -14.63
C THR B 204 -25.32 6.25 -14.06
N ILE B 205 -25.15 5.21 -14.89
CA ILE B 205 -24.44 4.01 -14.50
C ILE B 205 -23.47 3.65 -15.62
N ILE B 206 -22.20 3.52 -15.30
CA ILE B 206 -21.16 3.16 -16.26
C ILE B 206 -20.49 1.90 -15.71
N MET B 207 -20.99 0.74 -16.10
CA MET B 207 -20.45 -0.52 -15.61
C MET B 207 -19.78 -1.28 -16.75
N VAL B 208 -18.80 -2.11 -16.39
CA VAL B 208 -18.13 -2.99 -17.32
C VAL B 208 -18.55 -4.41 -17.02
N THR B 209 -18.47 -5.27 -18.03
CA THR B 209 -18.92 -6.65 -17.91
C THR B 209 -18.36 -7.47 -19.05
N HIS B 210 -18.65 -8.77 -19.01
CA HIS B 210 -18.26 -9.69 -20.08
C HIS B 210 -19.37 -10.66 -20.42
N ASP B 211 -20.61 -10.34 -20.06
CA ASP B 211 -21.76 -11.23 -20.23
C ASP B 211 -22.86 -10.49 -21.00
N PRO B 212 -23.25 -10.95 -22.18
CA PRO B 212 -24.31 -10.25 -22.92
C PRO B 212 -25.63 -10.21 -22.17
N VAL B 213 -25.93 -11.23 -21.37
CA VAL B 213 -27.19 -11.25 -20.62
C VAL B 213 -27.27 -10.06 -19.67
N ALA B 214 -26.16 -9.73 -19.01
CA ALA B 214 -26.16 -8.63 -18.08
C ALA B 214 -26.23 -7.28 -18.79
N ALA B 215 -25.67 -7.18 -20.00
CA ALA B 215 -25.64 -5.92 -20.72
C ALA B 215 -26.85 -5.71 -21.61
N SER B 216 -27.73 -6.70 -21.76
CA SER B 216 -28.93 -6.50 -22.56
C SER B 216 -29.84 -5.45 -21.93
N TYR B 217 -29.80 -5.30 -20.60
CA TYR B 217 -30.63 -4.32 -19.91
C TYR B 217 -30.21 -2.89 -20.20
N CYS B 218 -29.04 -2.67 -20.78
CA CYS B 218 -28.49 -1.34 -20.94
C CYS B 218 -29.10 -0.63 -22.14
N GLY B 219 -28.83 0.67 -22.24
CA GLY B 219 -29.28 1.49 -23.34
C GLY B 219 -28.26 1.78 -24.41
N ARG B 220 -27.01 1.34 -24.23
CA ARG B 220 -25.93 1.56 -25.18
C ARG B 220 -24.77 0.66 -24.80
N VAL B 221 -24.19 -0.01 -25.80
CA VAL B 221 -23.11 -0.97 -25.57
C VAL B 221 -21.93 -0.62 -26.46
N ILE B 222 -20.77 -0.42 -25.84
CA ILE B 222 -19.53 -0.16 -26.55
C ILE B 222 -18.61 -1.36 -26.38
N PHE B 223 -18.11 -1.88 -27.49
CA PHE B 223 -17.21 -3.04 -27.47
C PHE B 223 -15.77 -2.55 -27.50
N ILE B 224 -14.97 -3.06 -26.57
CA ILE B 224 -13.56 -2.71 -26.48
C ILE B 224 -12.72 -3.92 -26.86
N LYS B 225 -11.57 -3.67 -27.47
CA LYS B 225 -10.70 -4.74 -27.96
C LYS B 225 -9.25 -4.30 -27.77
N ASP B 226 -8.59 -4.85 -26.74
CA ASP B 226 -7.18 -4.59 -26.47
C ASP B 226 -6.90 -3.09 -26.35
N GLY B 227 -7.71 -2.42 -25.55
CA GLY B 227 -7.56 -0.99 -25.35
C GLY B 227 -7.80 -0.16 -26.59
N GLN B 228 -8.78 -0.54 -27.40
CA GLN B 228 -9.12 0.20 -28.62
C GLN B 228 -10.58 -0.07 -28.91
N MET B 229 -11.45 0.89 -28.61
CA MET B 229 -12.87 0.68 -28.74
C MET B 229 -13.29 0.56 -30.19
N TYR B 230 -14.40 -0.16 -30.41
CA TYR B 230 -14.75 -0.63 -31.75
C TYR B 230 -16.24 -0.93 -31.77
N THR B 231 -16.98 -0.19 -32.59
CA THR B 231 -18.42 -0.40 -32.84
C THR B 231 -19.28 -0.02 -31.64
N GLN B 232 -20.47 0.50 -31.91
CA GLN B 232 -21.44 0.85 -30.88
C GLN B 232 -22.82 0.35 -31.28
N LEU B 233 -23.70 0.23 -30.28
CA LEU B 233 -25.08 -0.14 -30.49
C LEU B 233 -25.98 0.76 -29.65
N ASN B 234 -27.24 0.85 -30.06
CA ASN B 234 -28.23 1.69 -29.39
C ASN B 234 -29.51 0.90 -29.21
N LYS B 235 -30.03 0.88 -27.97
CA LYS B 235 -31.23 0.10 -27.71
C LYS B 235 -32.42 0.65 -28.49
N GLY B 236 -32.56 1.97 -28.55
CA GLY B 236 -33.61 2.56 -29.35
C GLY B 236 -34.99 2.22 -28.83
N GLY B 237 -35.69 1.32 -29.53
CA GLY B 237 -37.05 1.00 -29.14
C GLY B 237 -37.46 -0.47 -29.09
N GLN B 238 -36.61 -1.40 -29.54
CA GLN B 238 -36.98 -2.80 -29.46
C GLN B 238 -36.89 -3.29 -28.03
N ASP B 239 -37.60 -4.38 -27.76
CA ASP B 239 -37.67 -4.97 -26.42
C ASP B 239 -36.34 -5.63 -26.06
N ARG B 240 -36.30 -6.23 -24.87
CA ARG B 240 -35.05 -6.79 -24.35
C ARG B 240 -34.55 -7.95 -25.22
N GLN B 241 -35.46 -8.80 -25.70
CA GLN B 241 -35.05 -9.98 -26.46
C GLN B 241 -34.35 -9.59 -27.76
N THR B 242 -34.91 -8.61 -28.49
CA THR B 242 -34.34 -8.21 -29.76
C THR B 242 -32.98 -7.52 -29.56
N PHE B 243 -32.86 -6.67 -28.54
CA PHE B 243 -31.57 -6.04 -28.26
C PHE B 243 -30.54 -7.08 -27.84
N PHE B 244 -30.96 -8.08 -27.06
CA PHE B 244 -30.04 -9.14 -26.67
C PHE B 244 -29.59 -9.94 -27.88
N GLN B 245 -30.48 -10.17 -28.85
CA GLN B 245 -30.09 -10.85 -30.07
C GLN B 245 -29.15 -10.00 -30.91
N ASP B 246 -29.34 -8.68 -30.92
CA ASP B 246 -28.42 -7.80 -31.62
C ASP B 246 -27.02 -7.84 -30.99
N ILE B 247 -26.96 -7.82 -29.65
CA ILE B 247 -25.68 -7.97 -28.97
C ILE B 247 -25.07 -9.33 -29.24
N MET B 248 -25.91 -10.37 -29.28
CA MET B 248 -25.51 -11.69 -29.74
C MET B 248 -24.78 -11.63 -31.06
N LYS B 249 -25.42 -11.04 -32.08
CA LYS B 249 -24.81 -11.02 -33.42
C LYS B 249 -23.53 -10.19 -33.42
N THR B 250 -23.56 -9.02 -32.77
CA THR B 250 -22.39 -8.15 -32.79
C THR B 250 -21.20 -8.79 -32.11
N GLN B 251 -21.41 -9.46 -30.98
CA GLN B 251 -20.31 -10.15 -30.32
C GLN B 251 -19.86 -11.36 -31.13
N GLY B 252 -20.79 -12.00 -31.84
CA GLY B 252 -20.43 -13.11 -32.70
C GLY B 252 -19.62 -12.70 -33.92
N VAL B 253 -19.72 -11.44 -34.34
CA VAL B 253 -18.92 -10.97 -35.47
C VAL B 253 -17.44 -11.09 -35.17
N LEU B 254 -17.02 -10.69 -33.98
CA LEU B 254 -15.61 -10.76 -33.59
C LEU B 254 -15.10 -12.19 -33.58
N HIS C 9 -8.97 -46.06 -19.41
CA HIS C 9 -10.21 -45.41 -19.95
C HIS C 9 -10.98 -44.73 -18.82
N VAL C 10 -11.80 -43.71 -19.14
CA VAL C 10 -12.56 -42.91 -18.14
C VAL C 10 -11.62 -42.62 -16.96
N ILE C 11 -10.50 -41.94 -17.23
CA ILE C 11 -9.48 -41.65 -16.18
C ILE C 11 -10.09 -40.77 -15.09
N LEU C 12 -11.27 -40.18 -15.33
CA LEU C 12 -11.94 -39.37 -14.31
C LEU C 12 -13.42 -39.75 -14.29
N GLU C 13 -13.97 -39.88 -13.09
CA GLU C 13 -15.33 -40.36 -12.94
C GLU C 13 -15.97 -39.70 -11.72
N ALA C 14 -17.26 -39.39 -11.81
CA ALA C 14 -17.99 -38.76 -10.73
C ALA C 14 -19.41 -39.31 -10.69
N ASN C 15 -20.01 -39.32 -9.50
CA ASN C 15 -21.36 -39.83 -9.28
C ASN C 15 -22.05 -39.02 -8.21
N LYS C 16 -22.99 -38.15 -8.64
CA LYS C 16 -23.88 -37.43 -7.74
C LYS C 16 -23.11 -36.65 -6.67
N ILE C 17 -22.07 -35.94 -7.10
CA ILE C 17 -21.30 -35.14 -6.15
C ILE C 17 -22.10 -33.92 -5.74
N ARG C 18 -22.15 -33.66 -4.43
CA ARG C 18 -22.96 -32.61 -3.87
C ARG C 18 -22.14 -31.80 -2.87
N LYS C 19 -22.31 -30.48 -2.88
CA LYS C 19 -21.55 -29.61 -2.00
C LYS C 19 -22.41 -28.42 -1.60
N SER C 20 -22.40 -28.09 -0.32
CA SER C 20 -23.13 -26.94 0.22
C SER C 20 -22.24 -26.19 1.19
N TYR C 21 -22.33 -24.86 1.16
CA TYR C 21 -21.56 -23.98 2.02
C TYR C 21 -22.44 -23.35 3.07
N GLY C 22 -21.80 -22.68 4.03
CA GLY C 22 -22.50 -22.11 5.17
C GLY C 22 -22.64 -23.11 6.29
N ASN C 23 -23.07 -22.60 7.44
CA ASN C 23 -23.24 -23.43 8.62
C ASN C 23 -24.51 -23.03 9.36
N LYS C 24 -25.29 -24.04 9.77
CA LYS C 24 -26.44 -23.86 10.64
C LYS C 24 -27.42 -22.83 10.11
N LEU C 25 -27.32 -21.59 10.62
CA LEU C 25 -28.29 -20.55 10.28
C LEU C 25 -28.26 -20.23 8.79
N ASN C 26 -27.09 -19.89 8.26
CA ASN C 26 -26.93 -19.63 6.85
C ASN C 26 -26.43 -20.88 6.11
N LYS C 27 -27.15 -21.26 5.06
CA LYS C 27 -26.83 -22.46 4.29
C LYS C 27 -27.17 -22.20 2.84
N GLN C 28 -26.24 -22.53 1.94
CA GLN C 28 -26.48 -22.48 0.51
C GLN C 28 -25.85 -23.69 -0.14
N GLU C 29 -26.51 -24.21 -1.18
CA GLU C 29 -26.08 -25.41 -1.88
C GLU C 29 -25.88 -25.08 -3.35
N VAL C 30 -24.62 -25.02 -3.78
CA VAL C 30 -24.29 -24.58 -5.13
C VAL C 30 -23.98 -25.75 -6.07
N LEU C 31 -23.84 -26.97 -5.56
CA LEU C 31 -23.65 -28.16 -6.39
C LEU C 31 -24.77 -29.13 -6.09
N LYS C 32 -25.59 -29.42 -7.11
CA LYS C 32 -26.79 -30.24 -6.96
C LYS C 32 -26.79 -31.31 -8.05
N GLY C 33 -26.21 -32.47 -7.76
CA GLY C 33 -26.27 -33.60 -8.67
C GLY C 33 -25.45 -33.45 -9.94
N ILE C 34 -24.13 -33.51 -9.82
CA ILE C 34 -23.24 -33.44 -10.97
C ILE C 34 -22.72 -34.83 -11.27
N ASP C 35 -22.82 -35.24 -12.54
CA ASP C 35 -22.31 -36.52 -13.00
C ASP C 35 -21.45 -36.27 -14.23
N ILE C 36 -20.15 -36.52 -14.12
CA ILE C 36 -19.20 -36.31 -15.21
C ILE C 36 -18.44 -37.60 -15.45
N HIS C 37 -18.14 -37.88 -16.72
CA HIS C 37 -17.43 -39.07 -17.16
C HIS C 37 -16.32 -38.71 -18.14
N ILE C 38 -15.48 -37.74 -17.76
CA ILE C 38 -14.42 -37.26 -18.65
C ILE C 38 -13.52 -38.42 -19.04
N GLU C 39 -13.22 -38.52 -20.33
CA GLU C 39 -12.47 -39.64 -20.89
C GLU C 39 -10.99 -39.28 -21.03
N LYS C 40 -10.15 -40.29 -20.90
CA LYS C 40 -8.71 -40.11 -21.00
C LYS C 40 -8.31 -39.52 -22.36
N GLY C 41 -7.40 -38.55 -22.32
CA GLY C 41 -6.83 -38.00 -23.53
C GLY C 41 -7.65 -36.94 -24.23
N GLU C 42 -8.74 -36.49 -23.63
CA GLU C 42 -9.65 -35.54 -24.26
C GLU C 42 -9.48 -34.16 -23.65
N PHE C 43 -9.37 -33.15 -24.51
CA PHE C 43 -9.08 -31.77 -24.09
C PHE C 43 -10.39 -31.11 -23.65
N VAL C 44 -11.00 -31.70 -22.63
CA VAL C 44 -12.35 -31.32 -22.22
C VAL C 44 -12.35 -29.91 -21.64
N SER C 45 -13.52 -29.29 -21.65
CA SER C 45 -13.70 -27.97 -21.06
C SER C 45 -15.01 -27.91 -20.31
N ILE C 46 -15.19 -26.85 -19.53
CA ILE C 46 -16.44 -26.55 -18.85
C ILE C 46 -16.74 -25.08 -19.09
N MET C 47 -17.97 -24.79 -19.53
CA MET C 47 -18.36 -23.45 -19.91
C MET C 47 -19.62 -23.04 -19.16
N GLY C 48 -19.68 -21.78 -18.76
CA GLY C 48 -20.84 -21.26 -18.07
C GLY C 48 -20.59 -19.87 -17.51
N ALA C 49 -21.66 -19.16 -17.16
CA ALA C 49 -21.52 -17.81 -16.64
C ALA C 49 -20.86 -17.83 -15.27
N SER C 50 -20.36 -16.67 -14.87
CA SER C 50 -19.68 -16.55 -13.59
C SER C 50 -20.66 -16.79 -12.45
N GLY C 51 -20.14 -17.30 -11.33
CA GLY C 51 -20.97 -17.56 -10.18
C GLY C 51 -21.94 -18.72 -10.33
N SER C 52 -21.60 -19.71 -11.15
CA SER C 52 -22.43 -20.90 -11.34
C SER C 52 -21.80 -22.14 -10.74
N GLY C 53 -20.72 -22.00 -9.97
CA GLY C 53 -20.08 -23.15 -9.35
C GLY C 53 -19.10 -23.88 -10.25
N LYS C 54 -18.11 -23.15 -10.78
CA LYS C 54 -17.07 -23.74 -11.62
C LYS C 54 -15.81 -24.05 -10.83
N THR C 55 -15.24 -23.05 -10.17
CA THR C 55 -14.02 -23.28 -9.40
C THR C 55 -14.29 -24.21 -8.22
N THR C 56 -15.52 -24.24 -7.71
CA THR C 56 -15.86 -25.22 -6.68
C THR C 56 -15.79 -26.64 -7.24
N LEU C 57 -16.28 -26.82 -8.48
CA LEU C 57 -16.16 -28.12 -9.14
C LEU C 57 -14.70 -28.50 -9.35
N LEU C 58 -13.88 -27.53 -9.75
CA LEU C 58 -12.45 -27.81 -9.95
C LEU C 58 -11.78 -28.19 -8.63
N ASN C 59 -12.13 -27.50 -7.54
CA ASN C 59 -11.57 -27.84 -6.24
C ASN C 59 -11.99 -29.24 -5.80
N VAL C 60 -13.27 -29.57 -6.01
CA VAL C 60 -13.77 -30.87 -5.57
C VAL C 60 -13.15 -32.00 -6.37
N LEU C 61 -13.05 -31.83 -7.70
CA LEU C 61 -12.52 -32.89 -8.55
C LEU C 61 -11.05 -33.17 -8.26
N SER C 62 -10.35 -32.19 -7.70
CA SER C 62 -8.91 -32.31 -7.44
C SER C 62 -8.59 -32.65 -6.00
N SER C 63 -9.61 -33.00 -5.20
CA SER C 63 -9.46 -33.32 -3.79
C SER C 63 -8.92 -32.15 -2.96
N ILE C 64 -8.96 -30.93 -3.50
CA ILE C 64 -8.59 -29.76 -2.72
C ILE C 64 -9.62 -29.54 -1.61
N ASP C 65 -10.89 -29.62 -1.94
CA ASP C 65 -11.97 -29.58 -0.97
C ASP C 65 -12.48 -31.00 -0.73
N GLN C 66 -13.58 -31.10 0.02
CA GLN C 66 -14.19 -32.39 0.33
C GLN C 66 -15.68 -32.33 0.00
N VAL C 67 -16.23 -33.48 -0.32
CA VAL C 67 -17.62 -33.57 -0.79
C VAL C 67 -18.55 -33.74 0.41
N SER C 68 -19.74 -33.14 0.29
CA SER C 68 -20.80 -33.46 1.23
C SER C 68 -21.37 -34.84 0.95
N HIS C 69 -21.60 -35.15 -0.32
CA HIS C 69 -22.07 -36.47 -0.74
C HIS C 69 -21.63 -36.69 -2.19
N GLY C 70 -21.03 -37.84 -2.45
CA GLY C 70 -20.59 -38.20 -3.78
C GLY C 70 -19.29 -38.99 -3.73
N THR C 71 -19.00 -39.67 -4.84
CA THR C 71 -17.80 -40.47 -4.98
C THR C 71 -17.10 -40.11 -6.28
N ILE C 72 -15.81 -39.82 -6.20
CA ILE C 72 -14.99 -39.50 -7.36
C ILE C 72 -13.84 -40.51 -7.43
N HIS C 73 -13.69 -41.16 -8.59
CA HIS C 73 -12.70 -42.21 -8.78
C HIS C 73 -11.80 -41.86 -9.95
N ILE C 74 -10.49 -41.92 -9.73
CA ILE C 74 -9.49 -41.63 -10.76
C ILE C 74 -8.55 -42.84 -10.87
N ASN C 75 -8.43 -43.36 -12.08
CA ASN C 75 -7.50 -44.45 -12.41
C ASN C 75 -7.71 -45.68 -11.53
N GLY C 76 -8.96 -45.99 -11.18
CA GLY C 76 -9.29 -47.17 -10.41
C GLY C 76 -9.28 -46.96 -8.91
N ASN C 77 -8.73 -45.84 -8.44
CA ASN C 77 -8.70 -45.55 -7.02
C ASN C 77 -9.94 -44.77 -6.60
N ASP C 78 -10.06 -44.54 -5.29
CA ASP C 78 -11.10 -43.70 -4.74
C ASP C 78 -10.48 -42.49 -4.05
N MET C 79 -11.22 -41.37 -4.06
CA MET C 79 -10.72 -40.13 -3.48
C MET C 79 -11.38 -39.77 -2.15
N THR C 80 -12.61 -40.19 -1.92
CA THR C 80 -13.38 -39.73 -0.77
C THR C 80 -13.04 -40.45 0.53
N ALA C 81 -12.17 -41.47 0.48
CA ALA C 81 -11.84 -42.27 1.66
C ALA C 81 -10.34 -42.50 1.77
N MET C 82 -9.57 -41.42 1.67
CA MET C 82 -8.12 -41.49 1.86
C MET C 82 -7.66 -40.41 2.83
N LYS C 83 -6.52 -40.66 3.47
CA LYS C 83 -5.95 -39.76 4.45
C LYS C 83 -4.97 -38.78 3.81
N GLU C 84 -4.59 -37.77 4.59
CA GLU C 84 -3.91 -36.59 4.05
C GLU C 84 -2.57 -36.93 3.41
N LYS C 85 -1.79 -37.81 4.04
CA LYS C 85 -0.45 -38.11 3.54
C LYS C 85 -0.52 -38.77 2.17
N GLN C 86 -1.32 -39.82 2.03
CA GLN C 86 -1.43 -40.50 0.74
C GLN C 86 -2.16 -39.63 -0.28
N LEU C 87 -3.10 -38.79 0.16
CA LEU C 87 -3.74 -37.86 -0.76
C LEU C 87 -2.72 -36.88 -1.35
N ALA C 88 -1.83 -36.35 -0.51
CA ALA C 88 -0.80 -35.45 -1.00
C ALA C 88 0.18 -36.17 -1.92
N GLU C 89 0.54 -37.41 -1.57
CA GLU C 89 1.43 -38.19 -2.44
C GLU C 89 0.80 -38.43 -3.80
N PHE C 90 -0.49 -38.77 -3.81
CA PHE C 90 -1.19 -38.98 -5.08
C PHE C 90 -1.31 -37.67 -5.86
N ARG C 91 -1.55 -36.56 -5.16
CA ARG C 91 -1.62 -35.26 -5.82
C ARG C 91 -0.30 -34.91 -6.49
N LYS C 92 0.81 -35.21 -5.82
CA LYS C 92 2.11 -35.07 -6.47
C LYS C 92 2.23 -35.96 -7.69
N GLN C 93 1.91 -37.25 -7.54
CA GLN C 93 2.30 -38.24 -8.54
C GLN C 93 1.45 -38.16 -9.80
N HIS C 94 0.13 -38.02 -9.65
CA HIS C 94 -0.81 -38.07 -10.77
C HIS C 94 -1.62 -36.79 -10.94
N LEU C 95 -1.02 -35.62 -10.71
CA LEU C 95 -1.74 -34.37 -10.92
C LEU C 95 -0.77 -33.25 -11.28
N GLY C 96 -1.25 -32.32 -12.11
CA GLY C 96 -0.54 -31.10 -12.45
C GLY C 96 -1.50 -29.94 -12.47
N PHE C 97 -1.04 -28.75 -12.06
CA PHE C 97 -1.95 -27.64 -11.79
C PHE C 97 -1.52 -26.38 -12.53
N ILE C 98 -2.51 -25.66 -13.04
CA ILE C 98 -2.35 -24.31 -13.57
C ILE C 98 -3.51 -23.47 -13.03
N PHE C 99 -3.24 -22.22 -12.70
CA PHE C 99 -4.28 -21.34 -12.17
C PHE C 99 -4.27 -20.03 -12.94
N GLN C 100 -5.29 -19.21 -12.67
CA GLN C 100 -5.46 -17.96 -13.43
C GLN C 100 -4.27 -17.02 -13.20
N ASP C 101 -3.84 -16.89 -11.95
CA ASP C 101 -2.72 -16.02 -11.61
C ASP C 101 -1.44 -16.83 -11.51
N TYR C 102 -0.41 -16.39 -12.22
CA TYR C 102 0.89 -17.02 -12.12
C TYR C 102 1.46 -16.87 -10.72
N ASN C 103 2.14 -17.92 -10.25
CA ASN C 103 2.77 -17.94 -8.93
C ASN C 103 4.24 -18.32 -9.10
N LEU C 104 5.07 -17.32 -9.39
CA LEU C 104 6.48 -17.50 -9.65
C LEU C 104 7.30 -16.86 -8.54
N LEU C 105 8.40 -17.50 -8.19
CA LEU C 105 9.28 -16.99 -7.14
C LEU C 105 10.26 -16.00 -7.75
N ASP C 106 10.16 -14.73 -7.38
CA ASP C 106 11.07 -13.71 -7.88
C ASP C 106 12.49 -13.88 -7.36
N THR C 107 12.69 -14.71 -6.34
CA THR C 107 14.02 -14.98 -5.81
C THR C 107 14.88 -15.81 -6.77
N LEU C 108 14.27 -16.47 -7.75
CA LEU C 108 14.95 -17.41 -8.61
C LEU C 108 14.79 -17.01 -10.07
N THR C 109 15.72 -17.44 -10.91
CA THR C 109 15.56 -17.26 -12.34
C THR C 109 14.45 -18.17 -12.86
N VAL C 110 14.11 -17.98 -14.14
CA VAL C 110 13.13 -18.84 -14.79
C VAL C 110 13.61 -20.29 -14.80
N LYS C 111 14.92 -20.48 -14.97
CA LYS C 111 15.51 -21.81 -15.10
C LYS C 111 15.17 -22.69 -13.89
N GLU C 112 15.67 -22.31 -12.71
CA GLU C 112 15.45 -23.15 -11.54
C GLU C 112 14.02 -23.04 -11.04
N ASN C 113 13.33 -21.93 -11.33
CA ASN C 113 11.93 -21.83 -10.92
C ASN C 113 11.09 -22.87 -11.64
N ILE C 114 11.35 -23.09 -12.93
CA ILE C 114 10.69 -24.20 -13.63
C ILE C 114 11.19 -25.54 -13.12
N LEU C 115 12.49 -25.66 -12.88
CA LEU C 115 13.03 -26.97 -12.53
C LEU C 115 12.77 -27.39 -11.07
N LEU C 116 12.19 -26.50 -10.25
CA LEU C 116 12.02 -26.77 -8.83
C LEU C 116 11.28 -28.07 -8.51
N PRO C 117 10.12 -28.39 -9.09
CA PRO C 117 9.41 -29.61 -8.65
C PRO C 117 10.15 -30.90 -8.94
N LEU C 118 11.10 -30.89 -9.87
CA LEU C 118 11.83 -32.09 -10.25
C LEU C 118 13.19 -32.18 -9.59
N SER C 119 13.56 -31.20 -8.77
CA SER C 119 14.88 -31.16 -8.13
C SER C 119 14.91 -31.91 -6.80
N ILE C 120 13.82 -32.55 -6.40
CA ILE C 120 13.75 -33.23 -5.11
C ILE C 120 13.46 -34.72 -5.28
N THR C 121 13.68 -35.26 -6.48
CA THR C 121 13.35 -36.65 -6.77
C THR C 121 14.57 -37.55 -6.78
N LYS C 122 15.72 -37.06 -6.31
CA LYS C 122 16.96 -37.84 -6.25
C LYS C 122 17.34 -38.35 -7.64
N LEU C 123 17.58 -37.41 -8.54
CA LEU C 123 17.85 -37.70 -9.94
C LEU C 123 19.09 -36.95 -10.40
N SER C 124 19.72 -37.47 -11.45
CA SER C 124 20.87 -36.81 -12.04
C SER C 124 20.46 -35.47 -12.63
N LYS C 125 21.38 -34.49 -12.54
CA LYS C 125 21.07 -33.15 -13.00
C LYS C 125 20.89 -33.09 -14.52
N LYS C 126 21.61 -33.94 -15.25
CA LYS C 126 21.59 -33.90 -16.71
C LYS C 126 20.22 -34.28 -17.28
N GLU C 127 19.55 -35.24 -16.64
CA GLU C 127 18.20 -35.62 -17.10
C GLU C 127 17.24 -34.45 -16.97
N ALA C 128 17.23 -33.80 -15.81
CA ALA C 128 16.39 -32.62 -15.62
C ALA C 128 16.79 -31.52 -16.59
N ASN C 129 18.10 -31.42 -16.89
CA ASN C 129 18.56 -30.39 -17.80
C ASN C 129 17.95 -30.57 -19.19
N ARG C 130 18.05 -31.77 -19.78
CA ARG C 130 17.50 -31.85 -21.13
C ARG C 130 15.98 -31.99 -21.10
N LYS C 131 15.39 -32.36 -19.96
CA LYS C 131 13.94 -32.29 -19.85
C LYS C 131 13.45 -30.86 -19.93
N PHE C 132 14.06 -29.96 -19.15
CA PHE C 132 13.75 -28.54 -19.28
C PHE C 132 14.08 -28.03 -20.67
N GLU C 133 15.15 -28.56 -21.27
CA GLU C 133 15.52 -28.16 -22.62
C GLU C 133 14.39 -28.43 -23.61
N GLU C 134 13.86 -29.66 -23.58
CA GLU C 134 12.75 -30.02 -24.47
C GLU C 134 11.50 -29.19 -24.17
N VAL C 135 11.19 -29.01 -22.88
CA VAL C 135 9.98 -28.26 -22.52
C VAL C 135 10.09 -26.81 -23.01
N ALA C 136 11.25 -26.18 -22.79
CA ALA C 136 11.44 -24.80 -23.21
C ALA C 136 11.41 -24.68 -24.73
N LYS C 137 12.03 -25.62 -25.44
CA LYS C 137 11.99 -25.55 -26.90
C LYS C 137 10.57 -25.67 -27.42
N GLU C 138 9.76 -26.56 -26.83
CA GLU C 138 8.37 -26.64 -27.22
C GLU C 138 7.62 -25.35 -26.92
N LEU C 139 7.86 -24.76 -25.74
CA LEU C 139 7.18 -23.53 -25.37
C LEU C 139 7.88 -22.27 -25.89
N GLY C 140 9.06 -22.41 -26.48
CA GLY C 140 9.74 -21.28 -27.09
C GLY C 140 10.12 -20.18 -26.13
N ILE C 141 10.66 -20.54 -24.97
CA ILE C 141 11.11 -19.57 -23.98
C ILE C 141 12.54 -19.93 -23.57
N TYR C 142 13.24 -20.62 -24.47
CA TYR C 142 14.58 -21.12 -24.16
C TYR C 142 15.55 -19.98 -23.86
N GLU C 143 15.42 -18.87 -24.58
CA GLU C 143 16.46 -17.84 -24.53
C GLU C 143 16.52 -17.14 -23.18
N LEU C 144 15.40 -17.06 -22.45
CA LEU C 144 15.34 -16.32 -21.20
C LEU C 144 15.71 -17.17 -19.98
N ARG C 145 16.55 -18.20 -20.17
CA ARG C 145 16.87 -19.10 -19.07
C ARG C 145 17.52 -18.36 -17.91
N ASP C 146 18.38 -17.38 -18.21
CA ASP C 146 19.17 -16.69 -17.20
C ASP C 146 18.65 -15.29 -16.91
N LYS C 147 17.33 -15.10 -16.92
CA LYS C 147 16.72 -13.81 -16.61
C LYS C 147 15.76 -13.96 -15.43
N TYR C 148 15.79 -12.97 -14.54
CA TYR C 148 14.86 -12.94 -13.43
C TYR C 148 13.44 -12.69 -13.94
N PRO C 149 12.42 -13.16 -13.20
CA PRO C 149 11.04 -13.00 -13.68
C PRO C 149 10.49 -11.60 -13.49
N ASN C 150 11.35 -10.64 -13.14
CA ASN C 150 10.96 -9.25 -12.99
C ASN C 150 11.33 -8.41 -14.20
N GLU C 151 11.78 -9.04 -15.30
CA GLU C 151 12.23 -8.32 -16.48
C GLU C 151 11.72 -8.97 -17.76
N ILE C 152 10.62 -9.70 -17.71
CA ILE C 152 10.09 -10.41 -18.86
C ILE C 152 8.61 -10.07 -19.03
N SER C 153 8.10 -10.33 -20.24
CA SER C 153 6.74 -9.99 -20.57
C SER C 153 5.75 -10.92 -19.86
N GLY C 154 4.51 -10.44 -19.71
CA GLY C 154 3.51 -11.19 -18.98
C GLY C 154 3.20 -12.54 -19.63
N GLY C 155 3.09 -12.56 -20.96
CA GLY C 155 2.86 -13.82 -21.64
C GLY C 155 3.96 -14.82 -21.42
N GLN C 156 5.21 -14.35 -21.38
CA GLN C 156 6.34 -15.23 -21.10
C GLN C 156 6.27 -15.77 -19.67
N LYS C 157 5.88 -14.95 -18.71
CA LYS C 157 5.69 -15.44 -17.34
C LYS C 157 4.60 -16.51 -17.29
N GLN C 158 3.49 -16.28 -18.01
CA GLN C 158 2.41 -17.26 -18.02
C GLN C 158 2.86 -18.57 -18.66
N ARG C 159 3.62 -18.49 -19.75
CA ARG C 159 4.12 -19.71 -20.39
C ARG C 159 5.13 -20.42 -19.50
N THR C 160 5.92 -19.68 -18.73
CA THR C 160 6.79 -20.30 -17.75
C THR C 160 6.00 -21.04 -16.68
N SER C 161 4.94 -20.42 -16.18
CA SER C 161 4.08 -21.10 -15.21
C SER C 161 3.46 -22.35 -15.80
N ALA C 162 3.00 -22.27 -17.05
CA ALA C 162 2.43 -23.44 -17.71
C ALA C 162 3.46 -24.55 -17.88
N GLY C 163 4.68 -24.20 -18.29
CA GLY C 163 5.74 -25.18 -18.45
C GLY C 163 6.20 -25.80 -17.14
N ARG C 164 6.01 -25.08 -16.03
CA ARG C 164 6.27 -25.70 -14.74
C ARG C 164 5.36 -26.90 -14.50
N ALA C 165 4.10 -26.80 -14.93
CA ALA C 165 3.14 -27.88 -14.72
C ALA C 165 3.38 -29.09 -15.61
N PHE C 166 4.28 -29.00 -16.58
CA PHE C 166 4.51 -30.10 -17.52
C PHE C 166 5.82 -30.84 -17.30
N ILE C 167 6.73 -30.31 -16.49
CA ILE C 167 8.06 -30.90 -16.38
C ILE C 167 7.99 -32.28 -15.71
N HIS C 168 7.18 -32.41 -14.65
CA HIS C 168 7.13 -33.64 -13.88
C HIS C 168 6.20 -34.69 -14.47
N ASP C 169 5.70 -34.48 -15.69
CA ASP C 169 4.91 -35.45 -16.44
C ASP C 169 3.68 -35.92 -15.65
N PRO C 170 2.71 -35.04 -15.39
CA PRO C 170 1.51 -35.47 -14.66
C PRO C 170 0.56 -36.24 -15.57
N SER C 171 -0.08 -37.26 -14.99
CA SER C 171 -1.04 -38.05 -15.75
C SER C 171 -2.24 -37.21 -16.16
N ILE C 172 -2.75 -36.38 -15.25
CA ILE C 172 -3.91 -35.53 -15.51
C ILE C 172 -3.56 -34.10 -15.12
N ILE C 173 -3.82 -33.16 -16.02
CA ILE C 173 -3.57 -31.75 -15.78
C ILE C 173 -4.90 -31.05 -15.56
N PHE C 174 -4.95 -30.20 -14.54
CA PHE C 174 -6.08 -29.31 -14.33
C PHE C 174 -5.66 -27.88 -14.60
N ALA C 175 -6.65 -27.00 -14.69
CA ALA C 175 -6.39 -25.59 -14.97
C ALA C 175 -7.61 -24.77 -14.61
N ASP C 176 -7.38 -23.52 -14.24
CA ASP C 176 -8.43 -22.52 -14.17
C ASP C 176 -8.44 -21.75 -15.49
N GLU C 177 -9.16 -20.63 -15.54
CA GLU C 177 -9.15 -19.78 -16.73
C GLU C 177 -7.75 -19.20 -16.93
N PRO C 178 -7.01 -19.66 -17.94
CA PRO C 178 -5.61 -19.25 -18.10
C PRO C 178 -5.39 -18.06 -19.01
N THR C 179 -6.43 -17.37 -19.46
CA THR C 179 -6.30 -16.24 -20.36
C THR C 179 -6.92 -14.98 -19.77
N GLY C 180 -6.99 -14.90 -18.45
CA GLY C 180 -7.56 -13.73 -17.80
C GLY C 180 -6.62 -12.57 -17.63
N ALA C 181 -5.33 -12.77 -17.89
CA ALA C 181 -4.34 -11.70 -17.78
C ALA C 181 -3.54 -11.50 -19.05
N LEU C 182 -3.71 -12.35 -20.05
CA LEU C 182 -2.92 -12.28 -21.28
C LEU C 182 -3.58 -11.37 -22.30
N ASP C 183 -2.82 -11.06 -23.35
CA ASP C 183 -3.34 -10.35 -24.50
C ASP C 183 -3.98 -11.33 -25.48
N SER C 184 -4.63 -10.80 -26.51
CA SER C 184 -5.26 -11.66 -27.50
C SER C 184 -4.24 -12.54 -28.22
N LYS C 185 -3.14 -11.94 -28.66
CA LYS C 185 -2.09 -12.70 -29.34
C LYS C 185 -1.49 -13.74 -28.42
N SER C 186 -1.15 -13.34 -27.19
CA SER C 186 -0.56 -14.28 -26.25
C SER C 186 -1.54 -15.37 -25.86
N ALA C 187 -2.82 -15.03 -25.69
CA ALA C 187 -3.82 -16.04 -25.37
C ALA C 187 -3.94 -17.06 -26.50
N SER C 188 -3.99 -16.58 -27.74
CA SER C 188 -4.08 -17.49 -28.88
C SER C 188 -2.84 -18.38 -28.96
N ASP C 189 -1.66 -17.81 -28.75
CA ASP C 189 -0.43 -18.58 -28.81
C ASP C 189 -0.42 -19.66 -27.72
N LEU C 190 -0.80 -19.29 -26.51
CA LEU C 190 -0.81 -20.25 -25.40
C LEU C 190 -1.81 -21.37 -25.64
N LEU C 191 -3.00 -21.03 -26.12
CA LEU C 191 -3.99 -22.07 -26.40
C LEU C 191 -3.52 -22.99 -27.53
N ASN C 192 -2.86 -22.42 -28.54
CA ASN C 192 -2.34 -23.24 -29.63
C ASN C 192 -1.29 -24.21 -29.12
N LYS C 193 -0.38 -23.75 -28.25
CA LYS C 193 0.66 -24.64 -27.74
C LYS C 193 0.07 -25.70 -26.80
N LEU C 194 -0.95 -25.33 -26.02
CA LEU C 194 -1.63 -26.33 -25.20
C LEU C 194 -2.26 -27.41 -26.09
N SER C 195 -2.92 -26.99 -27.18
CA SER C 195 -3.50 -27.95 -28.10
C SER C 195 -2.43 -28.84 -28.70
N GLN C 196 -1.27 -28.27 -29.04
CA GLN C 196 -0.18 -29.07 -29.59
C GLN C 196 0.33 -30.08 -28.57
N LEU C 197 0.47 -29.68 -27.31
CA LEU C 197 0.88 -30.60 -26.26
C LEU C 197 -0.20 -31.59 -25.87
N ASN C 198 -1.44 -31.43 -26.35
CA ASN C 198 -2.48 -32.41 -26.07
C ASN C 198 -2.08 -33.79 -26.60
N GLN C 199 -1.70 -33.86 -27.87
CA GLN C 199 -1.50 -35.16 -28.52
C GLN C 199 -0.05 -35.63 -28.56
N LYS C 200 0.93 -34.79 -28.20
CA LYS C 200 2.29 -35.28 -28.12
C LYS C 200 2.44 -36.32 -27.01
N ARG C 201 2.19 -35.90 -25.77
CA ARG C 201 2.08 -36.81 -24.64
C ARG C 201 0.65 -36.76 -24.15
N ASN C 202 0.04 -37.94 -23.97
CA ASN C 202 -1.39 -38.02 -23.69
C ASN C 202 -1.66 -37.54 -22.27
N ALA C 203 -2.12 -36.29 -22.17
CA ALA C 203 -2.48 -35.68 -20.90
C ALA C 203 -3.86 -35.04 -21.03
N THR C 204 -4.75 -35.36 -20.11
CA THR C 204 -6.12 -34.86 -20.15
C THR C 204 -6.15 -33.47 -19.52
N ILE C 205 -6.00 -32.44 -20.34
CA ILE C 205 -6.10 -31.07 -19.87
C ILE C 205 -7.58 -30.74 -19.70
N ILE C 206 -7.98 -30.43 -18.47
CA ILE C 206 -9.37 -30.11 -18.15
C ILE C 206 -9.40 -28.63 -17.81
N MET C 207 -9.63 -27.80 -18.82
CA MET C 207 -9.75 -26.37 -18.57
C MET C 207 -11.10 -26.05 -17.95
N VAL C 208 -11.19 -24.86 -17.36
CA VAL C 208 -12.43 -24.32 -16.83
C VAL C 208 -12.47 -22.85 -17.22
N THR C 209 -13.30 -22.51 -18.20
CA THR C 209 -13.34 -21.15 -18.74
C THR C 209 -14.77 -20.69 -18.86
N HIS C 210 -14.94 -19.41 -19.19
CA HIS C 210 -16.26 -18.85 -19.48
C HIS C 210 -16.20 -18.02 -20.76
N ASP C 211 -15.31 -18.38 -21.67
CA ASP C 211 -15.06 -17.60 -22.89
C ASP C 211 -15.25 -18.50 -24.09
N PRO C 212 -16.12 -18.16 -25.05
CA PRO C 212 -16.43 -19.10 -26.13
C PRO C 212 -15.26 -19.40 -27.04
N VAL C 213 -14.56 -18.38 -27.54
CA VAL C 213 -13.44 -18.63 -28.43
C VAL C 213 -12.31 -19.35 -27.68
N ALA C 214 -12.23 -19.17 -26.36
CA ALA C 214 -11.28 -19.95 -25.57
C ALA C 214 -11.61 -21.43 -25.61
N ALA C 215 -12.88 -21.78 -25.45
CA ALA C 215 -13.31 -23.17 -25.49
C ALA C 215 -13.40 -23.72 -26.91
N SER C 216 -13.28 -22.87 -27.93
CA SER C 216 -13.33 -23.33 -29.31
C SER C 216 -12.20 -24.29 -29.64
N TYR C 217 -11.07 -24.22 -28.92
CA TYR C 217 -9.95 -25.11 -29.15
C TYR C 217 -10.18 -26.50 -28.55
N CYS C 218 -11.20 -26.66 -27.72
CA CYS C 218 -11.48 -27.92 -27.06
C CYS C 218 -12.26 -28.84 -27.99
N GLY C 219 -12.71 -29.98 -27.48
CA GLY C 219 -13.50 -30.89 -28.29
C GLY C 219 -14.64 -31.56 -27.53
N ARG C 220 -14.79 -31.24 -26.25
CA ARG C 220 -15.83 -31.86 -25.42
C ARG C 220 -16.48 -30.81 -24.53
N VAL C 221 -16.89 -29.70 -25.11
CA VAL C 221 -17.50 -28.62 -24.34
C VAL C 221 -18.69 -29.16 -23.55
N ILE C 222 -18.69 -28.90 -22.24
CA ILE C 222 -19.75 -29.35 -21.34
C ILE C 222 -20.24 -28.14 -20.56
N PHE C 223 -21.51 -27.81 -20.71
CA PHE C 223 -22.06 -26.59 -20.14
C PHE C 223 -22.47 -26.80 -18.68
N ILE C 224 -22.83 -25.70 -18.03
CA ILE C 224 -23.35 -25.71 -16.67
C ILE C 224 -24.15 -24.43 -16.48
N LYS C 225 -25.21 -24.52 -15.68
CA LYS C 225 -26.13 -23.39 -15.54
C LYS C 225 -26.14 -22.80 -14.13
N ASP C 226 -26.50 -23.59 -13.11
CA ASP C 226 -26.47 -23.09 -11.74
C ASP C 226 -26.03 -24.16 -10.75
N GLY C 227 -25.40 -25.23 -11.22
CA GLY C 227 -25.08 -26.35 -10.36
C GLY C 227 -25.63 -27.65 -10.92
N GLN C 228 -25.93 -27.65 -12.21
CA GLN C 228 -26.40 -28.85 -12.89
C GLN C 228 -26.08 -28.71 -14.37
N MET C 229 -25.44 -29.73 -14.94
CA MET C 229 -25.04 -29.68 -16.34
C MET C 229 -26.25 -29.77 -17.26
N TYR C 230 -26.13 -29.17 -18.44
CA TYR C 230 -27.23 -29.10 -19.41
C TYR C 230 -26.95 -29.88 -20.69
N THR C 231 -25.84 -29.57 -21.38
CA THR C 231 -25.64 -30.11 -22.72
C THR C 231 -24.29 -30.82 -22.87
N GLN C 232 -23.95 -31.17 -24.11
CA GLN C 232 -22.69 -31.84 -24.41
C GLN C 232 -22.45 -31.72 -25.91
N LEU C 233 -21.25 -31.30 -26.29
CA LEU C 233 -20.91 -31.12 -27.70
C LEU C 233 -19.60 -31.83 -28.01
N ASN C 234 -19.39 -32.11 -29.30
CA ASN C 234 -18.19 -32.79 -29.77
C ASN C 234 -17.66 -32.07 -31.01
N LYS C 235 -16.34 -32.14 -31.19
CA LYS C 235 -15.71 -31.48 -32.34
C LYS C 235 -16.14 -32.10 -33.66
N GLY C 236 -16.21 -33.43 -33.72
CA GLY C 236 -16.52 -34.10 -34.97
C GLY C 236 -15.41 -33.93 -35.99
N GLY C 237 -15.68 -33.14 -37.02
CA GLY C 237 -14.68 -32.84 -38.02
C GLY C 237 -14.66 -31.37 -38.41
N GLN C 238 -15.26 -30.55 -37.55
CA GLN C 238 -15.38 -29.13 -37.85
C GLN C 238 -14.03 -28.43 -37.73
N ASP C 239 -13.95 -27.24 -38.34
CA ASP C 239 -12.68 -26.54 -38.54
C ASP C 239 -12.48 -25.37 -37.58
N ARG C 240 -12.90 -25.52 -36.31
CA ARG C 240 -12.58 -24.60 -35.22
C ARG C 240 -13.36 -23.29 -35.35
N GLN C 241 -14.06 -23.10 -36.47
CA GLN C 241 -14.87 -21.89 -36.67
C GLN C 241 -16.35 -22.17 -36.62
N THR C 242 -16.82 -23.16 -37.40
CA THR C 242 -18.21 -23.59 -37.26
C THR C 242 -18.48 -24.13 -35.86
N PHE C 243 -17.46 -24.72 -35.22
CA PHE C 243 -17.62 -25.13 -33.83
C PHE C 243 -17.80 -23.92 -32.92
N PHE C 244 -17.07 -22.83 -33.18
CA PHE C 244 -17.30 -21.60 -32.43
C PHE C 244 -18.72 -21.09 -32.64
N GLN C 245 -19.20 -21.13 -33.89
CA GLN C 245 -20.57 -20.71 -34.15
C GLN C 245 -21.57 -21.54 -33.35
N ASP C 246 -21.44 -22.87 -33.42
CA ASP C 246 -22.37 -23.73 -32.72
C ASP C 246 -22.32 -23.52 -31.21
N ILE C 247 -21.10 -23.42 -30.66
CA ILE C 247 -20.95 -23.22 -29.22
C ILE C 247 -21.59 -21.91 -28.80
N MET C 248 -21.33 -20.83 -29.55
CA MET C 248 -21.75 -19.52 -29.06
C MET C 248 -23.27 -19.38 -29.21
N LYS C 249 -23.84 -19.95 -30.28
CA LYS C 249 -25.30 -19.96 -30.40
C LYS C 249 -25.96 -20.81 -29.32
N THR C 250 -25.40 -21.99 -29.00
CA THR C 250 -26.04 -22.79 -27.96
C THR C 250 -25.85 -22.16 -26.59
N GLN C 251 -24.83 -21.30 -26.43
CA GLN C 251 -24.76 -20.45 -25.24
C GLN C 251 -25.85 -19.39 -25.27
N GLY C 252 -26.09 -18.78 -26.43
CA GLY C 252 -27.16 -17.80 -26.57
C GLY C 252 -28.54 -18.35 -26.37
N VAL C 253 -28.71 -19.67 -26.54
CA VAL C 253 -30.01 -20.28 -26.30
C VAL C 253 -30.44 -20.10 -24.86
N LEU C 254 -29.53 -20.34 -23.92
CA LEU C 254 -29.81 -20.18 -22.50
C LEU C 254 -29.96 -18.71 -22.12
N MET D 1 11.87 30.38 11.94
CA MET D 1 12.56 29.43 11.08
C MET D 1 13.57 28.60 11.87
N ILE D 2 13.77 28.99 13.14
CA ILE D 2 14.54 28.15 14.06
C ILE D 2 13.82 26.84 14.34
N LYS D 3 12.49 26.88 14.39
CA LYS D 3 11.71 25.73 14.82
C LYS D 3 11.92 24.52 13.92
N ALA D 4 11.96 24.74 12.60
CA ALA D 4 12.16 23.62 11.69
C ALA D 4 13.51 22.95 11.90
N PHE D 5 14.57 23.76 12.04
CA PHE D 5 15.90 23.21 12.27
C PHE D 5 15.96 22.44 13.57
N LEU D 6 15.33 22.98 14.62
CA LEU D 6 15.28 22.25 15.89
C LEU D 6 14.50 20.96 15.76
N ILE D 7 13.42 20.97 14.98
CA ILE D 7 12.59 19.77 14.81
C ILE D 7 13.39 18.67 14.14
N GLU D 8 14.06 19.00 13.03
CA GLU D 8 14.82 17.97 12.34
C GLU D 8 16.15 17.64 13.01
N ARG D 9 16.71 18.55 13.79
CA ARG D 9 17.87 18.25 14.64
C ARG D 9 17.38 18.03 16.07
N ARG D 10 16.72 16.90 16.29
CA ARG D 10 16.29 16.50 17.62
C ARG D 10 16.97 15.24 18.14
N SER D 11 17.29 14.29 17.25
CA SER D 11 17.93 13.06 17.69
C SER D 11 19.32 13.31 18.24
N TRP D 12 20.07 14.24 17.64
CA TRP D 12 21.41 14.53 18.13
C TRP D 12 21.37 15.15 19.53
N ILE D 13 20.42 16.06 19.76
CA ILE D 13 20.25 16.63 21.10
C ILE D 13 19.84 15.56 22.09
N ALA D 14 18.94 14.67 21.69
CA ALA D 14 18.55 13.56 22.56
C ALA D 14 19.75 12.70 22.92
N ALA D 15 20.60 12.40 21.95
CA ALA D 15 21.79 11.59 22.21
C ALA D 15 22.75 12.31 23.14
N PHE D 16 22.93 13.62 22.95
CA PHE D 16 23.80 14.39 23.83
C PHE D 16 23.32 14.32 25.27
N LEU D 17 22.03 14.60 25.48
CA LEU D 17 21.48 14.57 26.84
C LEU D 17 21.56 13.17 27.43
N PHE D 18 21.30 12.14 26.63
CA PHE D 18 21.38 10.77 27.15
C PHE D 18 22.81 10.42 27.55
N GLN D 19 23.80 10.83 26.76
CA GLN D 19 25.19 10.60 27.12
C GLN D 19 25.53 11.28 28.45
N GLN D 20 25.11 12.55 28.60
CA GLN D 20 25.38 13.25 29.85
C GLN D 20 24.72 12.55 31.02
N ALA D 21 23.46 12.14 30.87
CA ALA D 21 22.76 11.47 31.96
C ALA D 21 23.42 10.15 32.32
N LEU D 22 23.83 9.37 31.32
CA LEU D 22 24.44 8.08 31.59
C LEU D 22 25.77 8.23 32.34
N MET D 23 26.61 9.16 31.87
CA MET D 23 27.91 9.31 32.54
C MET D 23 27.76 9.93 33.92
N LEU D 24 26.77 10.83 34.10
CA LEU D 24 26.48 11.33 35.44
C LEU D 24 26.01 10.22 36.37
N PHE D 25 25.16 9.31 35.88
CA PHE D 25 24.69 8.20 36.70
C PHE D 25 25.83 7.29 37.10
N ILE D 26 26.72 6.96 36.15
CA ILE D 26 27.85 6.10 36.48
C ILE D 26 28.79 6.80 37.46
N ALA D 27 28.95 8.12 37.34
CA ALA D 27 29.75 8.85 38.32
C ALA D 27 29.10 8.80 39.70
N PHE D 28 27.77 8.90 39.75
CA PHE D 28 27.05 8.81 41.02
C PHE D 28 27.27 7.46 41.69
N VAL D 29 27.12 6.38 40.92
CA VAL D 29 27.19 5.05 41.52
C VAL D 29 28.59 4.72 41.97
N ASP D 30 29.59 5.06 41.16
CA ASP D 30 30.98 4.71 41.46
C ASP D 30 31.53 5.62 42.54
N PRO D 31 32.07 5.08 43.64
CA PRO D 31 32.67 5.94 44.67
C PRO D 31 34.10 6.36 44.34
N SER D 32 34.79 5.55 43.53
CA SER D 32 36.16 5.90 43.13
C SER D 32 36.17 7.18 42.30
N ILE D 33 35.20 7.34 41.41
CA ILE D 33 35.06 8.55 40.61
C ILE D 33 34.22 9.55 41.39
N SER D 34 34.72 10.77 41.49
CA SER D 34 34.06 11.81 42.29
C SER D 34 32.80 12.30 41.56
N PHE D 35 32.15 13.31 42.12
CA PHE D 35 30.89 13.81 41.58
C PHE D 35 30.90 15.30 41.27
N GLY D 36 31.48 16.12 42.14
CA GLY D 36 31.41 17.56 41.95
C GLY D 36 32.13 18.03 40.70
N ASN D 37 33.34 17.52 40.47
CA ASN D 37 34.08 17.89 39.27
C ASN D 37 33.30 17.49 38.02
N VAL D 38 32.72 16.29 38.04
CA VAL D 38 31.94 15.81 36.90
C VAL D 38 30.77 16.75 36.63
N LEU D 39 30.04 17.14 37.68
CA LEU D 39 28.89 18.03 37.49
C LEU D 39 29.32 19.39 36.94
N TYR D 40 30.36 19.98 37.52
CA TYR D 40 30.80 21.31 37.08
C TYR D 40 31.22 21.27 35.62
N MET D 41 32.01 20.26 35.23
CA MET D 41 32.51 20.24 33.87
C MET D 41 31.45 19.78 32.88
N VAL D 42 30.41 19.07 33.33
CA VAL D 42 29.25 18.84 32.47
C VAL D 42 28.53 20.15 32.18
N TYR D 43 28.37 20.99 33.21
CA TYR D 43 27.81 22.33 32.97
C TYR D 43 28.62 23.09 31.94
N LEU D 44 29.95 23.05 32.09
CA LEU D 44 30.83 23.72 31.13
C LEU D 44 30.63 23.15 29.73
N CYS D 45 30.52 21.82 29.62
CA CYS D 45 30.34 21.20 28.31
C CYS D 45 29.03 21.64 27.65
N ILE D 46 27.96 21.77 28.43
CA ILE D 46 26.68 22.21 27.86
C ILE D 46 26.80 23.65 27.36
N LEU D 47 27.39 24.53 28.17
CA LEU D 47 27.59 25.91 27.71
C LEU D 47 28.44 25.95 26.45
N PHE D 48 29.42 25.04 26.32
CA PHE D 48 30.20 24.95 25.10
C PHE D 48 29.33 24.47 23.92
N PHE D 49 28.44 23.52 24.18
CA PHE D 49 27.62 22.94 23.12
C PHE D 49 26.67 23.97 22.50
N ILE D 50 26.19 24.92 23.31
CA ILE D 50 25.21 25.89 22.81
C ILE D 50 25.77 26.67 21.63
N ILE D 51 27.03 27.12 21.73
CA ILE D 51 27.59 27.97 20.68
C ILE D 51 27.77 27.20 19.39
N PHE D 52 28.16 25.93 19.49
CA PHE D 52 28.25 25.07 18.30
C PHE D 52 26.89 24.89 17.66
N LEU D 53 25.86 24.72 18.48
CA LEU D 53 24.49 24.65 17.95
C LEU D 53 24.15 25.90 17.15
N TRP D 54 24.49 27.08 17.69
CA TRP D 54 24.19 28.32 16.98
C TRP D 54 24.92 28.38 15.65
N PHE D 55 26.20 27.99 15.63
CA PHE D 55 26.97 28.04 14.38
C PHE D 55 26.35 27.16 13.31
N ARG D 56 26.05 25.89 13.66
CA ARG D 56 25.52 24.97 12.67
C ARG D 56 24.13 25.43 12.20
N TYR D 57 23.30 25.93 13.12
CA TYR D 57 22.07 26.59 12.72
C TYR D 57 22.31 27.63 11.64
N ARG D 58 23.16 28.62 11.93
CA ARG D 58 23.38 29.70 10.99
C ARG D 58 23.72 29.16 9.61
N LYS D 59 24.71 28.26 9.55
CA LYS D 59 25.17 27.77 8.25
C LYS D 59 24.06 27.05 7.50
N GLU D 60 23.50 25.99 8.09
CA GLU D 60 22.56 25.15 7.34
C GLU D 60 21.28 25.90 7.02
N THR D 61 20.72 26.62 7.99
CA THR D 61 19.49 27.36 7.74
C THR D 61 19.71 28.47 6.72
N ALA D 62 20.90 29.06 6.65
CA ALA D 62 21.17 30.06 5.59
C ALA D 62 21.14 29.40 4.21
N PHE D 63 21.68 28.17 4.10
CA PHE D 63 21.67 27.44 2.80
C PHE D 63 20.23 27.16 2.37
N TYR D 64 19.40 26.69 3.31
CA TYR D 64 17.99 26.35 2.97
C TYR D 64 17.19 27.63 2.71
N LYS D 65 17.65 28.78 3.18
CA LYS D 65 16.94 30.03 2.82
C LYS D 65 17.23 30.35 1.35
N SER D 66 18.42 30.01 0.87
CA SER D 66 18.82 30.35 -0.53
C SER D 66 18.06 29.48 -1.54
N LEU D 67 17.81 28.21 -1.20
CA LEU D 67 17.01 27.32 -2.09
C LEU D 67 15.54 27.76 -2.03
N LYS D 68 15.09 28.32 -0.90
CA LYS D 68 13.69 28.79 -0.76
C LYS D 68 13.52 30.07 -1.59
N THR D 69 14.54 30.92 -1.64
CA THR D 69 14.46 32.10 -2.52
C THR D 69 14.57 31.61 -3.97
N TRP D 70 15.43 30.61 -4.21
CA TRP D 70 15.56 30.02 -5.58
C TRP D 70 14.23 29.35 -5.96
N GLU D 71 13.52 28.75 -5.00
CA GLU D 71 12.18 28.19 -5.29
C GLU D 71 11.33 29.22 -6.06
N ASN D 72 11.32 30.48 -5.63
CA ASN D 72 10.44 31.46 -6.28
C ASN D 72 11.28 32.69 -6.61
N ASN D 73 11.92 32.67 -7.78
CA ASN D 73 12.72 33.78 -8.27
C ASN D 73 12.94 33.57 -9.77
N LEU D 74 13.87 34.35 -10.34
CA LEU D 74 14.22 34.23 -11.74
C LEU D 74 15.72 34.06 -11.96
N ASP D 75 16.51 33.94 -10.89
CA ASP D 75 17.96 33.77 -11.01
C ASP D 75 18.35 32.39 -10.48
N VAL D 76 19.20 31.70 -11.25
CA VAL D 76 19.67 30.37 -10.86
C VAL D 76 20.89 30.44 -9.93
N THR D 77 21.57 31.59 -9.86
CA THR D 77 22.73 31.76 -9.01
C THR D 77 22.37 31.90 -7.53
N ALA D 78 21.09 31.98 -7.20
CA ALA D 78 20.66 32.13 -5.82
C ALA D 78 21.05 30.93 -4.95
N ILE D 79 21.33 29.78 -5.55
CA ILE D 79 21.82 28.62 -4.81
C ILE D 79 23.32 28.77 -4.61
N ASN D 80 23.78 28.42 -3.41
CA ASN D 80 25.21 28.48 -3.13
C ASN D 80 25.94 27.33 -3.84
N GLU D 81 27.22 27.55 -4.08
CA GLU D 81 28.04 26.50 -4.67
C GLU D 81 28.07 25.30 -3.72
N PRO D 82 27.75 24.10 -4.20
CA PRO D 82 27.65 22.95 -3.29
C PRO D 82 28.97 22.66 -2.59
N GLU D 83 28.88 22.31 -1.32
CA GLU D 83 30.01 21.89 -0.51
C GLU D 83 29.81 20.51 0.09
N THR D 84 28.57 20.15 0.42
CA THR D 84 28.16 18.83 0.88
C THR D 84 27.54 18.06 -0.28
N PRO D 85 27.74 16.75 -0.31
CA PRO D 85 27.22 15.96 -1.45
C PRO D 85 25.71 16.02 -1.61
N PHE D 86 24.96 16.19 -0.53
CA PHE D 86 23.50 16.17 -0.61
C PHE D 86 22.99 17.35 -1.44
N GLU D 87 23.51 18.55 -1.18
CA GLU D 87 23.09 19.72 -1.93
C GLU D 87 23.51 19.62 -3.38
N ALA D 88 24.70 19.07 -3.63
CA ALA D 88 25.13 18.83 -5.01
C ALA D 88 24.19 17.89 -5.74
N MET D 89 23.75 16.83 -5.06
CA MET D 89 22.80 15.91 -5.66
C MET D 89 21.49 16.63 -6.00
N VAL D 90 21.01 17.46 -5.08
CA VAL D 90 19.75 18.17 -5.31
C VAL D 90 19.87 19.08 -6.54
N GLU D 91 20.92 19.90 -6.58
CA GLU D 91 21.09 20.84 -7.67
C GLU D 91 21.28 20.11 -9.00
N ARG D 92 22.07 19.04 -9.00
CA ARG D 92 22.33 18.29 -10.23
C ARG D 92 21.06 17.65 -10.77
N SER D 93 20.23 17.09 -9.87
CA SER D 93 18.96 16.52 -10.30
C SER D 93 18.05 17.60 -10.91
N ILE D 94 17.98 18.75 -10.25
CA ILE D 94 17.15 19.84 -10.77
C ILE D 94 17.59 20.21 -12.19
N ALA D 95 18.90 20.42 -12.37
CA ALA D 95 19.41 20.84 -13.67
C ALA D 95 19.15 19.80 -14.74
N GLY D 96 19.42 18.52 -14.42
CA GLY D 96 19.23 17.48 -15.41
C GLY D 96 17.79 17.35 -15.85
N GLN D 97 16.85 17.36 -14.89
CA GLN D 97 15.45 17.21 -15.26
C GLN D 97 14.95 18.40 -16.07
N THR D 98 15.33 19.61 -15.68
CA THR D 98 14.92 20.79 -16.45
C THR D 98 15.45 20.73 -17.88
N GLU D 99 16.72 20.34 -18.04
CA GLU D 99 17.29 20.25 -19.37
C GLU D 99 16.57 19.20 -20.22
N HIS D 100 16.27 18.04 -19.63
CA HIS D 100 15.60 16.99 -20.38
C HIS D 100 14.21 17.44 -20.85
N LEU D 101 13.47 18.12 -19.97
CA LEU D 101 12.15 18.60 -20.35
C LEU D 101 12.24 19.64 -21.47
N LYS D 102 13.21 20.55 -21.38
CA LYS D 102 13.38 21.54 -22.44
C LYS D 102 13.68 20.86 -23.77
N GLN D 103 14.56 19.86 -23.75
CA GLN D 103 14.92 19.16 -24.98
C GLN D 103 13.71 18.48 -25.60
N THR D 104 12.91 17.79 -24.78
CA THR D 104 11.77 17.06 -25.36
C THR D 104 10.72 18.02 -25.91
N ALA D 105 10.49 19.15 -25.24
CA ALA D 105 9.53 20.13 -25.77
C ALA D 105 10.00 20.68 -27.11
N ALA D 106 11.29 21.01 -27.21
CA ALA D 106 11.82 21.50 -28.48
C ALA D 106 11.68 20.46 -29.58
N ARG D 107 11.93 19.19 -29.24
CA ARG D 107 11.84 18.13 -30.24
C ARG D 107 10.41 18.00 -30.76
N HIS D 108 9.42 18.05 -29.86
CA HIS D 108 8.02 18.03 -30.28
C HIS D 108 7.71 19.17 -31.24
N ARG D 109 8.09 20.40 -30.87
CA ARG D 109 7.73 21.55 -31.71
C ARG D 109 8.38 21.46 -33.08
N LEU D 110 9.65 21.09 -33.14
CA LEU D 110 10.33 20.98 -34.43
C LEU D 110 9.71 19.89 -35.29
N ALA D 111 9.36 18.75 -34.69
CA ALA D 111 8.71 17.69 -35.46
C ALA D 111 7.40 18.16 -36.06
N LEU D 112 6.59 18.89 -35.27
CA LEU D 112 5.34 19.41 -35.80
C LEU D 112 5.57 20.36 -36.98
N GLU D 113 6.56 21.24 -36.85
CA GLU D 113 6.83 22.18 -37.94
C GLU D 113 7.27 21.46 -39.21
N ASN D 114 8.13 20.45 -39.08
CA ASN D 114 8.56 19.69 -40.25
C ASN D 114 7.39 18.97 -40.91
N GLU D 115 6.49 18.40 -40.09
CA GLU D 115 5.32 17.75 -40.66
C GLU D 115 4.46 18.73 -41.45
N LYS D 116 4.27 19.93 -40.91
CA LYS D 116 3.48 20.95 -41.62
C LYS D 116 4.14 21.32 -42.95
N ASP D 117 5.47 21.48 -42.95
CA ASP D 117 6.15 21.82 -44.19
C ASP D 117 6.01 20.71 -45.24
N GLU D 118 6.13 19.45 -44.81
CA GLU D 118 5.95 18.34 -45.74
C GLU D 118 4.54 18.34 -46.31
N LEU D 119 3.54 18.63 -45.47
CA LEU D 119 2.16 18.73 -45.96
C LEU D 119 2.03 19.80 -47.02
N MET D 120 2.64 20.97 -46.80
CA MET D 120 2.52 22.06 -47.77
C MET D 120 3.14 21.66 -49.11
N ALA D 121 4.32 21.02 -49.05
CA ALA D 121 4.97 20.59 -50.28
C ALA D 121 4.08 19.60 -51.03
N TRP D 122 3.54 18.60 -50.32
CA TRP D 122 2.70 17.61 -50.99
C TRP D 122 1.46 18.25 -51.58
N ILE D 123 0.84 19.19 -50.85
CA ILE D 123 -0.42 19.76 -51.32
C ILE D 123 -0.20 20.58 -52.58
N HIS D 124 0.93 21.29 -52.67
CA HIS D 124 1.21 22.01 -53.91
C HIS D 124 1.41 21.04 -55.07
N GLU D 125 2.27 20.03 -54.86
CA GLU D 125 2.61 19.15 -55.97
C GLU D 125 1.49 18.18 -56.32
N VAL D 126 0.44 18.09 -55.51
CA VAL D 126 -0.75 17.33 -55.90
C VAL D 126 -1.85 18.25 -56.43
N LYS D 127 -1.83 19.54 -56.06
CA LYS D 127 -2.76 20.48 -56.68
C LYS D 127 -2.46 20.66 -58.15
N THR D 128 -1.19 20.71 -58.53
CA THR D 128 -0.86 20.89 -59.94
C THR D 128 -1.51 19.84 -60.85
N PRO D 129 -1.51 18.54 -60.51
CA PRO D 129 -2.24 17.58 -61.37
C PRO D 129 -3.71 17.90 -61.56
N LEU D 130 -4.36 18.56 -60.60
CA LEU D 130 -5.76 18.92 -60.80
C LEU D 130 -5.91 20.01 -61.85
N THR D 131 -4.96 20.95 -61.89
CA THR D 131 -4.96 21.91 -62.99
C THR D 131 -4.77 21.22 -64.32
N ALA D 132 -3.87 20.23 -64.37
CA ALA D 132 -3.73 19.44 -65.59
C ALA D 132 -5.04 18.72 -65.94
N MET D 133 -5.74 18.21 -64.93
CA MET D 133 -7.01 17.53 -65.13
C MET D 133 -8.04 18.48 -65.76
N HIS D 134 -8.13 19.70 -65.25
CA HIS D 134 -9.05 20.68 -65.82
C HIS D 134 -8.70 20.98 -67.27
N LEU D 135 -7.40 21.18 -67.53
CA LEU D 135 -6.95 21.48 -68.89
C LEU D 135 -7.32 20.37 -69.85
N ILE D 136 -7.16 19.11 -69.43
CA ILE D 136 -7.51 17.99 -70.30
C ILE D 136 -9.03 17.89 -70.46
N ILE D 137 -9.78 18.07 -69.37
CA ILE D 137 -11.22 17.81 -69.40
C ILE D 137 -11.97 18.89 -70.16
N ASP D 138 -11.41 20.08 -70.33
CA ASP D 138 -12.16 21.12 -71.02
C ASP D 138 -12.08 20.96 -72.54
N ARG D 139 -12.37 19.75 -73.07
CA ARG D 139 -12.36 19.54 -74.51
C ARG D 139 -13.44 18.60 -75.03
N MET D 140 -14.36 18.12 -74.19
CA MET D 140 -15.29 17.09 -74.64
C MET D 140 -16.52 17.69 -75.31
N GLU D 141 -17.36 16.80 -75.86
CA GLU D 141 -18.58 17.18 -76.56
C GLU D 141 -19.84 16.54 -75.98
N GLU D 142 -19.72 15.44 -75.25
CA GLU D 142 -20.88 14.78 -74.66
C GLU D 142 -21.50 15.69 -73.59
N LYS D 143 -22.76 15.42 -73.26
CA LYS D 143 -23.54 16.35 -72.45
C LYS D 143 -23.79 15.84 -71.03
N ALA D 144 -24.41 14.66 -70.87
CA ALA D 144 -24.80 14.23 -69.53
C ALA D 144 -23.61 13.68 -68.76
N LEU D 145 -22.85 12.76 -69.38
CA LEU D 145 -21.68 12.22 -68.74
C LEU D 145 -20.67 13.31 -68.41
N LYS D 146 -20.43 14.22 -69.36
CA LYS D 146 -19.48 15.30 -69.14
C LYS D 146 -20.00 16.27 -68.08
N SER D 147 -21.31 16.51 -68.06
CA SER D 147 -21.88 17.42 -67.05
C SER D 147 -21.70 16.85 -65.64
N GLN D 148 -22.00 15.56 -65.45
CA GLN D 148 -21.82 14.98 -64.12
C GLN D 148 -20.34 14.86 -63.77
N LEU D 149 -19.48 14.63 -64.76
CA LEU D 149 -18.05 14.67 -64.51
C LEU D 149 -17.60 16.06 -64.06
N SER D 150 -18.16 17.11 -64.67
CA SER D 150 -17.86 18.47 -64.23
C SER D 150 -18.35 18.70 -62.81
N TYR D 151 -19.51 18.14 -62.46
CA TYR D 151 -19.98 18.19 -61.09
C TYR D 151 -18.96 17.60 -60.12
N GLU D 152 -18.50 16.38 -60.41
CA GLU D 152 -17.54 15.73 -59.52
C GLU D 152 -16.23 16.51 -59.45
N TRP D 153 -15.74 16.98 -60.61
CA TRP D 153 -14.50 17.75 -60.64
C TRP D 153 -14.62 19.03 -59.84
N LEU D 154 -15.75 19.73 -59.96
CA LEU D 154 -15.94 20.96 -59.19
C LEU D 154 -15.97 20.67 -57.70
N ARG D 155 -16.65 19.59 -57.30
CA ARG D 155 -16.64 19.21 -55.89
C ARG D 155 -15.23 18.99 -55.39
N ILE D 156 -14.43 18.21 -56.13
CA ILE D 156 -13.08 17.89 -55.70
C ILE D 156 -12.22 19.15 -55.65
N HIS D 157 -12.32 20.00 -56.68
CA HIS D 157 -11.47 21.18 -56.77
C HIS D 157 -11.82 22.19 -55.68
N LEU D 158 -13.11 22.39 -55.40
CA LEU D 158 -13.49 23.30 -54.32
C LEU D 158 -13.05 22.75 -52.98
N LEU D 159 -13.19 21.43 -52.77
CA LEU D 159 -12.65 20.80 -51.57
C LEU D 159 -11.17 21.12 -51.41
N LEU D 160 -10.41 20.93 -52.49
CA LEU D 160 -8.97 21.11 -52.43
C LEU D 160 -8.59 22.56 -52.14
N ASP D 161 -9.19 23.51 -52.87
CA ASP D 161 -8.86 24.91 -52.66
C ASP D 161 -9.22 25.33 -51.24
N GLN D 162 -10.41 24.91 -50.77
CA GLN D 162 -10.84 25.23 -49.42
C GLN D 162 -9.87 24.72 -48.37
N GLN D 163 -9.54 23.43 -48.39
CA GLN D 163 -8.81 22.97 -47.23
C GLN D 163 -7.31 23.15 -47.42
N LEU D 164 -6.85 23.58 -48.60
CA LEU D 164 -5.49 24.13 -48.66
C LEU D 164 -5.43 25.53 -48.07
N HIS D 165 -6.49 26.34 -48.25
CA HIS D 165 -6.54 27.56 -47.45
C HIS D 165 -6.57 27.23 -45.95
N GLN D 166 -7.25 26.13 -45.60
CA GLN D 166 -7.20 25.66 -44.21
C GLN D 166 -5.80 25.18 -43.81
N LYS D 167 -5.03 24.66 -44.76
CA LYS D 167 -3.62 24.38 -44.49
C LYS D 167 -2.85 25.65 -44.17
N ARG D 168 -3.09 26.70 -44.96
CA ARG D 168 -2.31 27.93 -44.84
C ARG D 168 -2.75 28.83 -43.69
N ILE D 169 -3.94 28.61 -43.10
CA ILE D 169 -4.32 29.39 -41.94
C ILE D 169 -3.39 29.15 -40.75
N SER D 170 -2.56 28.11 -40.80
CA SER D 170 -1.60 27.89 -39.73
C SER D 170 -0.56 29.00 -39.68
N PHE D 171 -0.19 29.55 -40.83
CA PHE D 171 0.78 30.64 -40.89
C PHE D 171 0.20 31.91 -41.52
N ILE D 172 -1.14 31.98 -41.65
CA ILE D 172 -1.77 33.22 -42.07
C ILE D 172 -1.33 34.39 -41.19
N GLU D 173 -1.00 34.11 -39.92
CA GLU D 173 -0.58 35.18 -39.01
C GLU D 173 0.64 35.92 -39.54
N ASN D 174 1.53 35.22 -40.24
CA ASN D 174 2.66 35.85 -40.93
C ASN D 174 2.43 35.94 -42.43
N ASP D 175 1.23 35.63 -42.91
CA ASP D 175 0.91 35.66 -44.33
C ASP D 175 -0.19 36.68 -44.62
N LEU D 176 -0.44 37.59 -43.67
CA LEU D 176 -1.48 38.59 -43.83
C LEU D 176 -1.08 39.64 -44.88
N SER D 177 -2.06 40.06 -45.67
CA SER D 177 -1.85 41.10 -46.66
C SER D 177 -3.17 41.84 -46.88
N VAL D 178 -3.08 43.10 -47.30
CA VAL D 178 -4.26 43.94 -47.55
C VAL D 178 -4.02 44.73 -48.82
N GLU D 179 -5.06 44.85 -49.65
CA GLU D 179 -5.02 45.72 -50.82
C GLU D 179 -6.46 45.92 -51.31
N PHE D 180 -6.61 46.79 -52.30
CA PHE D 180 -7.92 47.19 -52.82
C PHE D 180 -8.32 46.28 -53.98
N ILE D 181 -9.52 45.70 -53.88
CA ILE D 181 -10.07 44.87 -54.95
C ILE D 181 -11.53 45.29 -55.18
N GLN D 182 -11.86 45.54 -56.45
CA GLN D 182 -13.23 45.80 -56.86
C GLN D 182 -13.99 44.48 -56.92
N LEU D 183 -15.25 44.49 -56.49
CA LEU D 183 -16.03 43.26 -56.45
C LEU D 183 -16.21 42.67 -57.84
N GLN D 184 -16.59 43.49 -58.81
CA GLN D 184 -17.13 42.96 -60.08
C GLN D 184 -16.25 41.94 -60.77
N PRO D 185 -14.95 42.17 -61.02
CA PRO D 185 -14.14 41.12 -61.67
C PRO D 185 -14.08 39.84 -60.86
N LEU D 186 -13.98 39.93 -59.54
CA LEU D 186 -13.76 38.75 -58.73
C LEU D 186 -15.06 37.97 -58.51
N ILE D 187 -16.19 38.68 -58.42
CA ILE D 187 -17.47 37.99 -58.38
C ILE D 187 -17.78 37.35 -59.72
N PHE D 188 -17.37 37.98 -60.83
CA PHE D 188 -17.49 37.32 -62.12
C PHE D 188 -16.60 36.08 -62.20
N LYS D 189 -15.42 36.15 -61.59
CA LYS D 189 -14.57 34.96 -61.50
C LYS D 189 -15.23 33.86 -60.68
N GLU D 190 -15.90 34.24 -59.58
CA GLU D 190 -16.59 33.25 -58.76
C GLU D 190 -17.80 32.67 -59.49
N ILE D 191 -18.39 33.43 -60.40
CA ILE D 191 -19.39 32.87 -61.30
C ILE D 191 -18.74 31.90 -62.29
N LYS D 192 -17.57 32.27 -62.81
CA LYS D 192 -16.92 31.50 -63.86
C LYS D 192 -16.45 30.14 -63.36
N ASP D 193 -15.75 30.12 -62.23
CA ASP D 193 -15.29 28.83 -61.71
C ASP D 193 -16.45 27.98 -61.21
N LEU D 194 -17.58 28.60 -60.87
CA LEU D 194 -18.81 27.89 -60.57
C LEU D 194 -19.79 27.89 -61.73
N GLN D 195 -19.34 28.29 -62.93
CA GLN D 195 -20.23 28.29 -64.09
C GLN D 195 -20.70 26.88 -64.42
N SER D 196 -19.89 25.87 -64.12
CA SER D 196 -20.37 24.49 -64.21
C SER D 196 -21.54 24.27 -63.24
N TRP D 197 -21.38 24.71 -62.00
CA TRP D 197 -22.47 24.61 -61.03
C TRP D 197 -23.67 25.44 -61.45
N CYS D 198 -23.42 26.67 -61.93
CA CYS D 198 -24.52 27.55 -62.31
C CYS D 198 -25.30 26.98 -63.48
N ILE D 199 -24.60 26.37 -64.45
CA ILE D 199 -25.28 25.77 -65.60
C ILE D 199 -26.02 24.50 -65.18
N GLN D 200 -25.41 23.69 -64.31
CA GLN D 200 -26.01 22.40 -63.95
C GLN D 200 -27.21 22.61 -63.04
N LYS D 201 -27.00 23.18 -61.85
CA LYS D 201 -28.08 23.34 -60.88
C LYS D 201 -29.03 24.46 -61.25
N GLY D 202 -28.57 25.48 -61.95
CA GLY D 202 -29.42 26.60 -62.33
C GLY D 202 -29.90 27.42 -61.15
N ILE D 203 -29.01 27.70 -60.21
CA ILE D 203 -29.32 28.48 -59.02
C ILE D 203 -29.23 29.96 -59.39
N GLY D 204 -30.29 30.72 -59.13
CA GLY D 204 -30.30 32.13 -59.43
C GLY D 204 -29.45 32.95 -58.48
N PHE D 205 -29.23 34.20 -58.85
CA PHE D 205 -28.47 35.14 -58.04
C PHE D 205 -28.83 36.56 -58.44
N ASP D 206 -28.52 37.50 -57.55
CA ASP D 206 -28.77 38.92 -57.77
C ASP D 206 -27.66 39.73 -57.12
N ILE D 207 -27.12 40.69 -57.86
CA ILE D 207 -26.09 41.58 -57.35
C ILE D 207 -26.68 43.00 -57.30
N GLN D 208 -27.23 43.35 -56.15
CA GLN D 208 -27.75 44.69 -55.89
C GLN D 208 -26.70 45.42 -55.06
N LEU D 209 -25.47 45.46 -55.57
CA LEU D 209 -24.32 45.96 -54.81
C LEU D 209 -24.43 47.47 -54.69
N GLU D 210 -25.09 47.93 -53.63
CA GLU D 210 -25.18 49.36 -53.38
C GLU D 210 -23.81 49.96 -53.08
N ALA D 211 -22.98 49.22 -52.35
CA ALA D 211 -21.58 49.58 -52.11
C ALA D 211 -20.70 48.60 -52.87
N LYS D 212 -19.80 49.10 -53.70
CA LYS D 212 -19.07 48.29 -54.66
C LYS D 212 -17.57 48.26 -54.39
N GLU D 213 -17.17 48.18 -53.12
CA GLU D 213 -15.76 48.02 -52.79
C GLU D 213 -15.61 47.20 -51.52
N VAL D 214 -14.68 46.25 -51.55
CA VAL D 214 -14.30 45.45 -50.39
C VAL D 214 -12.77 45.41 -50.32
N LEU D 215 -12.25 45.08 -49.14
CA LEU D 215 -10.81 45.10 -48.90
C LEU D 215 -10.39 43.85 -48.14
N SER D 216 -9.36 43.18 -48.65
CA SER D 216 -8.67 42.06 -48.01
C SER D 216 -7.55 41.65 -48.94
N ASP D 217 -6.73 40.70 -48.49
CA ASP D 217 -5.76 40.10 -49.37
C ASP D 217 -6.47 39.50 -50.59
N ALA D 218 -5.94 39.79 -51.78
CA ALA D 218 -6.65 39.48 -53.03
C ALA D 218 -7.18 38.05 -53.04
N LYS D 219 -6.29 37.07 -52.91
CA LYS D 219 -6.74 35.68 -52.91
C LYS D 219 -7.47 35.33 -51.62
N TRP D 220 -7.13 35.98 -50.50
CA TRP D 220 -7.89 35.76 -49.28
C TRP D 220 -9.26 36.44 -49.34
N LEU D 221 -9.34 37.60 -49.98
CA LEU D 221 -10.64 38.22 -50.22
C LEU D 221 -11.51 37.35 -51.12
N ALA D 222 -10.91 36.79 -52.17
CA ALA D 222 -11.62 35.84 -53.01
C ALA D 222 -12.08 34.64 -52.19
N PHE D 223 -11.21 34.14 -51.31
CA PHE D 223 -11.58 33.04 -50.43
C PHE D 223 -12.79 33.37 -49.58
N ILE D 224 -12.81 34.52 -48.93
CA ILE D 224 -13.92 34.86 -48.06
C ILE D 224 -15.21 35.02 -48.88
N ILE D 225 -15.11 35.66 -50.04
CA ILE D 225 -16.34 35.89 -50.80
C ILE D 225 -16.89 34.59 -51.37
N ARG D 226 -16.05 33.67 -51.87
CA ARG D 226 -16.71 32.48 -52.39
C ARG D 226 -16.96 31.50 -51.25
N GLN D 227 -16.39 31.75 -50.07
CA GLN D 227 -16.84 31.05 -48.86
C GLN D 227 -18.29 31.37 -48.57
N LEU D 228 -18.63 32.67 -48.52
CA LEU D 228 -20.04 33.03 -48.33
C LEU D 228 -20.89 32.54 -49.50
N LEU D 229 -20.36 32.65 -50.72
CA LEU D 229 -21.12 32.22 -51.90
C LEU D 229 -21.41 30.73 -51.88
N THR D 230 -20.40 29.92 -51.57
CA THR D 230 -20.55 28.47 -51.59
C THR D 230 -21.37 27.99 -50.40
N ASN D 231 -21.26 28.67 -49.25
CA ASN D 231 -22.15 28.35 -48.15
C ASN D 231 -23.60 28.63 -48.51
N ALA D 232 -23.85 29.75 -49.21
CA ALA D 232 -25.19 30.03 -49.69
C ALA D 232 -25.65 28.98 -50.69
N VAL D 233 -24.78 28.57 -51.61
CA VAL D 233 -25.11 27.54 -52.58
C VAL D 233 -25.47 26.23 -51.87
N LYS D 234 -24.69 25.86 -50.86
CA LYS D 234 -24.99 24.67 -50.08
C LYS D 234 -26.30 24.83 -49.31
N TYR D 235 -26.67 26.08 -48.97
CA TYR D 235 -27.84 26.33 -48.15
C TYR D 235 -29.04 26.80 -48.97
N SER D 236 -28.83 27.44 -50.11
CA SER D 236 -29.90 27.98 -50.94
C SER D 236 -29.78 27.45 -52.35
N GLU D 237 -30.93 27.15 -52.97
CA GLU D 237 -30.96 26.58 -54.31
C GLU D 237 -32.12 27.19 -55.09
N ALA D 238 -31.86 27.58 -56.34
CA ALA D 238 -32.89 28.10 -57.24
C ALA D 238 -33.63 29.29 -56.63
N SER D 239 -32.87 30.20 -56.02
CA SER D 239 -33.44 31.38 -55.39
C SER D 239 -32.65 32.61 -55.82
N GLU D 240 -33.34 33.76 -55.86
CA GLU D 240 -32.71 35.02 -56.22
C GLU D 240 -31.86 35.50 -55.05
N ILE D 241 -30.60 35.08 -55.04
CA ILE D 241 -29.68 35.43 -53.94
C ILE D 241 -29.32 36.91 -54.11
N GLU D 242 -29.98 37.77 -53.34
CA GLU D 242 -29.79 39.21 -53.43
C GLU D 242 -28.49 39.57 -52.73
N ILE D 243 -27.41 39.70 -53.50
CA ILE D 243 -26.11 40.10 -52.95
C ILE D 243 -26.10 41.62 -52.99
N LYS D 244 -26.65 42.23 -51.95
CA LYS D 244 -26.70 43.68 -51.82
C LYS D 244 -25.69 44.12 -50.76
N SER D 245 -25.25 45.38 -50.83
CA SER D 245 -24.27 45.92 -49.90
C SER D 245 -24.63 47.35 -49.55
N PHE D 246 -25.40 47.54 -48.48
CA PHE D 246 -25.62 48.87 -47.91
C PHE D 246 -25.02 48.90 -46.51
N GLN D 247 -24.27 49.96 -46.23
CA GLN D 247 -23.44 50.06 -45.03
C GLN D 247 -24.33 50.36 -43.83
N LYS D 248 -24.63 49.31 -43.05
CA LYS D 248 -25.35 49.47 -41.79
C LYS D 248 -24.35 49.44 -40.64
N GLY D 249 -24.35 50.51 -39.84
CA GLY D 249 -23.38 50.59 -38.76
C GLY D 249 -21.99 50.99 -39.26
N GLU D 250 -21.02 50.78 -38.37
CA GLU D 250 -19.64 51.16 -38.70
C GLU D 250 -19.07 50.30 -39.82
N GLN D 251 -19.22 48.97 -39.71
CA GLN D 251 -18.65 48.06 -40.69
C GLN D 251 -19.44 48.11 -41.99
N THR D 252 -18.72 48.05 -43.11
CA THR D 252 -19.35 48.00 -44.43
C THR D 252 -19.99 46.64 -44.63
N GLN D 253 -21.27 46.53 -44.33
CA GLN D 253 -21.98 45.25 -44.27
C GLN D 253 -22.36 44.81 -45.67
N LEU D 254 -21.79 43.70 -46.12
CA LEU D 254 -22.23 43.03 -47.34
C LEU D 254 -23.53 42.30 -47.02
N GLN D 255 -24.65 42.95 -47.27
CA GLN D 255 -25.97 42.40 -46.93
C GLN D 255 -26.35 41.32 -47.94
N VAL D 256 -25.54 40.27 -47.95
CA VAL D 256 -25.73 39.18 -48.91
C VAL D 256 -26.93 38.37 -48.49
N LYS D 257 -28.08 38.62 -49.11
CA LYS D 257 -29.34 37.99 -48.73
C LYS D 257 -29.76 37.00 -49.81
N ASP D 258 -29.71 35.72 -49.49
CA ASP D 258 -30.30 34.69 -50.34
C ASP D 258 -31.81 34.69 -50.15
N CYS D 259 -32.50 34.06 -51.10
CA CYS D 259 -33.95 33.89 -51.03
C CYS D 259 -34.34 32.43 -50.80
N GLY D 260 -33.41 31.62 -50.33
CA GLY D 260 -33.65 30.22 -50.08
C GLY D 260 -34.30 29.95 -48.75
N ARG D 261 -33.93 28.82 -48.13
CA ARG D 261 -34.51 28.45 -46.86
C ARG D 261 -34.15 29.46 -45.76
N GLY D 262 -32.92 29.94 -45.77
CA GLY D 262 -32.44 30.78 -44.70
C GLY D 262 -31.92 29.97 -43.53
N ILE D 263 -31.85 30.63 -42.37
CA ILE D 263 -31.43 30.01 -41.13
C ILE D 263 -32.59 30.06 -40.16
N ASP D 264 -32.91 28.91 -39.56
CA ASP D 264 -34.04 28.82 -38.65
C ASP D 264 -33.80 29.72 -37.43
N PRO D 265 -34.83 30.42 -36.95
CA PRO D 265 -34.63 31.28 -35.77
C PRO D 265 -34.14 30.53 -34.55
N LYS D 266 -34.52 29.27 -34.38
CA LYS D 266 -34.05 28.49 -33.24
C LYS D 266 -32.56 28.17 -33.36
N ASP D 267 -32.01 28.19 -34.57
CA ASP D 267 -30.64 27.79 -34.82
C ASP D 267 -29.71 28.98 -35.10
N VAL D 268 -30.20 30.22 -34.92
CA VAL D 268 -29.35 31.38 -35.18
C VAL D 268 -28.14 31.42 -34.25
N PRO D 269 -28.27 31.26 -32.93
CA PRO D 269 -27.07 31.30 -32.08
C PRO D 269 -26.10 30.15 -32.30
N ARG D 270 -26.54 29.06 -32.93
CA ARG D 270 -25.72 27.85 -33.02
C ARG D 270 -24.77 27.87 -34.22
N ILE D 271 -25.06 28.66 -35.25
CA ILE D 271 -24.30 28.60 -36.50
C ILE D 271 -22.84 28.99 -36.32
N PHE D 272 -22.47 29.57 -35.18
CA PHE D 272 -21.12 30.04 -34.94
C PHE D 272 -20.26 29.04 -34.18
N ASP D 273 -20.74 27.82 -33.99
CA ASP D 273 -19.96 26.83 -33.26
C ASP D 273 -18.74 26.41 -34.07
N LYS D 274 -17.69 26.02 -33.35
CA LYS D 274 -16.47 25.55 -34.01
C LYS D 274 -16.75 24.28 -34.81
N GLY D 275 -16.17 24.20 -36.00
CA GLY D 275 -16.46 23.08 -36.88
C GLY D 275 -17.92 23.03 -37.30
N PHE D 276 -18.50 24.17 -37.66
CA PHE D 276 -19.91 24.23 -38.00
C PHE D 276 -20.21 23.46 -39.27
N THR D 277 -21.12 22.49 -39.16
CA THR D 277 -21.59 21.72 -40.30
C THR D 277 -23.11 21.66 -40.23
N SER D 278 -23.76 22.22 -41.24
CA SER D 278 -25.23 22.26 -41.27
C SER D 278 -25.76 20.85 -41.54
N THR D 279 -26.09 20.13 -40.47
CA THR D 279 -26.49 18.73 -40.58
C THR D 279 -27.81 18.53 -41.31
N THR D 280 -28.61 19.58 -41.51
CA THR D 280 -29.86 19.42 -42.25
C THR D 280 -29.59 19.06 -43.71
N ASP D 281 -28.42 19.41 -44.22
CA ASP D 281 -27.98 19.00 -45.55
C ASP D 281 -26.68 18.23 -45.41
N HIS D 282 -26.69 16.95 -45.78
CA HIS D 282 -25.55 16.08 -45.53
C HIS D 282 -24.32 16.50 -46.34
N HIS D 283 -24.49 17.27 -47.41
CA HIS D 283 -23.35 17.81 -48.13
C HIS D 283 -22.57 18.83 -47.29
N ASP D 284 -23.23 19.45 -46.32
CA ASP D 284 -22.56 20.41 -45.44
C ASP D 284 -21.70 19.74 -44.38
N GLN D 285 -21.95 18.46 -44.08
CA GLN D 285 -21.12 17.75 -43.11
C GLN D 285 -19.74 17.43 -43.68
N ALA D 286 -19.64 17.31 -45.01
CA ALA D 286 -18.33 17.10 -45.63
C ALA D 286 -17.43 18.31 -45.47
N SER D 287 -18.03 19.49 -45.26
CA SER D 287 -17.24 20.68 -44.98
C SER D 287 -16.45 20.49 -43.69
N THR D 288 -15.23 21.02 -43.68
CA THR D 288 -14.39 20.92 -42.48
C THR D 288 -15.04 21.59 -41.29
N GLY D 289 -15.87 22.60 -41.52
CA GLY D 289 -16.44 23.39 -40.46
C GLY D 289 -15.59 24.57 -40.04
N MET D 290 -14.33 24.60 -40.44
CA MET D 290 -13.47 25.75 -40.18
C MET D 290 -13.90 26.97 -40.98
N GLY D 291 -14.60 26.78 -42.10
CA GLY D 291 -14.93 27.90 -42.98
C GLY D 291 -15.43 29.11 -42.23
N LEU D 292 -16.56 28.97 -41.53
CA LEU D 292 -17.02 30.05 -40.66
C LEU D 292 -16.05 30.28 -39.51
N TYR D 293 -15.50 29.20 -38.95
CA TYR D 293 -14.60 29.34 -37.81
C TYR D 293 -13.32 30.07 -38.19
N LEU D 294 -12.66 29.64 -39.28
CA LEU D 294 -11.45 30.33 -39.70
C LEU D 294 -11.77 31.72 -40.22
N ALA D 295 -12.91 31.88 -40.89
CA ALA D 295 -13.32 33.22 -41.31
C ALA D 295 -13.40 34.17 -40.13
N LYS D 296 -13.98 33.70 -39.02
CA LYS D 296 -14.06 34.55 -37.83
C LYS D 296 -12.71 34.77 -37.18
N LYS D 297 -11.91 33.70 -37.01
CA LYS D 297 -10.68 33.85 -36.25
C LYS D 297 -9.58 34.58 -37.01
N ALA D 298 -9.42 34.31 -38.30
CA ALA D 298 -8.55 35.14 -39.13
C ALA D 298 -9.20 36.46 -39.52
N ALA D 299 -10.51 36.59 -39.25
CA ALA D 299 -11.17 37.87 -39.40
C ALA D 299 -11.18 38.66 -38.09
N ALA D 300 -10.64 38.10 -37.02
CA ALA D 300 -10.37 38.92 -35.84
C ALA D 300 -9.35 40.01 -36.15
N PRO D 301 -8.24 39.74 -36.84
CA PRO D 301 -7.46 40.85 -37.40
C PRO D 301 -8.17 41.54 -38.56
N LEU D 302 -8.81 40.79 -39.45
CA LEU D 302 -9.54 41.38 -40.56
C LEU D 302 -10.77 42.17 -40.12
N LEU D 303 -11.20 42.01 -38.86
CA LEU D 303 -12.35 42.72 -38.31
C LEU D 303 -13.64 42.46 -39.08
N ILE D 304 -13.73 41.28 -39.71
CA ILE D 304 -14.91 40.88 -40.47
C ILE D 304 -15.78 40.02 -39.58
N HIS D 305 -16.81 40.64 -39.00
CA HIS D 305 -17.81 39.91 -38.22
C HIS D 305 -18.86 39.36 -39.18
N ILE D 306 -19.23 38.10 -38.98
CA ILE D 306 -20.24 37.44 -39.82
C ILE D 306 -21.60 37.71 -39.16
N ASP D 307 -22.18 38.87 -39.44
CA ASP D 307 -23.48 39.19 -38.91
C ASP D 307 -24.56 38.39 -39.63
N VAL D 308 -25.65 38.11 -38.93
CA VAL D 308 -26.72 37.25 -39.42
C VAL D 308 -28.05 37.97 -39.22
N GLU D 309 -28.52 38.63 -40.26
CA GLU D 309 -29.87 39.22 -40.27
C GLU D 309 -30.86 38.24 -40.89
N SER D 310 -30.89 37.03 -40.32
CA SER D 310 -31.63 35.93 -40.90
C SER D 310 -33.14 36.09 -40.72
N GLU D 311 -33.87 35.79 -41.80
CA GLU D 311 -35.32 35.58 -41.72
C GLU D 311 -35.64 34.30 -42.49
N PHE D 312 -36.42 33.43 -41.88
CA PHE D 312 -36.71 32.14 -42.50
C PHE D 312 -37.70 32.30 -43.64
N GLY D 313 -37.52 31.49 -44.67
CA GLY D 313 -38.36 31.55 -45.86
C GLY D 313 -37.87 32.51 -46.92
N ALA D 314 -37.59 33.75 -46.52
CA ALA D 314 -37.02 34.74 -47.42
C ALA D 314 -35.50 34.68 -47.48
N GLY D 315 -34.88 33.75 -46.75
CA GLY D 315 -33.45 33.57 -46.80
C GLY D 315 -32.71 34.39 -45.76
N THR D 316 -31.47 33.98 -45.48
CA THR D 316 -30.63 34.60 -44.48
C THR D 316 -29.72 35.63 -45.13
N VAL D 317 -29.72 36.84 -44.57
CA VAL D 317 -28.83 37.90 -45.02
C VAL D 317 -27.43 37.57 -44.51
N PHE D 318 -26.60 37.01 -45.38
CA PHE D 318 -25.22 36.66 -45.01
C PHE D 318 -24.42 37.94 -44.88
N THR D 319 -24.60 38.64 -43.76
CA THR D 319 -24.01 39.95 -43.54
C THR D 319 -22.55 39.76 -43.13
N LEU D 320 -21.69 39.55 -44.13
CA LEU D 320 -20.24 39.49 -43.92
C LEU D 320 -19.76 40.93 -43.77
N THR D 321 -19.72 41.41 -42.52
CA THR D 321 -19.43 42.81 -42.23
C THR D 321 -17.94 43.06 -42.43
N PHE D 322 -17.54 43.31 -43.68
CA PHE D 322 -16.25 43.89 -43.90
C PHE D 322 -16.21 45.26 -43.22
N PRO D 323 -15.25 45.50 -42.34
CA PRO D 323 -15.21 46.77 -41.61
C PRO D 323 -15.02 47.94 -42.57
N ILE D 324 -15.28 49.14 -42.04
CA ILE D 324 -15.12 50.34 -42.85
C ILE D 324 -13.67 50.42 -43.35
N ARG D 325 -13.51 51.10 -44.49
CA ARG D 325 -12.18 51.18 -45.11
C ARG D 325 -11.16 51.79 -44.16
N ASN D 326 -11.60 52.63 -43.23
CA ASN D 326 -10.73 53.11 -42.16
C ASN D 326 -10.29 52.00 -41.23
N GLN D 327 -11.21 51.11 -40.84
CA GLN D 327 -10.87 50.01 -39.94
C GLN D 327 -10.02 48.93 -40.59
N PHE D 328 -9.96 48.90 -41.92
CA PHE D 328 -9.05 48.00 -42.63
C PHE D 328 -7.59 48.41 -42.48
N GLU D 329 -7.32 49.64 -42.03
CA GLU D 329 -5.95 50.02 -41.70
C GLU D 329 -5.47 49.26 -40.48
N HIS D 330 -6.38 48.87 -39.58
CA HIS D 330 -6.02 47.94 -38.52
C HIS D 330 -5.56 46.61 -39.10
N VAL D 331 -6.24 46.15 -40.17
CA VAL D 331 -5.85 44.91 -40.82
C VAL D 331 -4.48 45.07 -41.48
N ILE D 332 -4.21 46.25 -42.03
CA ILE D 332 -2.92 46.50 -42.68
C ILE D 332 -1.79 46.39 -41.66
N SER D 333 -2.00 46.94 -40.45
CA SER D 333 -0.95 46.90 -39.44
C SER D 333 -0.61 45.47 -39.02
N VAL D 334 -1.62 44.63 -38.85
CA VAL D 334 -1.39 43.25 -38.44
C VAL D 334 -0.94 42.41 -39.62
N MET E 1 28.21 6.35 -0.56
CA MET E 1 27.15 7.14 0.05
C MET E 1 27.39 7.28 1.55
N ILE E 2 27.92 6.21 2.17
CA ILE E 2 28.24 6.26 3.59
C ILE E 2 29.27 7.34 3.87
N LYS E 3 30.27 7.45 2.98
CA LYS E 3 31.27 8.50 3.15
C LYS E 3 30.65 9.88 3.10
N ALA E 4 29.69 10.09 2.20
CA ALA E 4 29.01 11.39 2.13
C ALA E 4 28.24 11.68 3.42
N PHE E 5 27.55 10.68 3.95
CA PHE E 5 26.80 10.88 5.19
C PHE E 5 27.74 11.21 6.35
N LEU E 6 28.87 10.53 6.44
CA LEU E 6 29.83 10.84 7.49
C LEU E 6 30.45 12.22 7.29
N ILE E 7 30.65 12.64 6.04
CA ILE E 7 31.23 13.95 5.76
C ILE E 7 30.27 15.05 6.19
N GLU E 8 28.98 14.91 5.84
CA GLU E 8 28.02 15.96 6.17
C GLU E 8 27.82 16.08 7.67
N ARG E 9 27.75 14.95 8.37
CA ARG E 9 27.54 14.92 9.81
C ARG E 9 28.84 14.94 10.60
N ARG E 10 29.93 15.44 10.00
CA ARG E 10 31.24 15.32 10.62
C ARG E 10 31.35 16.13 11.90
N SER E 11 30.67 17.28 11.96
CA SER E 11 30.82 18.18 13.10
C SER E 11 30.32 17.53 14.40
N TRP E 12 29.18 16.83 14.34
CA TRP E 12 28.63 16.21 15.54
C TRP E 12 29.52 15.08 16.04
N ILE E 13 30.03 14.26 15.12
CA ILE E 13 30.99 13.22 15.50
C ILE E 13 32.20 13.85 16.16
N ALA E 14 32.70 14.94 15.58
CA ALA E 14 33.85 15.63 16.14
C ALA E 14 33.56 16.11 17.55
N ALA E 15 32.38 16.69 17.77
CA ALA E 15 32.03 17.19 19.10
C ALA E 15 31.97 16.06 20.12
N PHE E 16 31.31 14.96 19.78
CA PHE E 16 31.18 13.85 20.71
C PHE E 16 32.55 13.26 21.05
N LEU E 17 33.37 13.00 20.03
CA LEU E 17 34.68 12.41 20.28
C LEU E 17 35.59 13.39 21.02
N PHE E 18 35.43 14.69 20.79
CA PHE E 18 36.20 15.67 21.54
C PHE E 18 35.81 15.65 23.02
N GLN E 19 34.52 15.54 23.32
CA GLN E 19 34.11 15.47 24.71
C GLN E 19 34.65 14.21 25.37
N GLN E 20 34.62 13.08 24.66
CA GLN E 20 35.18 11.85 25.23
C GLN E 20 36.68 11.96 25.44
N ALA E 21 37.41 12.56 24.50
CA ALA E 21 38.84 12.75 24.67
C ALA E 21 39.14 13.65 25.86
N LEU E 22 38.34 14.70 26.05
CA LEU E 22 38.52 15.56 27.21
C LEU E 22 38.25 14.81 28.51
N MET E 23 37.18 14.00 28.53
CA MET E 23 36.93 13.03 29.60
C MET E 23 38.21 12.30 29.99
N LEU E 24 38.76 11.57 29.02
CA LEU E 24 39.91 10.70 29.28
C LEU E 24 41.12 11.50 29.75
N PHE E 25 41.42 12.61 29.07
CA PHE E 25 42.62 13.37 29.38
C PHE E 25 42.54 14.00 30.76
N ILE E 26 41.38 14.57 31.11
CA ILE E 26 41.22 15.15 32.45
C ILE E 26 41.30 14.06 33.52
N ALA E 27 40.68 12.90 33.26
CA ALA E 27 40.74 11.82 34.23
C ALA E 27 42.15 11.29 34.42
N PHE E 28 43.01 11.42 33.41
CA PHE E 28 44.36 10.88 33.51
C PHE E 28 45.22 11.59 34.54
N VAL E 29 45.03 12.90 34.75
CA VAL E 29 46.01 13.70 35.49
C VAL E 29 45.57 14.03 36.91
N ASP E 30 44.31 13.83 37.26
CA ASP E 30 43.84 14.17 38.60
C ASP E 30 43.63 12.89 39.41
N PRO E 31 44.34 12.72 40.54
CA PRO E 31 44.19 11.49 41.33
C PRO E 31 42.79 11.31 41.91
N SER E 32 42.01 12.38 42.04
CA SER E 32 40.65 12.24 42.54
C SER E 32 39.75 11.49 41.57
N ILE E 33 40.16 11.38 40.31
CA ILE E 33 39.43 10.61 39.30
C ILE E 33 40.39 9.55 38.80
N SER E 34 40.15 8.29 39.20
CA SER E 34 41.03 7.20 38.81
C SER E 34 40.91 6.96 37.30
N PHE E 35 42.02 7.14 36.58
CA PHE E 35 42.00 7.01 35.14
C PHE E 35 41.63 5.61 34.70
N GLY E 36 41.91 4.60 35.53
CA GLY E 36 41.60 3.23 35.17
C GLY E 36 40.13 2.90 35.19
N ASN E 37 39.31 3.75 35.81
CA ASN E 37 37.88 3.49 35.95
C ASN E 37 37.03 4.40 35.08
N VAL E 38 37.63 5.15 34.16
CA VAL E 38 36.89 6.00 33.24
C VAL E 38 36.80 5.39 31.84
N LEU E 39 37.68 4.43 31.51
CA LEU E 39 37.56 3.73 30.24
C LEU E 39 36.23 3.01 30.12
N TYR E 40 35.67 2.52 31.23
CA TYR E 40 34.37 1.87 31.19
C TYR E 40 33.28 2.86 30.77
N MET E 41 33.28 4.05 31.37
CA MET E 41 32.30 5.07 31.01
C MET E 41 32.44 5.46 29.54
N VAL E 42 33.68 5.66 29.08
CA VAL E 42 33.91 6.05 27.69
C VAL E 42 33.46 4.94 26.75
N TYR E 43 33.69 3.67 27.14
CA TYR E 43 33.27 2.54 26.32
C TYR E 43 31.76 2.49 26.18
N LEU E 44 31.03 2.68 27.29
CA LEU E 44 29.57 2.69 27.22
C LEU E 44 29.07 3.85 26.35
N CYS E 45 29.66 5.03 26.51
CA CYS E 45 29.23 6.17 25.71
C CYS E 45 29.48 5.94 24.23
N ILE E 46 30.63 5.37 23.88
CA ILE E 46 30.94 5.15 22.46
C ILE E 46 30.05 4.07 21.87
N LEU E 47 29.70 3.04 22.66
CA LEU E 47 28.78 2.02 22.16
C LEU E 47 27.41 2.63 21.86
N PHE E 48 26.90 3.43 22.79
CA PHE E 48 25.63 4.09 22.53
C PHE E 48 25.70 5.00 21.31
N PHE E 49 26.83 5.72 21.17
CA PHE E 49 26.98 6.62 20.03
C PHE E 49 26.98 5.87 18.71
N ILE E 50 27.69 4.76 18.63
CA ILE E 50 27.76 4.04 17.35
C ILE E 50 26.40 3.44 16.99
N ILE E 51 25.67 2.92 17.99
CA ILE E 51 24.34 2.38 17.70
C ILE E 51 23.42 3.50 17.21
N PHE E 52 23.47 4.66 17.87
CA PHE E 52 22.64 5.78 17.46
C PHE E 52 22.99 6.25 16.05
N LEU E 53 24.29 6.28 15.72
CA LEU E 53 24.70 6.68 14.39
C LEU E 53 24.16 5.70 13.33
N TRP E 54 24.20 4.41 13.63
CA TRP E 54 23.66 3.43 12.69
C TRP E 54 22.17 3.69 12.43
N PHE E 55 21.38 3.85 13.50
CA PHE E 55 19.96 4.13 13.32
C PHE E 55 19.72 5.42 12.54
N ARG E 56 20.46 6.48 12.88
CA ARG E 56 20.21 7.77 12.26
C ARG E 56 20.61 7.77 10.79
N TYR E 57 21.68 7.07 10.44
CA TYR E 57 22.04 6.92 9.03
C TYR E 57 20.94 6.16 8.27
N ARG E 58 20.46 5.06 8.86
CA ARG E 58 19.44 4.26 8.19
C ARG E 58 18.20 5.10 7.92
N LYS E 59 17.79 5.92 8.88
CA LYS E 59 16.61 6.75 8.65
C LYS E 59 16.90 7.88 7.66
N GLU E 60 18.03 8.57 7.81
CA GLU E 60 18.31 9.75 7.02
C GLU E 60 18.52 9.47 5.54
N THR E 61 19.21 8.39 5.19
CA THR E 61 19.63 8.19 3.79
C THR E 61 18.57 7.43 2.99
N ALA E 62 17.40 8.06 2.86
CA ALA E 62 16.34 7.53 2.00
C ALA E 62 15.96 8.51 0.90
N PHE E 63 15.58 9.74 1.24
CA PHE E 63 15.08 10.68 0.25
C PHE E 63 16.17 11.15 -0.71
N TYR E 64 17.34 11.47 -0.18
CA TYR E 64 18.41 11.95 -1.06
C TYR E 64 18.97 10.83 -1.92
N LYS E 65 18.78 9.57 -1.51
CA LYS E 65 19.06 8.45 -2.39
C LYS E 65 17.99 8.31 -3.47
N SER E 66 16.73 8.53 -3.10
CA SER E 66 15.66 8.47 -4.10
C SER E 66 15.85 9.54 -5.18
N LEU E 67 16.24 10.75 -4.77
CA LEU E 67 16.47 11.82 -5.73
C LEU E 67 17.60 11.45 -6.69
N LYS E 68 18.68 10.87 -6.17
CA LYS E 68 19.79 10.46 -7.01
C LYS E 68 19.41 9.29 -7.90
N THR E 69 18.48 8.44 -7.45
CA THR E 69 17.95 7.40 -8.32
C THR E 69 17.16 8.01 -9.47
N TRP E 70 16.37 9.04 -9.19
CA TRP E 70 15.59 9.74 -10.20
C TRP E 70 16.42 10.76 -10.98
N GLU E 71 17.75 10.75 -10.79
CA GLU E 71 18.64 11.72 -11.42
C GLU E 71 18.33 11.98 -12.89
N ASN E 72 18.43 10.95 -13.72
CA ASN E 72 18.26 11.18 -15.15
C ASN E 72 17.35 10.16 -15.82
N ASN E 73 17.20 8.96 -15.24
CA ASN E 73 16.61 7.85 -15.98
C ASN E 73 15.16 8.07 -16.40
N LEU E 74 14.23 8.12 -15.45
CA LEU E 74 12.80 8.17 -15.75
C LEU E 74 12.05 8.37 -14.44
N ASP E 75 10.71 8.25 -14.50
CA ASP E 75 9.84 8.17 -13.33
C ASP E 75 9.90 9.46 -12.50
N VAL E 76 9.39 10.53 -13.11
CA VAL E 76 9.27 11.82 -12.43
C VAL E 76 8.50 11.71 -11.12
N THR E 77 7.71 10.65 -10.94
CA THR E 77 6.93 10.42 -9.73
C THR E 77 7.74 9.68 -8.65
N ALA E 78 8.97 9.27 -8.96
CA ALA E 78 9.77 8.47 -8.03
C ALA E 78 10.09 9.21 -6.74
N ILE E 79 9.94 10.53 -6.69
CA ILE E 79 10.23 11.28 -5.47
C ILE E 79 9.31 10.81 -4.36
N ASN E 80 9.89 10.53 -3.19
CA ASN E 80 9.15 10.03 -2.06
C ASN E 80 8.48 11.16 -1.30
N GLU E 81 7.47 10.79 -0.52
CA GLU E 81 6.76 11.79 0.31
C GLU E 81 7.73 12.32 1.38
N PRO E 82 7.90 13.64 1.51
CA PRO E 82 8.75 14.21 2.55
C PRO E 82 8.18 13.98 3.97
N GLU E 83 9.08 13.83 4.95
CA GLU E 83 8.64 13.66 6.36
C GLU E 83 9.45 14.64 7.24
N THR E 84 10.61 15.10 6.77
CA THR E 84 11.41 16.10 7.53
C THR E 84 11.12 17.50 6.98
N PRO E 85 11.21 18.57 7.80
CA PRO E 85 11.02 19.95 7.31
C PRO E 85 11.84 20.28 6.05
N PHE E 86 13.13 19.90 6.02
CA PHE E 86 14.01 20.27 4.89
C PHE E 86 13.74 19.41 3.64
N GLU E 87 12.96 18.33 3.78
CA GLU E 87 12.59 17.50 2.61
C GLU E 87 11.37 18.09 1.91
N ALA E 88 10.43 18.68 2.69
CA ALA E 88 9.22 19.31 2.11
C ALA E 88 9.64 20.52 1.28
N MET E 89 10.94 20.75 1.16
CA MET E 89 11.44 21.92 0.45
C MET E 89 11.87 21.56 -0.97
N VAL E 90 12.68 20.51 -1.11
CA VAL E 90 13.15 20.11 -2.43
C VAL E 90 12.00 19.67 -3.31
N GLU E 91 11.05 18.93 -2.74
CA GLU E 91 9.90 18.45 -3.50
C GLU E 91 9.08 19.60 -4.06
N ARG E 92 8.78 20.60 -3.22
CA ARG E 92 7.98 21.73 -3.70
C ARG E 92 8.76 22.52 -4.75
N SER E 93 10.07 22.70 -4.55
CA SER E 93 10.86 23.40 -5.55
C SER E 93 10.83 22.67 -6.90
N ILE E 94 10.97 21.34 -6.87
CA ILE E 94 10.95 20.55 -8.10
C ILE E 94 9.63 20.71 -8.81
N ALA E 95 8.53 20.60 -8.07
CA ALA E 95 7.21 20.73 -8.70
C ALA E 95 7.04 22.10 -9.33
N GLY E 96 7.42 23.16 -8.59
CA GLY E 96 7.29 24.51 -9.10
C GLY E 96 8.15 24.77 -10.33
N GLN E 97 9.31 24.12 -10.42
CA GLN E 97 10.19 24.35 -11.56
C GLN E 97 10.01 23.34 -12.68
N THR E 98 9.09 22.37 -12.55
CA THR E 98 8.81 21.45 -13.65
C THR E 98 7.39 21.50 -14.21
N GLU E 99 6.42 22.09 -13.48
CA GLU E 99 5.05 22.08 -13.98
C GLU E 99 4.91 22.82 -15.30
N HIS E 100 5.67 23.92 -15.48
CA HIS E 100 5.61 24.66 -16.73
C HIS E 100 5.98 23.78 -17.92
N LEU E 101 7.11 23.09 -17.82
CA LEU E 101 7.57 22.24 -18.91
C LEU E 101 6.58 21.11 -19.16
N LYS E 102 6.05 20.52 -18.09
CA LYS E 102 5.08 19.46 -18.25
C LYS E 102 3.86 19.92 -19.06
N GLN E 103 3.28 21.06 -18.67
CA GLN E 103 2.08 21.53 -19.36
C GLN E 103 2.38 21.91 -20.81
N THR E 104 3.54 22.55 -21.05
CA THR E 104 3.89 22.93 -22.42
C THR E 104 4.02 21.71 -23.32
N ALA E 105 4.75 20.68 -22.85
CA ALA E 105 4.92 19.47 -23.65
C ALA E 105 3.58 18.78 -23.90
N ALA E 106 2.74 18.70 -22.87
CA ALA E 106 1.44 18.05 -23.03
C ALA E 106 0.59 18.77 -24.08
N ARG E 107 0.53 20.11 -24.00
CA ARG E 107 -0.28 20.87 -24.95
C ARG E 107 0.23 20.67 -26.37
N HIS E 108 1.56 20.73 -26.57
CA HIS E 108 2.10 20.58 -27.91
C HIS E 108 1.81 19.20 -28.48
N ARG E 109 2.00 18.15 -27.68
CA ARG E 109 1.73 16.81 -28.18
C ARG E 109 0.25 16.66 -28.54
N LEU E 110 -0.64 17.15 -27.67
CA LEU E 110 -2.07 17.10 -27.93
C LEU E 110 -2.41 17.74 -29.27
N ALA E 111 -1.86 18.92 -29.53
CA ALA E 111 -2.06 19.56 -30.82
C ALA E 111 -1.58 18.67 -31.95
N LEU E 112 -0.48 17.95 -31.71
CA LEU E 112 0.06 17.06 -32.74
C LEU E 112 -0.96 15.99 -33.13
N GLU E 113 -1.50 15.24 -32.16
CA GLU E 113 -2.39 14.15 -32.58
C GLU E 113 -3.70 14.69 -33.12
N ASN E 114 -4.14 15.85 -32.62
CA ASN E 114 -5.33 16.46 -33.20
C ASN E 114 -5.10 16.77 -34.69
N GLU E 115 -3.93 17.31 -35.02
CA GLU E 115 -3.61 17.60 -36.41
C GLU E 115 -3.62 16.32 -37.25
N LYS E 116 -3.01 15.24 -36.74
CA LYS E 116 -2.96 14.00 -37.51
C LYS E 116 -4.35 13.44 -37.77
N ASP E 117 -5.21 13.47 -36.74
CA ASP E 117 -6.58 12.96 -36.91
C ASP E 117 -7.34 13.77 -37.95
N GLU E 118 -7.21 15.10 -37.89
CA GLU E 118 -7.87 15.94 -38.87
C GLU E 118 -7.40 15.61 -40.29
N LEU E 119 -6.09 15.41 -40.44
CA LEU E 119 -5.53 15.07 -41.74
C LEU E 119 -6.10 13.75 -42.27
N MET E 120 -6.17 12.74 -41.41
CA MET E 120 -6.61 11.43 -41.87
C MET E 120 -8.08 11.47 -42.29
N ALA E 121 -8.91 12.19 -41.52
CA ALA E 121 -10.31 12.37 -41.90
C ALA E 121 -10.41 13.11 -43.22
N TRP E 122 -9.54 14.12 -43.41
CA TRP E 122 -9.51 14.83 -44.66
C TRP E 122 -9.32 13.86 -45.81
N ILE E 123 -8.32 12.99 -45.67
CA ILE E 123 -7.90 12.16 -46.78
C ILE E 123 -9.01 11.19 -47.16
N HIS E 124 -9.69 10.61 -46.16
CA HIS E 124 -10.84 9.76 -46.52
C HIS E 124 -11.95 10.56 -47.20
N GLU E 125 -12.22 11.77 -46.71
CA GLU E 125 -13.23 12.61 -47.33
C GLU E 125 -12.84 12.99 -48.76
N VAL E 126 -11.54 12.97 -49.06
CA VAL E 126 -11.05 13.08 -50.44
C VAL E 126 -11.33 11.81 -51.21
N LYS E 127 -11.06 10.67 -50.57
CA LYS E 127 -11.09 9.38 -51.26
C LYS E 127 -12.48 9.10 -51.81
N THR E 128 -13.51 9.48 -51.06
CA THR E 128 -14.87 9.15 -51.51
C THR E 128 -15.26 9.77 -52.86
N PRO E 129 -15.15 11.11 -53.07
CA PRO E 129 -15.56 11.69 -54.35
C PRO E 129 -14.73 11.22 -55.53
N LEU E 130 -13.44 10.93 -55.31
CA LEU E 130 -12.63 10.37 -56.38
C LEU E 130 -13.15 8.98 -56.77
N THR E 131 -13.60 8.20 -55.79
CA THR E 131 -14.24 6.93 -56.10
C THR E 131 -15.51 7.12 -56.92
N ALA E 132 -16.32 8.13 -56.58
CA ALA E 132 -17.50 8.41 -57.39
C ALA E 132 -17.13 8.80 -58.82
N MET E 133 -16.09 9.63 -58.96
CA MET E 133 -15.62 10.03 -60.28
C MET E 133 -15.11 8.84 -61.08
N HIS E 134 -14.42 7.89 -60.46
CA HIS E 134 -14.05 6.67 -61.18
C HIS E 134 -15.27 5.86 -61.59
N LEU E 135 -16.25 5.74 -60.67
CA LEU E 135 -17.46 5.00 -60.99
C LEU E 135 -18.18 5.60 -62.18
N ILE E 136 -18.08 6.91 -62.37
CA ILE E 136 -18.76 7.51 -63.52
C ILE E 136 -17.88 7.47 -64.77
N ILE E 137 -16.56 7.65 -64.64
CA ILE E 137 -15.69 7.58 -65.81
C ILE E 137 -15.58 6.17 -66.37
N ASP E 138 -16.00 5.15 -65.62
CA ASP E 138 -15.99 3.82 -66.20
C ASP E 138 -17.21 3.61 -67.09
N ARG E 139 -17.48 4.57 -67.99
CA ARG E 139 -18.52 4.43 -69.00
C ARG E 139 -18.19 5.07 -70.33
N MET E 140 -17.00 5.66 -70.51
CA MET E 140 -16.77 6.52 -71.66
C MET E 140 -16.03 5.76 -72.77
N GLU E 141 -16.10 6.32 -73.98
CA GLU E 141 -15.83 5.55 -75.19
C GLU E 141 -14.66 6.05 -76.04
N GLU E 142 -14.11 7.24 -75.76
CA GLU E 142 -13.05 7.77 -76.60
C GLU E 142 -11.78 6.94 -76.47
N LYS E 143 -10.74 7.31 -77.22
CA LYS E 143 -9.47 6.60 -77.18
C LYS E 143 -8.31 7.45 -76.68
N ALA E 144 -8.01 8.58 -77.32
CA ALA E 144 -6.83 9.35 -76.96
C ALA E 144 -7.07 10.21 -75.72
N LEU E 145 -8.16 10.98 -75.74
CA LEU E 145 -8.56 11.69 -74.54
C LEU E 145 -8.89 10.71 -73.42
N LYS E 146 -9.38 9.51 -73.78
CA LYS E 146 -9.54 8.46 -72.78
C LYS E 146 -8.23 8.12 -72.12
N SER E 147 -7.18 7.90 -72.93
CA SER E 147 -5.87 7.58 -72.37
C SER E 147 -5.37 8.70 -71.47
N GLN E 148 -5.51 9.95 -71.93
CA GLN E 148 -5.03 11.08 -71.13
C GLN E 148 -5.76 11.16 -69.79
N LEU E 149 -7.10 11.17 -69.84
CA LEU E 149 -7.88 11.33 -68.61
C LEU E 149 -7.69 10.14 -67.67
N SER E 150 -7.66 8.92 -68.22
CA SER E 150 -7.47 7.74 -67.39
C SER E 150 -6.09 7.72 -66.75
N TYR E 151 -5.06 8.13 -67.48
CA TYR E 151 -3.72 8.19 -66.91
C TYR E 151 -3.63 9.24 -65.80
N GLU E 152 -4.27 10.40 -66.02
CA GLU E 152 -4.30 11.42 -64.97
C GLU E 152 -5.04 10.90 -63.74
N TRP E 153 -6.16 10.21 -63.94
CA TRP E 153 -6.85 9.60 -62.79
C TRP E 153 -6.00 8.58 -62.08
N LEU E 154 -5.30 7.73 -62.84
CA LEU E 154 -4.47 6.70 -62.21
C LEU E 154 -3.39 7.34 -61.36
N ARG E 155 -2.72 8.36 -61.89
CA ARG E 155 -1.71 9.07 -61.12
C ARG E 155 -2.32 9.70 -59.87
N ILE E 156 -3.49 10.31 -60.02
CA ILE E 156 -4.12 10.99 -58.88
C ILE E 156 -4.45 9.99 -57.78
N HIS E 157 -5.12 8.88 -58.12
CA HIS E 157 -5.54 8.01 -57.03
C HIS E 157 -4.37 7.20 -56.47
N LEU E 158 -3.33 6.94 -57.27
CA LEU E 158 -2.16 6.31 -56.66
C LEU E 158 -1.45 7.28 -55.72
N LEU E 159 -1.46 8.58 -56.04
CA LEU E 159 -0.92 9.56 -55.09
C LEU E 159 -1.74 9.59 -53.81
N LEU E 160 -3.07 9.55 -53.93
CA LEU E 160 -3.92 9.53 -52.73
C LEU E 160 -3.72 8.25 -51.93
N ASP E 161 -3.56 7.11 -52.61
CA ASP E 161 -3.29 5.86 -51.93
C ASP E 161 -1.94 5.90 -51.22
N GLN E 162 -0.94 6.51 -51.85
CA GLN E 162 0.36 6.69 -51.21
C GLN E 162 0.25 7.56 -49.96
N GLN E 163 -0.56 8.62 -50.03
CA GLN E 163 -0.75 9.47 -48.86
C GLN E 163 -1.49 8.73 -47.75
N LEU E 164 -2.49 7.91 -48.12
CA LEU E 164 -3.18 7.10 -47.12
C LEU E 164 -2.21 6.12 -46.47
N HIS E 165 -1.33 5.51 -47.27
CA HIS E 165 -0.36 4.57 -46.73
C HIS E 165 0.71 5.28 -45.90
N GLN E 166 1.00 6.55 -46.20
CA GLN E 166 1.95 7.30 -45.36
C GLN E 166 1.31 7.68 -44.02
N LYS E 167 0.05 8.10 -44.05
CA LYS E 167 -0.67 8.31 -42.79
C LYS E 167 -0.75 6.99 -42.01
N ARG E 168 -0.85 5.87 -42.72
CA ARG E 168 -0.77 4.56 -42.07
C ARG E 168 0.62 4.31 -41.49
N ILE E 169 1.67 4.71 -42.22
CA ILE E 169 3.04 4.60 -41.70
C ILE E 169 3.16 5.34 -40.38
N SER E 170 2.42 6.44 -40.25
CA SER E 170 2.47 7.23 -39.01
C SER E 170 2.14 6.39 -37.78
N PHE E 171 1.34 5.34 -37.92
CA PHE E 171 0.99 4.46 -36.81
C PHE E 171 1.10 2.98 -37.18
N ILE E 172 2.00 2.66 -38.10
CA ILE E 172 2.21 1.30 -38.60
C ILE E 172 2.62 0.34 -37.48
N GLU E 173 2.88 0.86 -36.28
CA GLU E 173 3.37 0.00 -35.21
C GLU E 173 2.35 -1.05 -34.76
N ASN E 174 1.10 -0.93 -35.18
CA ASN E 174 0.04 -1.83 -34.72
C ASN E 174 -0.73 -2.49 -35.86
N ASP E 175 -0.03 -2.95 -36.91
CA ASP E 175 -0.71 -3.68 -37.98
C ASP E 175 0.09 -4.87 -38.50
N LEU E 176 0.94 -5.47 -37.67
CA LEU E 176 1.78 -6.56 -38.14
C LEU E 176 0.96 -7.83 -38.33
N SER E 177 1.22 -8.54 -39.42
CA SER E 177 0.53 -9.79 -39.71
C SER E 177 1.44 -10.69 -40.53
N VAL E 178 1.46 -11.98 -40.19
CA VAL E 178 2.29 -12.97 -40.87
C VAL E 178 1.42 -14.17 -41.20
N GLU E 179 1.41 -14.57 -42.48
CA GLU E 179 0.66 -15.73 -42.93
C GLU E 179 1.16 -16.13 -44.31
N PHE E 180 0.72 -17.29 -44.77
CA PHE E 180 1.12 -17.81 -46.08
C PHE E 180 0.18 -17.25 -47.16
N ILE E 181 0.76 -16.60 -48.17
CA ILE E 181 0.00 -16.00 -49.25
C ILE E 181 0.63 -16.40 -50.57
N GLN E 182 -0.19 -16.41 -51.62
CA GLN E 182 0.26 -16.75 -52.97
C GLN E 182 0.29 -15.51 -53.84
N LEU E 183 1.18 -15.51 -54.84
CA LEU E 183 1.43 -14.33 -55.64
C LEU E 183 0.44 -14.16 -56.79
N GLN E 184 -0.18 -15.25 -57.25
CA GLN E 184 -0.95 -15.19 -58.49
C GLN E 184 -2.14 -14.24 -58.43
N PRO E 185 -3.07 -14.34 -57.48
CA PRO E 185 -4.20 -13.39 -57.48
C PRO E 185 -3.77 -11.95 -57.27
N LEU E 186 -2.75 -11.74 -56.44
CA LEU E 186 -2.22 -10.40 -56.23
C LEU E 186 -1.73 -9.81 -57.54
N ILE E 187 -0.88 -10.56 -58.26
CA ILE E 187 -0.34 -10.07 -59.52
C ILE E 187 -1.47 -9.84 -60.52
N PHE E 188 -2.47 -10.72 -60.56
CA PHE E 188 -3.57 -10.54 -61.49
C PHE E 188 -4.32 -9.24 -61.24
N LYS E 189 -4.74 -9.01 -59.98
CA LYS E 189 -5.51 -7.81 -59.70
C LYS E 189 -4.67 -6.55 -59.89
N GLU E 190 -3.38 -6.60 -59.53
CA GLU E 190 -2.56 -5.41 -59.65
C GLU E 190 -2.19 -5.13 -61.11
N ILE E 191 -2.14 -6.16 -61.95
CA ILE E 191 -2.04 -5.93 -63.39
C ILE E 191 -3.32 -5.30 -63.91
N LYS E 192 -4.48 -5.74 -63.40
CA LYS E 192 -5.73 -5.06 -63.71
C LYS E 192 -5.67 -3.59 -63.30
N ASP E 193 -4.89 -3.27 -62.27
CA ASP E 193 -4.73 -1.90 -61.82
C ASP E 193 -3.71 -1.10 -62.65
N LEU E 194 -3.00 -1.73 -63.58
CA LEU E 194 -1.89 -1.09 -64.29
C LEU E 194 -2.02 -1.31 -65.80
N GLN E 195 -3.19 -1.02 -66.36
CA GLN E 195 -3.44 -1.27 -67.77
C GLN E 195 -3.19 -0.06 -68.66
N SER E 196 -3.68 1.12 -68.24
CA SER E 196 -3.66 2.28 -69.13
C SER E 196 -2.23 2.76 -69.41
N TRP E 197 -1.35 2.68 -68.41
CA TRP E 197 0.04 3.06 -68.64
C TRP E 197 0.69 2.14 -69.68
N CYS E 198 0.44 0.83 -69.57
CA CYS E 198 0.97 -0.10 -70.56
C CYS E 198 0.40 0.18 -71.95
N ILE E 199 -0.89 0.51 -72.02
CA ILE E 199 -1.50 0.83 -73.32
C ILE E 199 -0.86 2.07 -73.92
N GLN E 200 -0.66 3.11 -73.10
CA GLN E 200 -0.13 4.37 -73.62
C GLN E 200 1.33 4.23 -74.05
N LYS E 201 2.17 3.63 -73.21
CA LYS E 201 3.59 3.55 -73.48
C LYS E 201 3.99 2.30 -74.25
N GLY E 202 3.03 1.45 -74.61
CA GLY E 202 3.36 0.25 -75.36
C GLY E 202 4.28 -0.70 -74.62
N ILE E 203 4.03 -0.91 -73.33
CA ILE E 203 4.89 -1.73 -72.48
C ILE E 203 4.15 -3.02 -72.17
N GLY E 204 4.77 -4.16 -72.51
CA GLY E 204 4.18 -5.45 -72.26
C GLY E 204 4.70 -6.07 -70.97
N PHE E 205 4.03 -7.14 -70.56
CA PHE E 205 4.37 -7.85 -69.34
C PHE E 205 4.36 -9.36 -69.60
N ASP E 206 5.34 -10.06 -69.02
CA ASP E 206 5.43 -11.51 -69.13
C ASP E 206 5.74 -12.07 -67.75
N ILE E 207 5.00 -13.10 -67.35
CA ILE E 207 5.13 -13.71 -66.03
C ILE E 207 5.54 -15.16 -66.19
N GLN E 208 6.62 -15.55 -65.51
CA GLN E 208 6.99 -16.96 -65.39
C GLN E 208 7.76 -17.09 -64.07
N LEU E 209 7.08 -17.64 -63.06
CA LEU E 209 7.57 -17.65 -61.69
C LEU E 209 7.87 -19.08 -61.25
N GLU E 210 8.77 -19.21 -60.29
CA GLU E 210 9.10 -20.50 -59.69
C GLU E 210 8.50 -20.67 -58.30
N ALA E 211 8.78 -19.75 -57.38
CA ALA E 211 8.27 -19.82 -56.02
C ALA E 211 7.23 -18.71 -55.83
N LYS E 212 6.06 -19.09 -55.33
CA LYS E 212 4.94 -18.16 -55.15
C LYS E 212 4.66 -17.85 -53.70
N GLU E 213 5.48 -18.35 -52.77
CA GLU E 213 5.22 -18.21 -51.34
C GLU E 213 5.78 -16.88 -50.85
N VAL E 214 4.92 -16.10 -50.19
CA VAL E 214 5.33 -14.86 -49.53
C VAL E 214 4.84 -14.92 -48.10
N LEU E 215 5.66 -14.43 -47.16
CA LEU E 215 5.37 -14.50 -45.73
C LEU E 215 5.58 -13.11 -45.13
N SER E 216 4.56 -12.27 -45.23
CA SER E 216 4.59 -10.90 -44.71
C SER E 216 3.18 -10.33 -44.81
N ASP E 217 3.06 -9.02 -44.58
CA ASP E 217 1.78 -8.32 -44.63
C ASP E 217 1.17 -8.41 -46.03
N ALA E 218 -0.07 -7.94 -46.16
CA ALA E 218 -0.74 -7.93 -47.45
C ALA E 218 -0.73 -6.55 -48.08
N LYS E 219 -1.26 -5.54 -47.38
CA LYS E 219 -1.39 -4.21 -47.96
C LYS E 219 -0.02 -3.57 -48.21
N TRP E 220 0.92 -3.77 -47.28
CA TRP E 220 2.24 -3.18 -47.50
C TRP E 220 2.95 -3.83 -48.68
N LEU E 221 2.78 -5.14 -48.84
CA LEU E 221 3.37 -5.81 -50.01
C LEU E 221 2.71 -5.34 -51.30
N ALA E 222 1.41 -5.11 -51.27
CA ALA E 222 0.75 -4.50 -52.43
C ALA E 222 1.39 -3.15 -52.77
N PHE E 223 1.56 -2.29 -51.75
CA PHE E 223 2.10 -0.96 -52.03
C PHE E 223 3.58 -1.02 -52.40
N ILE E 224 4.30 -2.04 -51.93
CA ILE E 224 5.73 -2.11 -52.23
C ILE E 224 5.94 -2.65 -53.63
N ILE E 225 5.11 -3.59 -54.08
CA ILE E 225 5.18 -3.98 -55.48
C ILE E 225 4.72 -2.83 -56.36
N ARG E 226 3.80 -1.99 -55.87
CA ARG E 226 3.52 -0.75 -56.59
C ARG E 226 4.75 0.13 -56.71
N GLN E 227 5.45 0.36 -55.59
CA GLN E 227 6.65 1.17 -55.64
C GLN E 227 7.63 0.62 -56.67
N LEU E 228 7.95 -0.66 -56.58
CA LEU E 228 8.96 -1.25 -57.46
C LEU E 228 8.50 -1.24 -58.91
N LEU E 229 7.28 -1.71 -59.20
CA LEU E 229 6.83 -1.83 -60.57
C LEU E 229 6.60 -0.47 -61.21
N THR E 230 6.02 0.49 -60.48
CA THR E 230 5.83 1.82 -61.00
C THR E 230 7.17 2.51 -61.25
N ASN E 231 8.14 2.32 -60.35
CA ASN E 231 9.47 2.88 -60.59
C ASN E 231 10.10 2.26 -61.84
N ALA E 232 9.95 0.95 -62.01
CA ALA E 232 10.52 0.29 -63.18
C ALA E 232 9.88 0.80 -64.46
N VAL E 233 8.55 0.87 -64.51
CA VAL E 233 7.88 1.33 -65.72
C VAL E 233 8.13 2.82 -65.94
N LYS E 234 8.46 3.55 -64.87
CA LYS E 234 8.91 4.93 -65.01
C LYS E 234 10.32 4.99 -65.58
N TYR E 235 11.11 3.96 -65.33
CA TYR E 235 12.46 3.84 -65.89
C TYR E 235 12.51 2.97 -67.15
N SER E 236 11.41 2.33 -67.52
CA SER E 236 11.37 1.48 -68.71
C SER E 236 10.40 2.06 -69.73
N GLU E 237 10.78 1.97 -70.99
CA GLU E 237 9.98 2.52 -72.08
C GLU E 237 9.88 1.49 -73.20
N ALA E 238 8.64 1.14 -73.58
CA ALA E 238 8.38 0.23 -74.69
C ALA E 238 9.13 -1.09 -74.54
N SER E 239 9.04 -1.69 -73.34
CA SER E 239 9.74 -2.91 -73.02
C SER E 239 8.76 -3.95 -72.49
N GLU E 240 8.92 -5.20 -72.92
CA GLU E 240 8.11 -6.29 -72.38
C GLU E 240 8.65 -6.67 -71.01
N ILE E 241 7.89 -6.34 -69.97
CA ILE E 241 8.34 -6.59 -68.60
C ILE E 241 8.36 -8.10 -68.36
N GLU E 242 9.56 -8.63 -68.09
CA GLU E 242 9.73 -10.05 -67.83
C GLU E 242 9.79 -10.26 -66.32
N ILE E 243 8.64 -10.07 -65.67
CA ILE E 243 8.54 -10.25 -64.22
C ILE E 243 8.62 -11.75 -63.93
N LYS E 244 9.74 -12.17 -63.34
CA LYS E 244 10.04 -13.56 -63.08
C LYS E 244 10.59 -13.72 -61.66
N SER E 245 10.34 -14.88 -61.07
CA SER E 245 10.88 -15.21 -59.76
C SER E 245 11.64 -16.53 -59.85
N PHE E 246 12.92 -16.50 -59.49
CA PHE E 246 13.76 -17.68 -59.38
C PHE E 246 14.17 -17.90 -57.94
N GLN E 247 13.99 -19.14 -57.46
CA GLN E 247 14.38 -19.51 -56.10
C GLN E 247 15.90 -19.73 -56.07
N LYS E 248 16.62 -18.62 -56.06
CA LYS E 248 18.09 -18.65 -55.99
C LYS E 248 18.50 -18.70 -54.53
N GLY E 249 18.84 -19.90 -54.06
CA GLY E 249 19.20 -20.04 -52.66
C GLY E 249 17.99 -19.85 -51.77
N GLU E 250 18.17 -19.11 -50.69
CA GLU E 250 17.09 -18.83 -49.74
C GLU E 250 16.17 -17.71 -50.21
N GLN E 251 16.56 -16.96 -51.23
CA GLN E 251 15.79 -15.81 -51.70
C GLN E 251 15.20 -16.10 -53.08
N THR E 252 13.98 -15.60 -53.28
CA THR E 252 13.28 -15.73 -54.56
C THR E 252 13.39 -14.39 -55.28
N GLN E 253 14.21 -14.35 -56.33
CA GLN E 253 14.50 -13.10 -57.04
C GLN E 253 13.34 -12.74 -57.95
N LEU E 254 12.50 -11.82 -57.50
CA LEU E 254 11.41 -11.33 -58.34
C LEU E 254 11.97 -10.39 -59.40
N GLN E 255 12.76 -10.95 -60.31
CA GLN E 255 13.54 -10.15 -61.27
C GLN E 255 12.60 -9.57 -62.33
N VAL E 256 12.41 -8.26 -62.30
CA VAL E 256 11.60 -7.57 -63.30
C VAL E 256 12.55 -7.16 -64.44
N LYS E 257 12.59 -7.99 -65.47
CA LYS E 257 13.45 -7.75 -66.61
C LYS E 257 12.75 -6.82 -67.60
N ASP E 258 13.39 -5.69 -67.89
CA ASP E 258 12.90 -4.73 -68.86
C ASP E 258 14.03 -4.30 -69.79
N CYS E 259 13.72 -4.25 -71.09
CA CYS E 259 14.69 -3.90 -72.12
C CYS E 259 14.64 -2.41 -72.47
N GLY E 260 14.28 -1.56 -71.51
CA GLY E 260 14.25 -0.13 -71.70
C GLY E 260 15.60 0.51 -71.45
N ARG E 261 15.56 1.82 -71.20
CA ARG E 261 16.80 2.56 -70.97
C ARG E 261 17.50 2.11 -69.70
N GLY E 262 16.76 1.84 -68.63
CA GLY E 262 17.37 1.48 -67.37
C GLY E 262 17.95 2.70 -66.66
N ILE E 263 18.80 2.41 -65.67
CA ILE E 263 19.46 3.43 -64.87
C ILE E 263 20.97 3.34 -65.12
N ASP E 264 21.60 4.49 -65.30
CA ASP E 264 23.02 4.52 -65.58
C ASP E 264 23.81 3.93 -64.41
N PRO E 265 24.88 3.18 -64.68
CA PRO E 265 25.67 2.60 -63.58
C PRO E 265 26.28 3.63 -62.66
N LYS E 266 26.53 4.85 -63.15
CA LYS E 266 27.15 5.88 -62.31
C LYS E 266 26.22 6.33 -61.19
N ASP E 267 24.91 6.20 -61.39
CA ASP E 267 23.93 6.62 -60.40
C ASP E 267 23.19 5.45 -59.76
N VAL E 268 23.76 4.25 -59.81
CA VAL E 268 23.13 3.10 -59.16
C VAL E 268 23.05 3.26 -57.64
N PRO E 269 24.12 3.63 -56.92
CA PRO E 269 24.03 3.65 -55.45
C PRO E 269 23.02 4.63 -54.88
N ARG E 270 22.60 5.63 -55.64
CA ARG E 270 21.72 6.67 -55.14
C ARG E 270 20.24 6.42 -55.44
N ILE E 271 19.89 5.24 -55.95
CA ILE E 271 18.52 4.99 -56.38
C ILE E 271 17.56 4.74 -55.22
N PHE E 272 18.05 4.70 -53.99
CA PHE E 272 17.19 4.43 -52.83
C PHE E 272 17.54 5.31 -51.64
N ASP E 273 18.16 6.47 -51.88
CA ASP E 273 18.54 7.37 -50.80
C ASP E 273 17.34 8.20 -50.35
N LYS E 274 17.60 9.26 -49.59
CA LYS E 274 16.55 10.13 -49.08
C LYS E 274 15.72 10.75 -50.21
N GLY E 275 14.46 10.33 -50.31
CA GLY E 275 13.54 10.92 -51.27
C GLY E 275 14.01 10.89 -52.70
N PHE E 276 14.55 9.76 -53.16
CA PHE E 276 15.10 9.70 -54.50
C PHE E 276 14.01 9.87 -55.55
N THR E 277 14.33 10.60 -56.61
CA THR E 277 13.44 10.80 -57.74
C THR E 277 14.28 10.85 -59.00
N SER E 278 13.78 10.27 -60.08
CA SER E 278 14.50 10.29 -61.34
C SER E 278 14.58 11.72 -61.88
N THR E 279 15.74 12.35 -61.74
CA THR E 279 15.90 13.73 -62.18
C THR E 279 15.95 13.87 -63.69
N THR E 280 16.08 12.77 -64.43
CA THR E 280 16.10 12.84 -65.88
C THR E 280 14.76 13.32 -66.44
N ASP E 281 13.66 12.86 -65.86
CA ASP E 281 12.32 13.21 -66.32
C ASP E 281 11.79 14.38 -65.50
N HIS E 282 11.32 15.42 -66.19
CA HIS E 282 10.83 16.61 -65.51
C HIS E 282 9.48 16.37 -64.84
N HIS E 283 8.63 15.56 -65.47
CA HIS E 283 7.29 15.30 -64.93
C HIS E 283 7.32 14.56 -63.60
N ASP E 284 8.46 13.98 -63.23
CA ASP E 284 8.58 13.25 -61.96
C ASP E 284 8.40 14.15 -60.74
N GLN E 285 8.30 15.46 -60.92
CA GLN E 285 7.92 16.33 -59.80
C GLN E 285 6.51 16.02 -59.33
N ALA E 286 5.64 15.61 -60.25
CA ALA E 286 4.30 15.16 -59.87
C ALA E 286 4.39 13.93 -58.98
N SER E 287 5.28 13.00 -59.30
CA SER E 287 5.57 11.89 -58.40
C SER E 287 6.24 12.44 -57.15
N THR E 288 5.83 11.91 -55.99
CA THR E 288 6.34 12.45 -54.74
C THR E 288 7.85 12.24 -54.60
N GLY E 289 8.33 11.05 -54.96
CA GLY E 289 9.67 10.66 -54.59
C GLY E 289 9.81 10.29 -53.14
N MET E 290 8.87 10.71 -52.29
CA MET E 290 8.82 10.26 -50.91
C MET E 290 8.55 8.75 -50.83
N GLY E 291 8.01 8.17 -51.91
CA GLY E 291 7.69 6.76 -51.90
C GLY E 291 8.89 5.87 -51.67
N LEU E 292 10.02 6.18 -52.32
CA LEU E 292 11.23 5.38 -52.12
C LEU E 292 11.74 5.48 -50.70
N TYR E 293 11.76 6.70 -50.14
CA TYR E 293 12.27 6.86 -48.78
C TYR E 293 11.35 6.20 -47.75
N LEU E 294 10.03 6.33 -47.94
CA LEU E 294 9.12 5.67 -47.02
C LEU E 294 9.18 4.16 -47.16
N ALA E 295 9.41 3.66 -48.38
CA ALA E 295 9.63 2.24 -48.58
C ALA E 295 10.88 1.78 -47.83
N LYS E 296 11.95 2.58 -47.91
CA LYS E 296 13.17 2.26 -47.19
C LYS E 296 12.93 2.22 -45.68
N LYS E 297 12.20 3.20 -45.16
CA LYS E 297 12.02 3.28 -43.71
C LYS E 297 11.04 2.25 -43.18
N ALA E 298 10.09 1.81 -44.00
CA ALA E 298 9.08 0.84 -43.56
C ALA E 298 9.37 -0.58 -44.03
N ALA E 299 10.46 -0.80 -44.77
CA ALA E 299 10.77 -2.15 -45.21
C ALA E 299 11.42 -2.98 -44.10
N ALA E 300 12.06 -2.31 -43.13
CA ALA E 300 12.74 -3.04 -42.07
C ALA E 300 11.82 -3.89 -41.21
N PRO E 301 10.70 -3.38 -40.66
CA PRO E 301 9.95 -4.18 -39.68
C PRO E 301 9.20 -5.37 -40.28
N LEU E 302 8.98 -5.39 -41.59
CA LEU E 302 8.14 -6.42 -42.19
C LEU E 302 8.93 -7.51 -42.91
N LEU E 303 10.26 -7.55 -42.73
CA LEU E 303 11.09 -8.68 -43.14
C LEU E 303 11.02 -8.94 -44.64
N ILE E 304 11.24 -7.89 -45.43
CA ILE E 304 11.37 -7.99 -46.88
C ILE E 304 12.72 -7.43 -47.28
N HIS E 305 13.58 -8.28 -47.83
CA HIS E 305 14.94 -7.92 -48.19
C HIS E 305 15.00 -7.62 -49.68
N ILE E 306 15.59 -6.47 -50.03
CA ILE E 306 15.61 -5.97 -51.40
C ILE E 306 16.97 -6.24 -52.02
N ASP E 307 16.98 -6.58 -53.30
CA ASP E 307 18.20 -6.75 -54.09
C ASP E 307 18.04 -6.07 -55.43
N VAL E 308 19.07 -5.37 -55.88
CA VAL E 308 19.00 -4.57 -57.10
C VAL E 308 20.25 -4.83 -57.94
N GLU E 309 20.07 -4.97 -59.25
CA GLU E 309 21.15 -5.03 -60.22
C GLU E 309 20.77 -4.13 -61.39
N SER E 310 21.32 -2.92 -61.43
CA SER E 310 20.89 -1.89 -62.36
C SER E 310 21.98 -1.62 -63.39
N GLU E 311 21.58 -1.60 -64.67
CA GLU E 311 22.48 -1.29 -65.77
C GLU E 311 21.77 -0.35 -66.73
N PHE E 312 22.56 0.39 -67.51
CA PHE E 312 22.00 1.30 -68.51
C PHE E 312 21.97 0.61 -69.87
N GLY E 313 20.82 0.68 -70.54
CA GLY E 313 20.62 -0.01 -71.79
C GLY E 313 20.18 -1.44 -71.66
N ALA E 314 20.15 -1.99 -70.45
CA ALA E 314 19.68 -3.34 -70.19
C ALA E 314 18.56 -3.41 -69.16
N GLY E 315 18.25 -2.32 -68.48
CA GLY E 315 17.19 -2.27 -67.51
C GLY E 315 17.70 -2.41 -66.09
N THR E 316 16.76 -2.60 -65.17
CA THR E 316 17.07 -2.72 -63.76
C THR E 316 16.49 -4.02 -63.21
N VAL E 317 17.26 -4.69 -62.36
CA VAL E 317 16.85 -5.94 -61.73
C VAL E 317 16.37 -5.62 -60.32
N PHE E 318 15.18 -6.11 -59.97
CA PHE E 318 14.61 -5.93 -58.65
C PHE E 318 14.35 -7.28 -58.01
N THR E 319 14.29 -7.31 -56.68
CA THR E 319 14.20 -8.56 -55.94
C THR E 319 13.75 -8.30 -54.52
N LEU E 320 12.70 -9.00 -54.07
CA LEU E 320 12.31 -9.03 -52.68
C LEU E 320 12.35 -10.46 -52.17
N THR E 321 12.72 -10.61 -50.89
CA THR E 321 13.03 -11.90 -50.30
C THR E 321 11.98 -12.25 -49.25
N PHE E 322 11.65 -13.54 -49.17
CA PHE E 322 10.67 -14.06 -48.24
C PHE E 322 11.32 -15.10 -47.31
N PRO E 323 10.89 -15.17 -46.06
CA PRO E 323 11.57 -16.04 -45.09
C PRO E 323 11.11 -17.48 -45.19
N ILE E 324 11.76 -18.33 -44.39
CA ILE E 324 11.53 -19.77 -44.39
C ILE E 324 10.47 -20.11 -43.35
N ARG E 325 9.92 -21.33 -43.45
CA ARG E 325 8.89 -21.79 -42.52
C ARG E 325 9.39 -21.92 -41.08
N ASN E 326 10.70 -21.92 -40.86
CA ASN E 326 11.26 -21.96 -39.52
C ASN E 326 11.80 -20.60 -39.10
N GLN E 327 11.27 -19.53 -39.67
CA GLN E 327 11.73 -18.17 -39.37
C GLN E 327 10.74 -17.36 -38.58
N PHE E 328 9.43 -17.58 -38.76
CA PHE E 328 8.45 -16.74 -38.06
C PHE E 328 8.27 -17.21 -36.62
N GLU E 329 9.38 -17.41 -35.94
CA GLU E 329 9.41 -17.55 -34.49
C GLU E 329 10.43 -16.63 -33.84
N HIS E 330 11.44 -16.18 -34.60
CA HIS E 330 12.33 -15.14 -34.12
C HIS E 330 11.60 -13.81 -33.96
N VAL E 331 10.58 -13.57 -34.78
CA VAL E 331 9.78 -12.35 -34.68
C VAL E 331 9.19 -12.20 -33.28
N ILE E 332 9.01 -13.31 -32.56
CA ILE E 332 8.65 -13.27 -31.15
C ILE E 332 9.87 -13.40 -30.26
N SER E 333 10.99 -13.91 -30.78
CA SER E 333 12.19 -14.15 -29.98
C SER E 333 13.31 -13.17 -30.32
N VAL E 334 13.75 -13.11 -31.57
CA VAL E 334 14.86 -12.25 -31.95
C VAL E 334 14.49 -11.38 -33.16
#